data_1YX4
#
_entry.id   1YX4
#
_cell.length_a   1.000
_cell.length_b   1.000
_cell.length_c   1.000
_cell.angle_alpha   90.00
_cell.angle_beta   90.00
_cell.angle_gamma   90.00
#
_symmetry.space_group_name_H-M   'P 1'
#
_entity_poly.entity_id   1
_entity_poly.type   'polypeptide(L)'
_entity_poly.pdbx_seq_one_letter_code
;MGHHHHHHHHHHSSGHIEGRHMLGLGASDFEFGVDPSADPELALALRVSMEEQRQRQEEEARRAAAASAAEAGIATTGTE
DSDDALLKMTISQQEFGRTGLPDLSSMTEEEQIAYAMQMSLQGAEFGQAESA
;
_entity_poly.pdbx_strand_id   A
#
# COMPACT_ATOMS: atom_id res chain seq x y z
N HIS A 21 42.80 -11.63 -24.26
CA HIS A 21 41.84 -12.73 -24.56
C HIS A 21 40.41 -12.18 -24.64
N MET A 22 39.46 -13.01 -24.97
CA MET A 22 38.05 -12.54 -25.06
C MET A 22 37.31 -12.83 -23.76
N LEU A 23 36.06 -12.45 -23.67
CA LEU A 23 35.28 -12.71 -22.44
C LEU A 23 34.18 -13.74 -22.73
N GLY A 24 34.40 -14.57 -23.73
CA GLY A 24 33.38 -15.59 -24.08
C GLY A 24 33.68 -16.89 -23.32
N LEU A 25 33.63 -16.85 -22.01
CA LEU A 25 33.91 -18.08 -21.21
C LEU A 25 33.14 -18.04 -19.89
N GLY A 26 31.97 -17.45 -19.89
CA GLY A 26 31.18 -17.37 -18.63
C GLY A 26 29.98 -18.32 -18.72
N ALA A 27 30.15 -19.54 -18.30
CA ALA A 27 29.03 -20.52 -18.36
C ALA A 27 28.19 -20.46 -17.07
N SER A 28 28.84 -20.47 -15.94
CA SER A 28 28.09 -20.41 -14.65
C SER A 28 28.33 -19.07 -13.96
N ASP A 29 29.43 -18.42 -14.26
CA ASP A 29 29.72 -17.10 -13.62
C ASP A 29 28.57 -16.12 -13.87
N PHE A 30 27.86 -16.28 -14.96
CA PHE A 30 26.73 -15.36 -15.25
C PHE A 30 25.57 -16.13 -15.89
N GLU A 31 24.50 -16.31 -15.18
CA GLU A 31 23.33 -17.06 -15.74
C GLU A 31 22.35 -16.08 -16.37
N PHE A 32 22.79 -15.32 -17.35
CA PHE A 32 21.88 -14.34 -18.02
C PHE A 32 21.18 -13.46 -16.98
N GLY A 33 21.80 -13.24 -15.86
CA GLY A 33 21.17 -12.39 -14.80
C GLY A 33 22.08 -11.19 -14.51
N VAL A 34 22.57 -10.54 -15.54
CA VAL A 34 23.46 -9.35 -15.31
C VAL A 34 23.12 -8.24 -16.31
N ASP A 35 22.86 -8.59 -17.54
CA ASP A 35 22.52 -7.55 -18.56
C ASP A 35 21.20 -7.88 -19.27
N PRO A 36 20.35 -6.90 -19.39
CA PRO A 36 19.05 -7.11 -20.06
C PRO A 36 19.23 -7.28 -21.57
N SER A 37 20.30 -6.75 -22.10
CA SER A 37 20.56 -6.90 -23.57
C SER A 37 20.69 -8.37 -23.94
N ALA A 38 21.03 -9.20 -22.99
CA ALA A 38 21.18 -10.65 -23.29
C ALA A 38 19.84 -11.26 -23.74
N ASP A 39 18.76 -10.57 -23.49
CA ASP A 39 17.42 -11.09 -23.89
C ASP A 39 16.42 -9.94 -24.01
N PRO A 40 15.95 -9.74 -25.21
CA PRO A 40 14.98 -8.65 -25.47
C PRO A 40 13.59 -9.03 -24.95
N GLU A 41 13.16 -10.23 -25.21
CA GLU A 41 11.81 -10.67 -24.74
C GLU A 41 11.76 -10.63 -23.20
N LEU A 42 12.71 -11.24 -22.55
CA LEU A 42 12.72 -11.24 -21.06
C LEU A 42 12.87 -9.81 -20.54
N ALA A 43 13.54 -8.96 -21.27
CA ALA A 43 13.73 -7.55 -20.82
C ALA A 43 12.36 -6.86 -20.68
N LEU A 44 11.58 -6.88 -21.74
CA LEU A 44 10.24 -6.22 -21.68
C LEU A 44 9.36 -6.91 -20.63
N ALA A 45 9.46 -8.21 -20.54
CA ALA A 45 8.63 -8.95 -19.54
C ALA A 45 9.01 -8.54 -18.12
N LEU A 46 10.26 -8.22 -17.90
CA LEU A 46 10.71 -7.80 -16.54
C LEU A 46 10.25 -6.37 -16.26
N ARG A 47 10.04 -5.59 -17.28
CA ARG A 47 9.58 -4.19 -17.07
C ARG A 47 8.06 -4.17 -16.93
N VAL A 48 7.38 -5.07 -17.59
CA VAL A 48 5.90 -5.11 -17.50
C VAL A 48 5.48 -5.83 -16.21
N SER A 49 6.30 -6.73 -15.73
CA SER A 49 5.95 -7.46 -14.49
C SER A 49 6.22 -6.57 -13.27
N MET A 50 7.35 -5.93 -13.23
CA MET A 50 7.67 -5.04 -12.07
C MET A 50 6.67 -3.88 -12.01
N GLU A 51 6.33 -3.33 -13.14
CA GLU A 51 5.36 -2.19 -13.15
C GLU A 51 3.96 -2.69 -12.77
N GLU A 52 3.65 -3.91 -13.12
CA GLU A 52 2.30 -4.45 -12.78
C GLU A 52 2.16 -4.62 -11.27
N GLN A 53 3.12 -5.26 -10.64
CA GLN A 53 3.05 -5.46 -9.16
C GLN A 53 3.03 -4.09 -8.45
N ARG A 54 3.72 -3.13 -8.98
CA ARG A 54 3.74 -1.78 -8.35
C ARG A 54 2.32 -1.20 -8.32
N GLN A 55 1.62 -1.28 -9.40
CA GLN A 55 0.22 -0.73 -9.45
C GLN A 55 -0.64 -1.44 -8.39
N ARG A 56 -0.40 -2.70 -8.17
CA ARG A 56 -1.20 -3.45 -7.15
C ARG A 56 -0.83 -2.97 -5.74
N GLN A 57 0.43 -2.83 -5.47
CA GLN A 57 0.87 -2.37 -4.12
C GLN A 57 0.54 -0.87 -3.95
N GLU A 58 0.42 -0.17 -5.04
CA GLU A 58 0.09 1.30 -4.96
C GLU A 58 -1.41 1.47 -4.81
N GLU A 59 -2.18 0.97 -5.75
CA GLU A 59 -3.67 1.10 -5.65
C GLU A 59 -4.13 0.60 -4.29
N GLU A 60 -3.45 -0.38 -3.75
CA GLU A 60 -3.83 -0.90 -2.40
C GLU A 60 -3.18 -0.03 -1.33
N ALA A 61 -2.01 0.50 -1.61
CA ALA A 61 -1.32 1.36 -0.60
C ALA A 61 -2.13 2.64 -0.39
N ARG A 62 -2.46 3.33 -1.46
CA ARG A 62 -3.24 4.59 -1.32
C ARG A 62 -4.65 4.26 -0.80
N ARG A 63 -5.18 3.12 -1.15
CA ARG A 63 -6.53 2.74 -0.67
C ARG A 63 -6.57 2.83 0.86
N ALA A 64 -5.59 2.25 1.51
CA ALA A 64 -5.55 2.34 3.00
C ALA A 64 -5.23 3.77 3.42
N ALA A 65 -4.60 4.51 2.55
CA ALA A 65 -4.27 5.93 2.88
C ALA A 65 -5.55 6.78 2.94
N ALA A 66 -6.51 6.46 2.11
CA ALA A 66 -7.78 7.24 2.11
C ALA A 66 -8.78 6.61 3.08
N ALA A 67 -8.84 5.30 3.11
CA ALA A 67 -9.80 4.62 4.02
C ALA A 67 -9.46 4.94 5.48
N SER A 68 -8.20 5.12 5.78
CA SER A 68 -7.80 5.44 7.18
C SER A 68 -7.81 6.95 7.40
N ALA A 69 -7.51 7.71 6.37
CA ALA A 69 -7.49 9.19 6.51
C ALA A 69 -8.90 9.70 6.82
N ALA A 70 -9.89 9.13 6.19
CA ALA A 70 -11.30 9.59 6.44
C ALA A 70 -12.03 8.57 7.32
N GLU A 71 -11.61 7.33 7.29
CA GLU A 71 -12.29 6.28 8.12
C GLU A 71 -13.80 6.29 7.87
N ALA A 72 -14.23 5.71 6.78
CA ALA A 72 -15.70 5.68 6.47
C ALA A 72 -16.29 7.09 6.53
N GLY A 73 -15.48 8.09 6.28
CA GLY A 73 -16.00 9.49 6.31
C GLY A 73 -16.32 9.96 4.90
N ILE A 74 -15.39 9.81 3.99
CA ILE A 74 -15.64 10.24 2.58
C ILE A 74 -16.20 9.07 1.76
N ALA A 75 -15.97 7.86 2.18
CA ALA A 75 -16.48 6.69 1.41
C ALA A 75 -17.76 6.15 2.07
N THR A 76 -18.90 6.44 1.50
CA THR A 76 -20.17 5.95 2.09
C THR A 76 -20.19 4.42 2.11
N THR A 77 -20.83 3.84 3.08
CA THR A 77 -20.88 2.34 3.15
C THR A 77 -22.31 1.87 3.47
N GLY A 78 -23.30 2.54 2.93
CA GLY A 78 -24.71 2.15 3.20
C GLY A 78 -25.60 2.66 2.07
N THR A 79 -25.38 2.22 0.86
CA THR A 79 -26.22 2.69 -0.28
C THR A 79 -27.42 1.75 -0.46
N GLU A 80 -28.20 1.56 0.56
CA GLU A 80 -29.38 0.67 0.45
C GLU A 80 -30.61 1.47 0.04
N ASP A 81 -30.55 2.15 -1.07
CA ASP A 81 -31.72 2.95 -1.53
C ASP A 81 -32.82 2.02 -2.06
N SER A 82 -32.45 0.88 -2.58
CA SER A 82 -33.47 -0.07 -3.12
C SER A 82 -33.44 -1.37 -2.32
N ASP A 83 -33.92 -1.36 -1.11
CA ASP A 83 -33.92 -2.60 -0.29
C ASP A 83 -34.74 -3.69 -0.97
N ASP A 84 -35.73 -3.31 -1.74
CA ASP A 84 -36.54 -4.33 -2.44
C ASP A 84 -35.76 -4.88 -3.64
N ALA A 85 -34.93 -4.06 -4.22
CA ALA A 85 -34.12 -4.54 -5.38
C ALA A 85 -33.23 -5.70 -4.91
N LEU A 86 -32.62 -5.55 -3.76
CA LEU A 86 -31.78 -6.65 -3.23
C LEU A 86 -32.67 -7.86 -2.96
N LEU A 87 -33.91 -7.62 -2.62
CA LEU A 87 -34.85 -8.75 -2.36
C LEU A 87 -35.27 -9.38 -3.69
N LYS A 88 -35.46 -8.58 -4.70
CA LYS A 88 -35.88 -9.12 -6.03
C LYS A 88 -34.66 -9.69 -6.77
N MET A 89 -33.65 -8.89 -6.98
CA MET A 89 -32.44 -9.40 -7.71
C MET A 89 -31.92 -10.69 -7.06
N THR A 90 -31.99 -10.78 -5.75
CA THR A 90 -31.51 -12.02 -5.06
C THR A 90 -32.43 -13.20 -5.38
N ILE A 91 -33.72 -13.00 -5.35
CA ILE A 91 -34.65 -14.12 -5.65
C ILE A 91 -34.81 -14.27 -7.18
N SER A 92 -34.40 -13.28 -7.93
CA SER A 92 -34.52 -13.37 -9.41
C SER A 92 -33.49 -14.37 -9.95
N GLN A 93 -32.28 -14.33 -9.43
CA GLN A 93 -31.24 -15.27 -9.91
C GLN A 93 -31.41 -16.63 -9.20
N GLN A 94 -31.93 -16.63 -8.01
CA GLN A 94 -32.12 -17.92 -7.28
C GLN A 94 -33.37 -18.63 -7.78
N GLU A 95 -34.37 -17.89 -8.17
CA GLU A 95 -35.63 -18.52 -8.67
C GLU A 95 -35.40 -19.08 -10.09
N PHE A 96 -34.84 -18.28 -10.96
CA PHE A 96 -34.60 -18.76 -12.36
C PHE A 96 -33.51 -19.84 -12.36
N GLY A 97 -32.56 -19.75 -11.47
CA GLY A 97 -31.47 -20.77 -11.43
C GLY A 97 -32.04 -22.09 -10.92
N ARG A 98 -33.02 -22.04 -10.06
CA ARG A 98 -33.62 -23.30 -9.51
C ARG A 98 -34.80 -23.74 -10.38
N THR A 99 -35.65 -22.83 -10.75
CA THR A 99 -36.82 -23.20 -11.58
C THR A 99 -37.59 -24.36 -10.94
N GLY A 100 -37.49 -24.48 -9.64
CA GLY A 100 -38.20 -25.59 -8.93
C GLY A 100 -37.17 -26.65 -8.53
N LEU A 101 -36.99 -27.65 -9.35
CA LEU A 101 -36.00 -28.73 -9.05
C LEU A 101 -35.90 -29.71 -10.21
N PRO A 102 -34.78 -29.70 -10.89
CA PRO A 102 -34.57 -30.61 -12.04
C PRO A 102 -34.37 -32.05 -11.56
N ASP A 103 -33.86 -32.22 -10.37
CA ASP A 103 -33.63 -33.59 -9.83
C ASP A 103 -34.96 -34.35 -9.74
N LEU A 104 -35.07 -35.45 -10.45
CA LEU A 104 -36.35 -36.24 -10.39
C LEU A 104 -36.30 -37.24 -9.23
N SER A 105 -35.20 -37.91 -9.06
CA SER A 105 -35.10 -38.90 -7.95
C SER A 105 -35.32 -38.21 -6.59
N SER A 106 -35.04 -36.93 -6.52
CA SER A 106 -35.23 -36.20 -5.22
C SER A 106 -36.59 -35.50 -5.21
N MET A 107 -37.61 -36.15 -5.69
CA MET A 107 -38.96 -35.54 -5.70
C MET A 107 -40.06 -36.61 -5.60
N THR A 108 -41.07 -36.36 -4.81
CA THR A 108 -42.16 -37.37 -4.67
C THR A 108 -42.86 -37.60 -6.02
N GLU A 109 -43.78 -38.52 -6.07
CA GLU A 109 -44.49 -38.80 -7.35
C GLU A 109 -45.22 -37.55 -7.83
N GLU A 110 -45.71 -36.74 -6.91
CA GLU A 110 -46.43 -35.49 -7.31
C GLU A 110 -45.42 -34.39 -7.63
N GLU A 111 -44.32 -34.35 -6.93
CA GLU A 111 -43.29 -33.30 -7.20
C GLU A 111 -42.87 -33.35 -8.69
N GLN A 112 -42.37 -34.48 -9.12
CA GLN A 112 -41.95 -34.60 -10.55
C GLN A 112 -43.18 -34.41 -11.45
N ILE A 113 -44.32 -34.80 -10.96
CA ILE A 113 -45.57 -34.65 -11.78
C ILE A 113 -45.88 -33.16 -11.96
N ALA A 114 -45.69 -32.37 -10.93
CA ALA A 114 -45.98 -30.92 -11.06
C ALA A 114 -45.08 -30.31 -12.13
N TYR A 115 -43.81 -30.63 -12.11
CA TYR A 115 -42.88 -30.09 -13.14
C TYR A 115 -43.25 -30.63 -14.52
N ALA A 116 -43.61 -31.88 -14.60
CA ALA A 116 -43.98 -32.48 -15.91
C ALA A 116 -45.30 -31.88 -16.41
N MET A 117 -46.25 -31.69 -15.53
CA MET A 117 -47.55 -31.10 -15.95
C MET A 117 -47.41 -29.59 -16.10
N GLN A 118 -46.51 -29.00 -15.36
CA GLN A 118 -46.31 -27.53 -15.47
C GLN A 118 -45.84 -27.17 -16.88
N MET A 119 -45.05 -28.01 -17.48
CA MET A 119 -44.55 -27.72 -18.85
C MET A 119 -45.60 -28.14 -19.89
N SER A 120 -46.42 -29.12 -19.57
CA SER A 120 -47.46 -29.58 -20.52
C SER A 120 -48.80 -28.87 -20.22
N LEU A 121 -48.79 -27.87 -19.39
CA LEU A 121 -50.05 -27.15 -19.06
C LEU A 121 -50.38 -26.14 -20.16
N GLN A 122 -49.38 -25.61 -20.80
CA GLN A 122 -49.63 -24.61 -21.88
C GLN A 122 -49.23 -25.20 -23.25
N GLY A 123 -49.99 -26.13 -23.74
CA GLY A 123 -49.66 -26.74 -25.06
C GLY A 123 -48.93 -28.07 -24.84
N ALA A 124 -49.61 -29.17 -25.05
CA ALA A 124 -48.97 -30.50 -24.86
C ALA A 124 -49.84 -31.61 -25.48
N GLU A 125 -49.45 -32.11 -26.62
CA GLU A 125 -50.24 -33.18 -27.28
C GLU A 125 -49.92 -34.55 -26.66
N PHE A 126 -48.78 -34.67 -26.02
CA PHE A 126 -48.41 -35.98 -25.39
C PHE A 126 -47.64 -35.73 -24.10
N GLY A 127 -46.52 -35.07 -24.17
CA GLY A 127 -45.71 -34.80 -22.95
C GLY A 127 -44.39 -35.56 -23.04
N GLN A 128 -43.45 -35.23 -22.19
CA GLN A 128 -42.13 -35.92 -22.22
C GLN A 128 -42.04 -36.94 -21.09
N ALA A 129 -42.95 -37.88 -21.05
CA ALA A 129 -42.93 -38.91 -19.97
C ALA A 129 -43.09 -40.31 -20.57
N GLU A 130 -42.01 -41.01 -20.77
CA GLU A 130 -42.10 -42.38 -21.36
C GLU A 130 -41.84 -43.44 -20.27
N SER A 131 -42.06 -43.09 -19.03
CA SER A 131 -41.83 -44.08 -17.93
C SER A 131 -42.39 -43.53 -16.61
N ALA A 132 -42.58 -44.37 -15.64
CA ALA A 132 -43.12 -43.90 -14.33
C ALA A 132 -42.71 -44.87 -13.21
N HIS A 21 35.07 -8.87 -36.08
CA HIS A 21 34.70 -10.25 -35.65
C HIS A 21 33.28 -10.25 -35.06
N MET A 22 32.60 -11.36 -35.13
CA MET A 22 31.21 -11.43 -34.57
C MET A 22 31.25 -11.92 -33.13
N LEU A 23 30.11 -12.12 -32.54
CA LEU A 23 30.07 -12.61 -31.12
C LEU A 23 29.47 -14.02 -31.09
N GLY A 24 29.63 -14.75 -32.17
CA GLY A 24 29.07 -16.13 -32.22
C GLY A 24 30.10 -17.13 -31.69
N LEU A 25 31.36 -16.91 -31.96
CA LEU A 25 32.41 -17.84 -31.48
C LEU A 25 32.69 -17.60 -29.99
N GLY A 26 32.60 -16.37 -29.55
CA GLY A 26 32.86 -16.06 -28.12
C GLY A 26 31.55 -16.06 -27.34
N ALA A 27 31.34 -17.04 -26.49
CA ALA A 27 30.08 -17.08 -25.71
C ALA A 27 30.31 -16.54 -24.30
N SER A 28 31.36 -16.99 -23.64
CA SER A 28 31.65 -16.50 -22.26
C SER A 28 32.32 -15.12 -22.32
N ASP A 29 32.94 -14.80 -23.42
CA ASP A 29 33.62 -13.48 -23.54
C ASP A 29 32.61 -12.34 -23.32
N PHE A 30 31.38 -12.54 -23.70
CA PHE A 30 30.35 -11.48 -23.51
C PHE A 30 29.01 -12.11 -23.14
N GLU A 31 28.60 -11.98 -21.91
CA GLU A 31 27.29 -12.57 -21.50
C GLU A 31 26.79 -11.88 -20.22
N PHE A 32 27.05 -10.61 -20.07
CA PHE A 32 26.60 -9.88 -18.85
C PHE A 32 26.61 -8.37 -19.10
N GLY A 33 27.65 -7.87 -19.72
CA GLY A 33 27.72 -6.41 -20.00
C GLY A 33 27.55 -6.16 -21.50
N VAL A 34 26.51 -6.71 -22.08
CA VAL A 34 26.28 -6.50 -23.54
C VAL A 34 24.88 -5.93 -23.77
N ASP A 35 23.88 -6.53 -23.19
CA ASP A 35 22.48 -6.02 -23.38
C ASP A 35 21.66 -6.29 -22.12
N PRO A 36 20.41 -5.89 -22.16
CA PRO A 36 19.53 -6.08 -20.98
C PRO A 36 19.39 -7.56 -20.64
N SER A 37 20.38 -8.10 -20.01
CA SER A 37 20.38 -9.55 -19.63
C SER A 37 20.52 -10.38 -20.91
N ALA A 38 21.46 -10.01 -21.72
CA ALA A 38 21.69 -10.74 -23.01
C ALA A 38 20.36 -11.02 -23.72
N ASP A 39 19.36 -10.21 -23.48
CA ASP A 39 18.04 -10.43 -24.15
C ASP A 39 17.12 -9.23 -23.94
N PRO A 40 16.75 -8.62 -25.04
CA PRO A 40 15.86 -7.44 -24.98
C PRO A 40 14.44 -7.85 -24.62
N GLU A 41 14.00 -8.98 -25.10
CA GLU A 41 12.62 -9.46 -24.80
C GLU A 41 12.48 -9.70 -23.29
N LEU A 42 13.39 -10.43 -22.71
CA LEU A 42 13.30 -10.71 -21.24
C LEU A 42 13.31 -9.40 -20.46
N ALA A 43 13.93 -8.38 -20.99
CA ALA A 43 13.97 -7.07 -20.28
C ALA A 43 12.56 -6.48 -20.21
N LEU A 44 11.83 -6.52 -21.29
CA LEU A 44 10.44 -5.96 -21.30
C LEU A 44 9.50 -6.87 -20.52
N ALA A 45 9.67 -8.17 -20.65
CA ALA A 45 8.78 -9.13 -19.92
C ALA A 45 8.90 -8.90 -18.41
N LEU A 46 10.10 -8.77 -17.91
CA LEU A 46 10.29 -8.54 -16.45
C LEU A 46 9.83 -7.14 -16.07
N ARG A 47 9.77 -6.24 -17.02
CA ARG A 47 9.32 -4.85 -16.70
C ARG A 47 7.80 -4.83 -16.62
N VAL A 48 7.16 -5.72 -17.32
CA VAL A 48 5.66 -5.77 -17.29
C VAL A 48 5.20 -6.48 -16.01
N SER A 49 6.01 -7.37 -15.50
CA SER A 49 5.63 -8.09 -14.25
C SER A 49 5.80 -7.18 -13.03
N MET A 50 6.92 -6.52 -12.93
CA MET A 50 7.15 -5.61 -11.77
C MET A 50 6.12 -4.48 -11.78
N GLU A 51 5.81 -3.95 -12.93
CA GLU A 51 4.81 -2.85 -13.01
C GLU A 51 3.45 -3.35 -12.54
N GLU A 52 3.10 -4.57 -12.87
CA GLU A 52 1.78 -5.12 -12.44
C GLU A 52 1.71 -5.18 -10.92
N GLN A 53 2.80 -5.51 -10.27
CA GLN A 53 2.79 -5.59 -8.79
C GLN A 53 2.67 -4.19 -8.18
N ARG A 54 3.36 -3.22 -8.74
CA ARG A 54 3.26 -1.84 -8.19
C ARG A 54 1.83 -1.33 -8.28
N GLN A 55 1.19 -1.51 -9.42
CA GLN A 55 -0.21 -1.04 -9.57
C GLN A 55 -1.11 -1.73 -8.55
N ARG A 56 -0.91 -2.99 -8.33
CA ARG A 56 -1.76 -3.74 -7.34
C ARG A 56 -1.42 -3.27 -5.92
N GLN A 57 -0.15 -3.14 -5.61
CA GLN A 57 0.24 -2.69 -4.24
C GLN A 57 -0.04 -1.19 -4.08
N GLU A 58 -0.20 -0.49 -5.17
CA GLU A 58 -0.49 0.98 -5.09
C GLU A 58 -1.98 1.20 -4.88
N GLU A 59 -2.79 0.73 -5.80
CA GLU A 59 -4.27 0.91 -5.65
C GLU A 59 -4.70 0.38 -4.29
N GLU A 60 -4.02 -0.61 -3.79
CA GLU A 60 -4.37 -1.17 -2.45
C GLU A 60 -3.69 -0.35 -1.35
N ALA A 61 -2.51 0.14 -1.60
CA ALA A 61 -1.82 0.97 -0.56
C ALA A 61 -2.48 2.35 -0.46
N ARG A 62 -2.57 3.05 -1.55
CA ARG A 62 -3.20 4.39 -1.53
C ARG A 62 -4.64 4.31 -1.01
N ARG A 63 -5.41 3.38 -1.51
CA ARG A 63 -6.83 3.24 -1.05
C ARG A 63 -6.86 3.12 0.48
N ALA A 64 -6.02 2.28 1.03
CA ALA A 64 -6.00 2.12 2.52
C ALA A 64 -5.45 3.39 3.17
N ALA A 65 -4.67 4.15 2.45
CA ALA A 65 -4.09 5.41 3.02
C ALA A 65 -5.15 6.51 3.00
N ALA A 66 -6.00 6.52 2.02
CA ALA A 66 -7.06 7.57 1.95
C ALA A 66 -8.15 7.31 2.99
N ALA A 67 -8.51 6.06 3.18
CA ALA A 67 -9.56 5.72 4.18
C ALA A 67 -9.04 5.97 5.60
N SER A 68 -7.81 5.60 5.87
CA SER A 68 -7.25 5.81 7.23
C SER A 68 -6.98 7.30 7.48
N ALA A 69 -6.92 8.09 6.44
CA ALA A 69 -6.66 9.54 6.60
C ALA A 69 -7.96 10.28 6.95
N ALA A 70 -9.07 9.80 6.47
CA ALA A 70 -10.37 10.47 6.77
C ALA A 70 -11.16 9.68 7.81
N GLU A 71 -10.83 8.42 7.99
CA GLU A 71 -11.56 7.60 9.01
C GLU A 71 -10.75 7.51 10.31
N ALA A 72 -9.54 7.03 10.22
CA ALA A 72 -8.69 6.91 11.45
C ALA A 72 -7.70 8.08 11.54
N GLY A 73 -7.79 9.02 10.63
CA GLY A 73 -6.85 10.18 10.67
C GLY A 73 -7.58 11.44 11.16
N ILE A 74 -8.75 11.27 11.72
CA ILE A 74 -9.51 12.46 12.21
C ILE A 74 -9.37 12.59 13.73
N ALA A 75 -8.74 11.64 14.38
CA ALA A 75 -8.58 11.71 15.85
C ALA A 75 -7.29 12.47 16.21
N THR A 76 -7.21 13.72 15.83
CA THR A 76 -5.98 14.51 16.15
C THR A 76 -6.24 16.00 15.90
N THR A 77 -7.36 16.50 16.33
CA THR A 77 -7.67 17.95 16.12
C THR A 77 -7.74 18.67 17.46
N GLY A 78 -6.93 19.69 17.65
CA GLY A 78 -6.95 20.43 18.94
C GLY A 78 -6.11 21.70 18.81
N THR A 79 -5.53 22.16 19.89
CA THR A 79 -4.70 23.39 19.82
C THR A 79 -3.57 23.33 20.86
N GLU A 80 -2.35 23.27 20.42
CA GLU A 80 -1.20 23.20 21.37
C GLU A 80 -0.15 24.25 21.02
N ASP A 81 -0.57 25.46 20.78
CA ASP A 81 0.41 26.53 20.48
C ASP A 81 1.40 26.59 21.63
N SER A 82 2.52 25.96 21.47
CA SER A 82 3.54 25.92 22.56
C SER A 82 3.83 27.33 23.08
N ASP A 83 2.97 27.83 23.92
CA ASP A 83 3.15 29.20 24.47
C ASP A 83 4.29 29.23 25.51
N ASP A 84 4.28 28.31 26.45
CA ASP A 84 5.36 28.29 27.46
C ASP A 84 6.64 27.79 26.81
N ALA A 85 6.53 26.97 25.81
CA ALA A 85 7.76 26.47 25.12
C ALA A 85 8.52 27.67 24.55
N LEU A 86 7.83 28.54 23.88
CA LEU A 86 8.51 29.75 23.31
C LEU A 86 9.10 30.55 24.47
N LEU A 87 8.49 30.48 25.62
CA LEU A 87 9.02 31.23 26.79
C LEU A 87 10.23 30.48 27.37
N LYS A 88 10.20 29.18 27.33
CA LYS A 88 11.33 28.38 27.89
C LYS A 88 12.46 28.26 26.86
N MET A 89 12.18 27.75 25.70
CA MET A 89 13.25 27.62 24.67
C MET A 89 13.94 28.96 24.41
N THR A 90 13.19 30.03 24.36
CA THR A 90 13.80 31.36 24.10
C THR A 90 14.65 31.81 25.30
N ILE A 91 14.18 31.58 26.49
CA ILE A 91 14.96 31.99 27.69
C ILE A 91 16.03 30.94 28.00
N SER A 92 15.87 29.74 27.49
CA SER A 92 16.88 28.68 27.76
C SER A 92 18.17 28.97 26.99
N GLN A 93 18.05 29.50 25.79
CA GLN A 93 19.26 29.82 24.99
C GLN A 93 19.80 31.19 25.38
N GLN A 94 18.96 32.08 25.83
CA GLN A 94 19.43 33.43 26.23
C GLN A 94 19.95 33.42 27.67
N GLU A 95 19.28 32.72 28.54
CA GLU A 95 19.74 32.67 29.97
C GLU A 95 21.01 31.83 30.08
N PHE A 96 21.12 30.79 29.30
CA PHE A 96 22.34 29.93 29.35
C PHE A 96 23.56 30.71 28.85
N GLY A 97 24.50 30.99 29.72
CA GLY A 97 25.71 31.74 29.31
C GLY A 97 26.16 32.65 30.44
N ARG A 98 25.26 33.39 31.03
CA ARG A 98 25.64 34.29 32.16
C ARG A 98 25.07 33.77 33.48
N THR A 99 23.80 33.47 33.52
CA THR A 99 23.20 32.96 34.78
C THR A 99 23.54 33.91 35.94
N GLY A 100 23.00 35.09 35.94
CA GLY A 100 23.30 36.06 37.03
C GLY A 100 24.77 36.47 36.93
N LEU A 101 25.64 35.67 37.50
CA LEU A 101 27.09 35.98 37.46
C LEU A 101 27.90 34.89 38.19
N PRO A 102 28.66 34.14 37.43
CA PRO A 102 29.47 33.04 38.04
C PRO A 102 30.64 33.62 38.83
N ASP A 103 31.32 34.60 38.29
CA ASP A 103 32.47 35.22 39.02
C ASP A 103 33.46 34.13 39.47
N LEU A 104 34.22 33.59 38.55
CA LEU A 104 35.20 32.53 38.92
C LEU A 104 36.32 33.11 39.79
N SER A 105 36.59 34.38 39.66
CA SER A 105 37.67 35.01 40.48
C SER A 105 37.41 34.79 41.97
N SER A 106 36.17 34.63 42.34
CA SER A 106 35.84 34.42 43.78
C SER A 106 35.75 32.92 44.09
N MET A 107 36.68 32.15 43.58
CA MET A 107 36.66 30.68 43.85
C MET A 107 38.08 30.13 43.92
N THR A 108 38.42 29.45 44.99
CA THR A 108 39.79 28.88 45.12
C THR A 108 40.07 27.89 43.99
N GLU A 109 41.23 27.28 44.00
CA GLU A 109 41.56 26.31 42.92
C GLU A 109 40.57 25.13 42.94
N GLU A 110 40.09 24.77 44.10
CA GLU A 110 39.11 23.63 44.17
C GLU A 110 37.70 24.14 43.87
N GLU A 111 37.39 25.35 44.25
CA GLU A 111 36.03 25.90 43.98
C GLU A 111 35.75 25.84 42.47
N GLN A 112 36.52 26.53 41.68
CA GLN A 112 36.30 26.48 40.20
C GLN A 112 36.39 25.04 39.72
N ILE A 113 37.20 24.25 40.37
CA ILE A 113 37.32 22.81 39.98
C ILE A 113 36.00 22.09 40.27
N ALA A 114 35.36 22.43 41.36
CA ALA A 114 34.06 21.79 41.70
C ALA A 114 33.06 22.04 40.58
N TYR A 115 33.13 23.18 39.95
CA TYR A 115 32.20 23.49 38.84
C TYR A 115 32.67 22.79 37.55
N ALA A 116 33.94 22.90 37.25
CA ALA A 116 34.46 22.24 36.01
C ALA A 116 34.27 20.73 36.10
N MET A 117 34.48 20.15 37.25
CA MET A 117 34.29 18.67 37.39
C MET A 117 32.81 18.34 37.46
N GLN A 118 32.00 19.29 37.87
CA GLN A 118 30.53 19.04 37.95
C GLN A 118 29.98 18.74 36.56
N MET A 119 30.32 19.54 35.59
CA MET A 119 29.81 19.30 34.20
C MET A 119 30.53 18.10 33.59
N SER A 120 31.75 17.85 33.98
CA SER A 120 32.50 16.70 33.42
C SER A 120 31.94 15.38 33.98
N LEU A 121 31.12 15.44 34.99
CA LEU A 121 30.55 14.20 35.57
C LEU A 121 29.18 13.90 34.94
N GLN A 122 28.99 14.24 33.71
CA GLN A 122 27.68 13.98 33.04
C GLN A 122 27.81 14.17 31.53
N GLY A 123 28.94 13.82 30.96
CA GLY A 123 29.13 13.97 29.49
C GLY A 123 30.12 12.92 28.99
N ALA A 124 29.63 11.82 28.50
CA ALA A 124 30.55 10.75 27.99
C ALA A 124 29.76 9.70 27.20
N GLU A 125 29.95 9.64 25.91
CA GLU A 125 29.22 8.65 25.08
C GLU A 125 27.71 8.74 25.34
N PHE A 126 27.11 9.86 25.02
CA PHE A 126 25.65 10.02 25.25
C PHE A 126 24.93 10.27 23.92
N GLY A 127 25.11 11.43 23.35
CA GLY A 127 24.44 11.73 22.04
C GLY A 127 22.93 11.79 22.24
N GLN A 128 22.46 12.77 22.97
CA GLN A 128 20.99 12.90 23.21
C GLN A 128 20.42 14.02 22.35
N ALA A 129 20.60 13.96 21.06
CA ALA A 129 20.06 15.02 20.17
C ALA A 129 18.64 14.68 19.73
N GLU A 130 18.32 13.41 19.66
CA GLU A 130 16.95 13.00 19.23
C GLU A 130 16.58 13.66 17.90
N SER A 131 17.46 13.57 16.93
CA SER A 131 17.17 14.19 15.60
C SER A 131 17.81 13.36 14.48
N ALA A 132 17.92 12.07 14.67
CA ALA A 132 18.53 11.22 13.62
C ALA A 132 17.73 9.93 13.46
N HIS A 21 36.07 -3.30 -4.93
CA HIS A 21 35.94 -2.11 -4.04
C HIS A 21 35.26 -0.96 -4.79
N MET A 22 33.98 -0.78 -4.60
CA MET A 22 33.27 0.32 -5.29
C MET A 22 32.07 0.79 -4.46
N LEU A 23 31.19 1.56 -5.05
CA LEU A 23 30.00 2.04 -4.31
C LEU A 23 28.74 1.42 -4.91
N GLY A 24 28.87 0.30 -5.55
CA GLY A 24 27.69 -0.37 -6.17
C GLY A 24 26.87 -1.07 -5.08
N LEU A 25 26.56 -2.31 -5.28
CA LEU A 25 25.76 -3.06 -4.26
C LEU A 25 26.68 -3.97 -3.43
N GLY A 26 27.36 -4.88 -4.06
CA GLY A 26 28.27 -5.79 -3.31
C GLY A 26 29.73 -5.54 -3.75
N ALA A 27 30.25 -6.40 -4.58
CA ALA A 27 31.66 -6.22 -5.04
C ALA A 27 31.91 -7.04 -6.31
N SER A 28 32.16 -6.39 -7.40
CA SER A 28 32.42 -7.14 -8.69
C SER A 28 31.28 -8.14 -8.96
N ASP A 29 30.13 -7.89 -8.42
CA ASP A 29 28.98 -8.82 -8.66
C ASP A 29 28.13 -8.32 -9.83
N PHE A 30 28.23 -7.06 -10.15
CA PHE A 30 27.43 -6.51 -11.28
C PHE A 30 28.31 -5.65 -12.19
N GLU A 31 28.81 -6.22 -13.25
CA GLU A 31 29.68 -5.44 -14.18
C GLU A 31 29.42 -5.85 -15.64
N PHE A 32 28.69 -5.05 -16.37
CA PHE A 32 28.38 -5.38 -17.79
C PHE A 32 27.75 -6.77 -17.90
N GLY A 33 27.16 -7.25 -16.84
CA GLY A 33 26.52 -8.59 -16.89
C GLY A 33 25.13 -8.54 -16.25
N VAL A 34 24.66 -7.36 -15.92
CA VAL A 34 23.31 -7.25 -15.31
C VAL A 34 22.43 -6.29 -16.12
N ASP A 35 23.03 -5.38 -16.84
CA ASP A 35 22.25 -4.40 -17.65
C ASP A 35 21.18 -5.13 -18.48
N PRO A 36 20.27 -4.37 -19.03
CA PRO A 36 19.18 -4.94 -19.85
C PRO A 36 19.74 -5.49 -21.17
N SER A 37 20.95 -5.14 -21.52
CA SER A 37 21.55 -5.64 -22.79
C SER A 37 21.78 -7.15 -22.69
N ALA A 38 21.87 -7.68 -21.50
CA ALA A 38 22.10 -9.15 -21.34
C ALA A 38 20.98 -9.94 -22.04
N ASP A 39 19.79 -9.40 -22.07
CA ASP A 39 18.67 -10.11 -22.73
C ASP A 39 17.46 -9.19 -22.89
N PRO A 40 17.07 -8.98 -24.12
CA PRO A 40 15.93 -8.09 -24.41
C PRO A 40 14.61 -8.79 -24.07
N GLU A 41 14.51 -10.06 -24.33
CA GLU A 41 13.25 -10.81 -24.03
C GLU A 41 12.97 -10.77 -22.52
N LEU A 42 13.96 -11.06 -21.72
CA LEU A 42 13.75 -11.05 -20.24
C LEU A 42 13.38 -9.63 -19.78
N ALA A 43 13.87 -8.64 -20.46
CA ALA A 43 13.55 -7.23 -20.06
C ALA A 43 12.04 -6.98 -20.21
N LEU A 44 11.44 -7.48 -21.24
CA LEU A 44 9.97 -7.27 -21.44
C LEU A 44 9.18 -8.09 -20.42
N ALA A 45 9.59 -9.31 -20.19
CA ALA A 45 8.85 -10.16 -19.19
C ALA A 45 8.89 -9.51 -17.81
N LEU A 46 10.00 -8.95 -17.45
CA LEU A 46 10.11 -8.29 -16.10
C LEU A 46 9.33 -6.97 -16.11
N ARG A 47 9.10 -6.41 -17.27
CA ARG A 47 8.34 -5.13 -17.33
C ARG A 47 6.83 -5.41 -17.29
N VAL A 48 6.43 -6.57 -17.75
CA VAL A 48 4.99 -6.91 -17.74
C VAL A 48 4.55 -7.31 -16.32
N SER A 49 5.41 -7.95 -15.59
CA SER A 49 5.05 -8.36 -14.20
C SER A 49 5.15 -7.16 -13.26
N MET A 50 6.09 -6.28 -13.49
CA MET A 50 6.23 -5.08 -12.62
C MET A 50 5.05 -4.14 -12.83
N GLU A 51 4.59 -4.00 -14.05
CA GLU A 51 3.44 -3.10 -14.33
C GLU A 51 2.16 -3.70 -13.75
N GLU A 52 2.02 -4.99 -13.80
CA GLU A 52 0.80 -5.64 -13.24
C GLU A 52 0.76 -5.48 -11.72
N GLN A 53 1.82 -5.83 -11.06
CA GLN A 53 1.86 -5.69 -9.57
C GLN A 53 1.59 -4.24 -9.17
N ARG A 54 2.05 -3.30 -9.95
CA ARG A 54 1.81 -1.87 -9.63
C ARG A 54 0.32 -1.56 -9.68
N GLN A 55 -0.35 -1.98 -10.72
CA GLN A 55 -1.81 -1.71 -10.85
C GLN A 55 -2.54 -2.18 -9.58
N ARG A 56 -2.32 -3.40 -9.18
CA ARG A 56 -3.00 -3.91 -7.95
C ARG A 56 -2.42 -3.24 -6.71
N GLN A 57 -1.12 -3.23 -6.58
CA GLN A 57 -0.48 -2.59 -5.39
C GLN A 57 -0.88 -1.12 -5.30
N GLU A 58 -1.26 -0.53 -6.41
CA GLU A 58 -1.68 0.90 -6.41
C GLU A 58 -3.06 1.01 -5.76
N GLU A 59 -4.06 0.42 -6.36
CA GLU A 59 -5.42 0.47 -5.76
C GLU A 59 -5.34 0.04 -4.29
N GLU A 60 -4.39 -0.81 -3.98
CA GLU A 60 -4.24 -1.26 -2.57
C GLU A 60 -3.36 -0.26 -1.81
N ALA A 61 -2.50 0.45 -2.51
CA ALA A 61 -1.64 1.45 -1.80
C ALA A 61 -2.39 2.77 -1.68
N ARG A 62 -3.39 2.95 -2.51
CA ARG A 62 -4.18 4.20 -2.47
C ARG A 62 -5.25 4.10 -1.37
N ARG A 63 -5.82 2.94 -1.21
CA ARG A 63 -6.85 2.76 -0.15
C ARG A 63 -6.18 2.69 1.23
N ALA A 64 -5.01 2.10 1.30
CA ALA A 64 -4.30 2.00 2.60
C ALA A 64 -3.81 3.39 3.04
N ALA A 65 -3.42 4.20 2.10
CA ALA A 65 -2.95 5.57 2.46
C ALA A 65 -4.14 6.48 2.77
N ALA A 66 -5.23 6.29 2.09
CA ALA A 66 -6.43 7.15 2.35
C ALA A 66 -6.96 6.90 3.76
N ALA A 67 -7.17 5.66 4.12
CA ALA A 67 -7.68 5.34 5.48
C ALA A 67 -6.66 5.77 6.54
N SER A 68 -5.40 5.77 6.20
CA SER A 68 -4.35 6.18 7.18
C SER A 68 -4.36 7.70 7.35
N ALA A 69 -4.48 8.43 6.27
CA ALA A 69 -4.48 9.92 6.37
C ALA A 69 -5.79 10.40 7.01
N ALA A 70 -6.87 9.71 6.77
CA ALA A 70 -8.18 10.11 7.37
C ALA A 70 -8.24 9.73 8.85
N GLU A 71 -7.31 8.93 9.32
CA GLU A 71 -7.33 8.53 10.75
C GLU A 71 -6.48 9.49 11.58
N ALA A 72 -5.22 9.62 11.25
CA ALA A 72 -4.33 10.55 12.01
C ALA A 72 -4.20 11.89 11.29
N GLY A 73 -4.65 11.97 10.06
CA GLY A 73 -4.55 13.25 9.31
C GLY A 73 -5.93 13.91 9.23
N ILE A 74 -6.78 13.66 10.21
CA ILE A 74 -8.14 14.28 10.19
C ILE A 74 -8.15 15.54 11.06
N ALA A 75 -7.26 15.63 12.02
CA ALA A 75 -7.23 16.83 12.91
C ALA A 75 -6.48 17.97 12.22
N THR A 76 -7.11 19.12 12.12
CA THR A 76 -6.43 20.28 11.47
C THR A 76 -6.14 21.36 12.49
N THR A 77 -5.06 21.24 13.21
CA THR A 77 -4.72 22.27 14.23
C THR A 77 -3.19 22.47 14.29
N GLY A 78 -2.72 23.23 15.24
CA GLY A 78 -1.25 23.48 15.34
C GLY A 78 -0.89 23.77 16.80
N THR A 79 -0.83 22.76 17.62
CA THR A 79 -0.48 22.97 19.06
C THR A 79 0.89 22.35 19.36
N GLU A 80 1.95 22.97 18.90
CA GLU A 80 3.31 22.43 19.16
C GLU A 80 4.06 23.35 20.12
N ASP A 81 3.42 23.75 21.19
CA ASP A 81 4.10 24.65 22.17
C ASP A 81 5.09 23.85 23.02
N SER A 82 4.60 22.90 23.78
CA SER A 82 5.50 22.09 24.64
C SER A 82 5.89 20.79 23.92
N ASP A 83 6.81 20.87 23.00
CA ASP A 83 7.23 19.64 22.26
C ASP A 83 7.96 18.68 23.21
N ASP A 84 9.10 19.08 23.71
CA ASP A 84 9.85 18.20 24.64
C ASP A 84 9.19 18.24 26.01
N ALA A 85 8.57 19.35 26.34
CA ALA A 85 7.88 19.43 27.66
C ALA A 85 6.79 18.38 27.72
N LEU A 86 6.12 18.16 26.62
CA LEU A 86 5.06 17.12 26.59
C LEU A 86 5.72 15.74 26.67
N LEU A 87 6.91 15.63 26.14
CA LEU A 87 7.62 14.31 26.19
C LEU A 87 8.17 14.08 27.61
N LYS A 88 8.65 15.12 28.23
CA LYS A 88 9.21 14.98 29.61
C LYS A 88 8.09 15.03 30.65
N MET A 89 7.30 16.06 30.64
CA MET A 89 6.19 16.17 31.64
C MET A 89 5.33 14.90 31.61
N THR A 90 5.01 14.41 30.45
CA THR A 90 4.17 13.19 30.37
C THR A 90 4.93 11.97 30.89
N ILE A 91 6.18 11.84 30.55
CA ILE A 91 6.96 10.66 31.05
C ILE A 91 7.51 10.93 32.46
N SER A 92 7.38 12.14 32.94
CA SER A 92 7.89 12.47 34.29
C SER A 92 6.89 12.00 35.35
N GLN A 93 5.64 12.34 35.18
CA GLN A 93 4.61 11.92 36.17
C GLN A 93 4.16 10.48 35.89
N GLN A 94 4.36 10.01 34.69
CA GLN A 94 3.95 8.62 34.35
C GLN A 94 5.05 7.63 34.73
N GLU A 95 6.28 7.95 34.45
CA GLU A 95 7.40 7.03 34.81
C GLU A 95 7.60 6.98 36.32
N PHE A 96 7.56 8.12 36.96
CA PHE A 96 7.75 8.15 38.44
C PHE A 96 6.48 7.64 39.14
N GLY A 97 6.12 6.40 38.92
CA GLY A 97 4.91 5.85 39.57
C GLY A 97 5.19 4.44 40.07
N ARG A 98 5.41 3.51 39.18
CA ARG A 98 5.69 2.10 39.61
C ARG A 98 7.20 1.90 39.76
N THR A 99 7.63 1.40 40.89
CA THR A 99 9.09 1.17 41.12
C THR A 99 9.34 -0.28 41.53
N GLY A 100 8.61 -1.21 40.96
CA GLY A 100 8.80 -2.64 41.34
C GLY A 100 9.64 -3.33 40.26
N LEU A 101 10.53 -2.62 39.62
CA LEU A 101 11.38 -3.23 38.56
C LEU A 101 12.52 -2.29 38.19
N PRO A 102 13.73 -2.78 38.31
CA PRO A 102 14.92 -1.95 37.98
C PRO A 102 15.06 -1.80 36.46
N ASP A 103 15.14 -0.59 35.99
CA ASP A 103 15.27 -0.36 34.52
C ASP A 103 16.74 -0.49 34.10
N LEU A 104 17.26 -1.69 34.03
CA LEU A 104 18.68 -1.88 33.64
C LEU A 104 18.90 -1.36 32.21
N SER A 105 17.88 -1.41 31.39
CA SER A 105 18.03 -0.93 29.99
C SER A 105 18.26 0.57 29.96
N SER A 106 17.74 1.29 30.92
CA SER A 106 17.94 2.76 30.96
C SER A 106 19.05 3.14 31.94
N MET A 107 20.07 2.32 32.04
CA MET A 107 21.18 2.62 32.98
C MET A 107 22.50 2.74 32.21
N THR A 108 23.24 3.79 32.45
CA THR A 108 24.54 3.98 31.74
C THR A 108 25.58 2.99 32.27
N GLU A 109 26.74 2.95 31.67
CA GLU A 109 27.80 2.01 32.14
C GLU A 109 28.11 2.27 33.62
N GLU A 110 27.92 3.47 34.08
CA GLU A 110 28.21 3.79 35.50
C GLU A 110 27.00 3.43 36.38
N GLU A 111 25.81 3.62 35.87
CA GLU A 111 24.59 3.28 36.67
C GLU A 111 24.65 1.82 37.11
N GLN A 112 24.66 0.90 36.17
CA GLN A 112 24.73 -0.54 36.54
C GLN A 112 26.00 -0.80 37.34
N ILE A 113 27.03 -0.02 37.10
CA ILE A 113 28.30 -0.21 37.86
C ILE A 113 28.07 0.14 39.33
N ALA A 114 27.43 1.25 39.60
CA ALA A 114 27.17 1.62 41.01
C ALA A 114 26.36 0.52 41.70
N TYR A 115 25.63 -0.25 40.93
CA TYR A 115 24.82 -1.36 41.53
C TYR A 115 25.71 -2.56 41.83
N ALA A 116 26.56 -2.93 40.90
CA ALA A 116 27.46 -4.09 41.13
C ALA A 116 28.60 -3.72 42.08
N MET A 117 29.01 -2.48 42.08
CA MET A 117 30.10 -2.05 42.99
C MET A 117 29.55 -1.84 44.40
N GLN A 118 28.28 -1.58 44.51
CA GLN A 118 27.69 -1.36 45.85
C GLN A 118 27.42 -2.72 46.53
N MET A 119 27.17 -3.74 45.76
CA MET A 119 26.90 -5.08 46.35
C MET A 119 28.22 -5.82 46.62
N SER A 120 29.28 -5.43 45.96
CA SER A 120 30.59 -6.12 46.18
C SER A 120 31.37 -5.41 47.30
N LEU A 121 31.15 -4.15 47.48
CA LEU A 121 31.89 -3.41 48.55
C LEU A 121 31.21 -3.59 49.91
N GLN A 122 29.95 -3.92 49.91
CA GLN A 122 29.23 -4.12 51.21
C GLN A 122 29.67 -5.43 51.86
N GLY A 123 30.19 -6.34 51.09
CA GLY A 123 30.63 -7.65 51.67
C GLY A 123 29.78 -8.78 51.09
N ALA A 124 30.40 -9.82 50.60
CA ALA A 124 29.63 -10.95 50.02
C ALA A 124 30.06 -12.27 50.67
N GLU A 125 29.49 -12.60 51.79
CA GLU A 125 29.85 -13.88 52.48
C GLU A 125 28.67 -14.40 53.30
N PHE A 126 27.54 -14.56 52.68
CA PHE A 126 26.34 -15.06 53.42
C PHE A 126 26.20 -16.58 53.22
N GLY A 127 25.86 -16.99 52.04
CA GLY A 127 25.70 -18.45 51.76
C GLY A 127 26.83 -18.92 50.84
N GLN A 128 27.93 -18.21 50.81
CA GLN A 128 29.06 -18.62 49.93
C GLN A 128 30.29 -18.96 50.78
N ALA A 129 30.18 -19.93 51.65
CA ALA A 129 31.35 -20.30 52.50
C ALA A 129 31.08 -21.64 53.19
N GLU A 130 29.96 -21.78 53.84
CA GLU A 130 29.64 -23.06 54.54
C GLU A 130 29.08 -24.08 53.54
N SER A 131 29.82 -24.39 52.51
CA SER A 131 29.33 -25.37 51.51
C SER A 131 30.06 -26.71 51.65
N ALA A 132 29.41 -27.80 51.34
CA ALA A 132 30.06 -29.13 51.46
C ALA A 132 29.30 -30.17 50.65
N HIS A 21 45.13 -19.14 -30.54
CA HIS A 21 44.66 -18.98 -29.13
C HIS A 21 44.06 -17.59 -28.94
N MET A 22 43.30 -17.40 -27.90
CA MET A 22 42.68 -16.06 -27.65
C MET A 22 42.33 -15.92 -26.17
N LEU A 23 41.69 -16.92 -25.60
CA LEU A 23 41.28 -16.86 -24.16
C LEU A 23 40.01 -16.03 -24.06
N GLY A 24 39.20 -16.10 -25.07
CA GLY A 24 37.93 -15.32 -25.09
C GLY A 24 36.95 -15.92 -24.08
N LEU A 25 37.26 -15.84 -22.82
CA LEU A 25 36.34 -16.39 -21.78
C LEU A 25 35.59 -15.27 -21.07
N GLY A 26 34.54 -14.77 -21.67
CA GLY A 26 33.77 -13.67 -21.03
C GLY A 26 32.32 -13.70 -21.53
N ALA A 27 31.85 -14.84 -21.94
CA ALA A 27 30.44 -14.93 -22.45
C ALA A 27 29.73 -16.14 -21.82
N SER A 28 30.37 -16.83 -20.90
CA SER A 28 29.72 -18.02 -20.28
C SER A 28 29.82 -17.93 -18.75
N ASP A 29 30.39 -16.88 -18.22
CA ASP A 29 30.50 -16.75 -16.74
C ASP A 29 29.11 -16.54 -16.13
N PHE A 30 28.25 -15.81 -16.79
CA PHE A 30 26.89 -15.57 -16.25
C PHE A 30 26.01 -14.87 -17.30
N GLU A 31 26.06 -15.32 -18.52
CA GLU A 31 25.24 -14.69 -19.59
C GLU A 31 23.76 -15.02 -19.38
N PHE A 32 23.18 -14.51 -18.32
CA PHE A 32 21.73 -14.79 -18.06
C PHE A 32 21.19 -13.83 -16.98
N GLY A 33 21.75 -13.88 -15.80
CA GLY A 33 21.29 -12.98 -14.71
C GLY A 33 22.34 -11.89 -14.46
N VAL A 34 22.82 -11.28 -15.52
CA VAL A 34 23.84 -10.21 -15.35
C VAL A 34 23.36 -8.89 -15.96
N ASP A 35 22.57 -8.97 -17.01
CA ASP A 35 22.06 -7.73 -17.65
C ASP A 35 20.91 -8.07 -18.61
N PRO A 36 19.87 -7.27 -18.56
CA PRO A 36 18.70 -7.50 -19.46
C PRO A 36 19.06 -7.20 -20.91
N SER A 37 20.16 -6.54 -21.14
CA SER A 37 20.56 -6.22 -22.55
C SER A 37 20.81 -7.51 -23.34
N ALA A 38 20.99 -8.61 -22.67
CA ALA A 38 21.24 -9.89 -23.38
C ALA A 38 19.94 -10.42 -24.00
N ASP A 39 18.82 -9.85 -23.65
CA ASP A 39 17.52 -10.33 -24.21
C ASP A 39 16.50 -9.19 -24.22
N PRO A 40 16.14 -8.78 -25.41
CA PRO A 40 15.16 -7.67 -25.56
C PRO A 40 13.75 -8.17 -25.22
N GLU A 41 13.43 -9.38 -25.61
CA GLU A 41 12.07 -9.91 -25.30
C GLU A 41 11.90 -10.09 -23.79
N LEU A 42 12.86 -10.68 -23.14
CA LEU A 42 12.76 -10.88 -21.67
C LEU A 42 12.84 -9.53 -20.95
N ALA A 43 13.53 -8.59 -21.52
CA ALA A 43 13.64 -7.25 -20.86
C ALA A 43 12.26 -6.60 -20.75
N LEU A 44 11.48 -6.67 -21.80
CA LEU A 44 10.12 -6.06 -21.75
C LEU A 44 9.23 -6.84 -20.78
N ALA A 45 9.34 -8.15 -20.78
CA ALA A 45 8.50 -8.97 -19.86
C ALA A 45 8.88 -8.68 -18.40
N LEU A 46 10.14 -8.41 -18.16
CA LEU A 46 10.58 -8.12 -16.77
C LEU A 46 10.07 -6.74 -16.33
N ARG A 47 9.81 -5.87 -17.28
CA ARG A 47 9.31 -4.51 -16.92
C ARG A 47 7.79 -4.55 -16.76
N VAL A 48 7.14 -5.43 -17.47
CA VAL A 48 5.66 -5.52 -17.36
C VAL A 48 5.29 -6.26 -16.06
N SER A 49 6.09 -7.21 -15.66
CA SER A 49 5.80 -7.95 -14.40
C SER A 49 6.13 -7.08 -13.19
N MET A 50 7.22 -6.37 -13.24
CA MET A 50 7.60 -5.49 -12.09
C MET A 50 6.56 -4.37 -11.93
N GLU A 51 6.03 -3.89 -13.02
CA GLU A 51 5.01 -2.80 -12.93
C GLU A 51 3.67 -3.37 -12.46
N GLU A 52 3.37 -4.59 -12.83
CA GLU A 52 2.08 -5.21 -12.40
C GLU A 52 2.05 -5.33 -10.87
N GLN A 53 3.09 -5.86 -10.29
CA GLN A 53 3.14 -6.00 -8.80
C GLN A 53 3.09 -4.61 -8.15
N ARG A 54 3.71 -3.64 -8.76
CA ARG A 54 3.70 -2.27 -8.18
C ARG A 54 2.30 -1.68 -8.24
N GLN A 55 1.59 -1.91 -9.32
CA GLN A 55 0.21 -1.37 -9.44
C GLN A 55 -0.68 -1.94 -8.34
N ARG A 56 -0.53 -3.20 -8.03
CA ARG A 56 -1.36 -3.83 -6.97
C ARG A 56 -0.92 -3.30 -5.60
N GLN A 57 0.36 -3.15 -5.39
CA GLN A 57 0.85 -2.64 -4.08
C GLN A 57 0.55 -1.15 -3.95
N GLU A 58 0.45 -0.46 -5.06
CA GLU A 58 0.15 1.01 -5.01
C GLU A 58 -1.35 1.22 -4.88
N GLU A 59 -2.11 0.71 -5.82
CA GLU A 59 -3.59 0.85 -5.75
C GLU A 59 -4.08 0.40 -4.38
N GLU A 60 -3.42 -0.57 -3.81
CA GLU A 60 -3.81 -1.05 -2.45
C GLU A 60 -3.16 -0.16 -1.39
N ALA A 61 -1.97 0.32 -1.66
CA ALA A 61 -1.29 1.21 -0.67
C ALA A 61 -2.09 2.50 -0.50
N ARG A 62 -2.40 3.16 -1.58
CA ARG A 62 -3.20 4.42 -1.49
C ARG A 62 -4.60 4.10 -0.95
N ARG A 63 -5.10 2.93 -1.26
CA ARG A 63 -6.46 2.54 -0.77
C ARG A 63 -6.51 2.71 0.75
N ALA A 64 -5.48 2.28 1.43
CA ALA A 64 -5.46 2.44 2.92
C ALA A 64 -5.15 3.90 3.27
N ALA A 65 -4.52 4.61 2.36
CA ALA A 65 -4.21 6.05 2.62
C ALA A 65 -5.49 6.87 2.61
N ALA A 66 -6.45 6.51 1.79
CA ALA A 66 -7.73 7.28 1.73
C ALA A 66 -8.66 6.82 2.86
N ALA A 67 -8.76 5.54 3.07
CA ALA A 67 -9.65 5.02 4.15
C ALA A 67 -9.18 5.54 5.51
N SER A 68 -7.89 5.65 5.69
CA SER A 68 -7.35 6.15 6.99
C SER A 68 -7.34 7.68 7.01
N ALA A 69 -7.20 8.30 5.87
CA ALA A 69 -7.19 9.79 5.81
C ALA A 69 -8.52 10.35 6.32
N ALA A 70 -9.60 9.67 6.06
CA ALA A 70 -10.93 10.16 6.52
C ALA A 70 -11.13 9.80 8.00
N GLU A 71 -10.47 8.77 8.48
CA GLU A 71 -10.62 8.38 9.90
C GLU A 71 -9.50 8.98 10.75
N ALA A 72 -8.28 8.53 10.55
CA ALA A 72 -7.14 9.06 11.35
C ALA A 72 -6.39 10.12 10.54
N GLY A 73 -7.07 10.82 9.67
CA GLY A 73 -6.40 11.87 8.86
C GLY A 73 -7.03 13.24 9.13
N ILE A 74 -8.21 13.28 9.70
CA ILE A 74 -8.86 14.59 9.98
C ILE A 74 -8.18 15.29 11.16
N ALA A 75 -7.49 14.55 11.99
CA ALA A 75 -6.82 15.18 13.16
C ALA A 75 -5.54 14.42 13.51
N THR A 76 -4.84 14.87 14.53
CA THR A 76 -3.58 14.17 14.93
C THR A 76 -3.52 14.04 16.46
N THR A 77 -2.97 12.96 16.94
CA THR A 77 -2.88 12.76 18.42
C THR A 77 -1.44 12.37 18.82
N GLY A 78 -0.53 12.38 17.88
CA GLY A 78 0.88 12.01 18.22
C GLY A 78 1.79 12.33 17.04
N THR A 79 2.45 13.46 17.08
CA THR A 79 3.37 13.83 15.96
C THR A 79 4.62 12.97 15.99
N GLU A 80 4.53 11.76 15.50
CA GLU A 80 5.72 10.86 15.50
C GLU A 80 5.54 9.74 14.47
N ASP A 81 5.76 10.04 13.21
CA ASP A 81 5.59 8.99 12.16
C ASP A 81 6.65 7.89 12.36
N SER A 82 7.90 8.26 12.40
CA SER A 82 8.98 7.23 12.58
C SER A 82 9.89 7.62 13.74
N ASP A 83 9.37 7.56 14.95
CA ASP A 83 10.21 7.94 16.14
C ASP A 83 11.35 6.93 16.33
N ASP A 84 11.10 5.67 16.05
CA ASP A 84 12.17 4.66 16.23
C ASP A 84 13.15 4.76 15.06
N ALA A 85 12.69 5.20 13.92
CA ALA A 85 13.61 5.33 12.76
C ALA A 85 14.68 6.35 13.10
N LEU A 86 14.30 7.45 13.70
CA LEU A 86 15.31 8.47 14.09
C LEU A 86 16.21 7.88 15.17
N LEU A 87 15.69 7.00 15.97
CA LEU A 87 16.51 6.37 17.03
C LEU A 87 17.50 5.36 16.41
N LYS A 88 17.02 4.56 15.49
CA LYS A 88 17.92 3.57 14.84
C LYS A 88 18.75 4.24 13.75
N MET A 89 18.11 4.87 12.80
CA MET A 89 18.88 5.55 11.70
C MET A 89 20.00 6.42 12.28
N THR A 90 19.75 7.10 13.36
CA THR A 90 20.81 7.95 13.97
C THR A 90 21.91 7.09 14.60
N ILE A 91 21.55 6.03 15.25
CA ILE A 91 22.60 5.16 15.87
C ILE A 91 23.20 4.22 14.81
N SER A 92 22.54 4.06 13.69
CA SER A 92 23.08 3.18 12.63
C SER A 92 24.27 3.87 11.95
N GLN A 93 24.16 5.16 11.73
CA GLN A 93 25.28 5.89 11.08
C GLN A 93 26.36 6.24 12.11
N GLN A 94 26.01 6.30 13.37
CA GLN A 94 27.00 6.63 14.43
C GLN A 94 27.66 5.36 14.95
N GLU A 95 26.94 4.26 14.96
CA GLU A 95 27.53 2.98 15.46
C GLU A 95 28.43 2.36 14.40
N PHE A 96 28.10 2.54 13.13
CA PHE A 96 28.94 1.96 12.05
C PHE A 96 30.39 2.46 12.17
N GLY A 97 31.32 1.57 12.41
CA GLY A 97 32.74 1.99 12.52
C GLY A 97 33.21 2.55 11.19
N ARG A 98 33.03 1.82 10.12
CA ARG A 98 33.47 2.32 8.78
C ARG A 98 32.26 2.81 7.98
N THR A 99 32.11 4.09 7.84
CA THR A 99 30.95 4.62 7.06
C THR A 99 31.44 5.49 5.90
N GLY A 100 32.48 5.08 5.24
CA GLY A 100 33.01 5.88 4.09
C GLY A 100 32.65 5.19 2.77
N LEU A 101 31.52 4.52 2.74
CA LEU A 101 31.11 3.83 1.49
C LEU A 101 29.59 3.88 1.32
N PRO A 102 29.14 4.78 0.47
CA PRO A 102 27.68 4.92 0.24
C PRO A 102 27.14 3.75 -0.60
N ASP A 103 28.02 2.94 -1.13
CA ASP A 103 27.57 1.78 -1.96
C ASP A 103 26.63 2.24 -3.08
N LEU A 104 27.18 2.57 -4.22
CA LEU A 104 26.32 3.04 -5.35
C LEU A 104 25.34 1.94 -5.77
N SER A 105 25.67 0.70 -5.48
CA SER A 105 24.76 -0.42 -5.86
C SER A 105 23.40 -0.25 -5.17
N SER A 106 23.38 0.41 -4.04
CA SER A 106 22.08 0.61 -3.32
C SER A 106 21.61 2.05 -3.47
N MET A 107 21.80 2.64 -4.62
CA MET A 107 21.37 4.05 -4.83
C MET A 107 20.22 4.10 -5.86
N THR A 108 19.21 4.89 -5.60
CA THR A 108 18.07 4.97 -6.55
C THR A 108 18.45 5.82 -7.77
N GLU A 109 17.62 5.85 -8.76
CA GLU A 109 17.93 6.65 -9.99
C GLU A 109 18.17 8.11 -9.61
N GLU A 110 17.54 8.59 -8.57
CA GLU A 110 17.74 10.00 -8.15
C GLU A 110 18.99 10.12 -7.28
N GLU A 111 19.27 9.12 -6.49
CA GLU A 111 20.49 9.17 -5.63
C GLU A 111 21.73 9.43 -6.49
N GLN A 112 22.03 8.53 -7.40
CA GLN A 112 23.22 8.74 -8.27
C GLN A 112 23.05 10.04 -9.09
N ILE A 113 21.82 10.38 -9.38
CA ILE A 113 21.58 11.64 -10.15
C ILE A 113 21.97 12.85 -9.31
N ALA A 114 21.67 12.83 -8.03
CA ALA A 114 22.04 13.98 -7.16
C ALA A 114 23.55 14.12 -7.11
N TYR A 115 24.26 13.03 -7.25
CA TYR A 115 25.75 13.09 -7.21
C TYR A 115 26.29 13.44 -8.60
N ALA A 116 25.72 12.87 -9.64
CA ALA A 116 26.19 13.17 -11.02
C ALA A 116 25.74 14.58 -11.43
N MET A 117 24.63 15.03 -10.91
CA MET A 117 24.14 16.39 -11.28
C MET A 117 24.85 17.44 -10.44
N GLN A 118 25.30 17.07 -9.27
CA GLN A 118 26.02 18.05 -8.39
C GLN A 118 27.40 18.34 -8.97
N MET A 119 28.09 17.34 -9.44
CA MET A 119 29.44 17.56 -10.02
C MET A 119 29.33 18.20 -11.41
N SER A 120 28.24 17.97 -12.08
CA SER A 120 28.07 18.57 -13.45
C SER A 120 27.82 20.07 -13.33
N LEU A 121 27.27 20.51 -12.23
CA LEU A 121 27.00 21.97 -12.06
C LEU A 121 28.16 22.64 -11.32
N GLN A 122 29.37 22.35 -11.72
CA GLN A 122 30.55 22.96 -11.03
C GLN A 122 31.80 22.77 -11.89
N GLY A 123 32.29 21.56 -11.98
CA GLY A 123 33.51 21.30 -12.79
C GLY A 123 33.47 19.86 -13.33
N ALA A 124 33.18 19.71 -14.60
CA ALA A 124 33.12 18.34 -15.19
C ALA A 124 33.38 18.40 -16.69
N GLU A 125 34.45 17.78 -17.15
CA GLU A 125 34.76 17.80 -18.60
C GLU A 125 34.25 16.51 -19.26
N PHE A 126 35.04 15.90 -20.11
CA PHE A 126 34.59 14.65 -20.78
C PHE A 126 35.60 13.52 -20.54
N GLY A 127 35.48 12.83 -19.43
CA GLY A 127 36.43 11.72 -19.14
C GLY A 127 35.76 10.38 -19.43
N GLN A 128 34.92 10.32 -20.43
CA GLN A 128 34.23 9.04 -20.76
C GLN A 128 35.11 8.19 -21.68
N ALA A 129 36.28 7.83 -21.24
CA ALA A 129 37.17 7.00 -22.09
C ALA A 129 38.14 6.19 -21.21
N GLU A 130 37.99 4.90 -21.19
CA GLU A 130 38.90 4.05 -20.35
C GLU A 130 39.41 2.87 -21.16
N SER A 131 38.52 2.11 -21.75
CA SER A 131 38.96 0.93 -22.56
C SER A 131 38.29 0.97 -23.94
N ALA A 132 39.02 0.63 -24.97
CA ALA A 132 38.44 0.65 -26.34
C ALA A 132 37.80 -0.71 -26.66
N HIS A 21 27.18 -31.94 -29.28
CA HIS A 21 27.87 -33.00 -28.47
C HIS A 21 29.06 -32.41 -27.72
N MET A 22 28.83 -31.91 -26.53
CA MET A 22 29.96 -31.33 -25.74
C MET A 22 29.51 -31.09 -24.30
N LEU A 23 28.30 -30.59 -24.11
CA LEU A 23 27.78 -30.30 -22.74
C LEU A 23 28.36 -28.97 -22.29
N GLY A 24 28.49 -28.06 -23.21
CA GLY A 24 29.05 -26.72 -22.88
C GLY A 24 28.04 -25.93 -22.06
N LEU A 25 27.97 -26.19 -20.78
CA LEU A 25 27.01 -25.45 -19.92
C LEU A 25 27.70 -24.26 -19.25
N GLY A 26 28.74 -23.75 -19.85
CA GLY A 26 29.46 -22.59 -19.24
C GLY A 26 29.56 -21.46 -20.28
N ALA A 27 29.82 -21.79 -21.51
CA ALA A 27 29.94 -20.74 -22.56
C ALA A 27 28.60 -20.00 -22.72
N SER A 28 27.50 -20.67 -22.51
CA SER A 28 26.18 -20.00 -22.64
C SER A 28 25.65 -19.61 -21.26
N ASP A 29 26.51 -19.27 -20.35
CA ASP A 29 26.06 -18.87 -18.99
C ASP A 29 25.90 -17.35 -18.91
N PHE A 30 26.21 -16.64 -19.96
CA PHE A 30 26.07 -15.15 -19.94
C PHE A 30 24.67 -14.74 -20.42
N GLU A 31 23.82 -15.69 -20.70
CA GLU A 31 22.44 -15.35 -21.18
C GLU A 31 21.73 -14.46 -20.16
N PHE A 32 21.43 -13.24 -20.53
CA PHE A 32 20.74 -12.29 -19.59
C PHE A 32 21.19 -12.48 -18.14
N GLY A 33 22.44 -12.81 -17.94
CA GLY A 33 22.95 -13.02 -16.55
C GLY A 33 23.96 -11.91 -16.21
N VAL A 34 24.35 -11.12 -17.16
CA VAL A 34 25.32 -10.02 -16.87
C VAL A 34 24.77 -8.67 -17.35
N ASP A 35 24.03 -8.66 -18.43
CA ASP A 35 23.48 -7.37 -18.93
C ASP A 35 22.12 -7.61 -19.61
N PRO A 36 21.25 -6.63 -19.52
CA PRO A 36 19.91 -6.75 -20.13
C PRO A 36 20.01 -6.69 -21.66
N SER A 37 21.11 -6.21 -22.18
CA SER A 37 21.25 -6.14 -23.67
C SER A 37 21.22 -7.54 -24.28
N ALA A 38 21.40 -8.56 -23.48
CA ALA A 38 21.37 -9.95 -24.03
C ALA A 38 20.03 -10.22 -24.72
N ASP A 39 18.99 -9.57 -24.28
CA ASP A 39 17.64 -9.79 -24.91
C ASP A 39 16.66 -8.71 -24.45
N PRO A 40 16.18 -7.94 -25.39
CA PRO A 40 15.23 -6.86 -25.07
C PRO A 40 13.86 -7.44 -24.72
N GLU A 41 13.54 -8.58 -25.27
CA GLU A 41 12.21 -9.20 -24.97
C GLU A 41 12.16 -9.59 -23.48
N LEU A 42 13.21 -10.16 -22.97
CA LEU A 42 13.21 -10.56 -21.53
C LEU A 42 13.27 -9.31 -20.65
N ALA A 43 13.83 -8.24 -21.14
CA ALA A 43 13.92 -6.99 -20.33
C ALA A 43 12.51 -6.46 -20.02
N LEU A 44 11.70 -6.30 -21.03
CA LEU A 44 10.32 -5.77 -20.80
C LEU A 44 9.49 -6.81 -20.02
N ALA A 45 9.68 -8.07 -20.31
CA ALA A 45 8.91 -9.13 -19.59
C ALA A 45 9.06 -8.96 -18.07
N LEU A 46 10.22 -8.61 -17.61
CA LEU A 46 10.42 -8.42 -16.15
C LEU A 46 9.91 -7.04 -15.71
N ARG A 47 9.80 -6.12 -16.63
CA ARG A 47 9.29 -4.77 -16.29
C ARG A 47 7.78 -4.80 -16.23
N VAL A 48 7.17 -5.60 -17.06
CA VAL A 48 5.69 -5.69 -17.07
C VAL A 48 5.21 -6.55 -15.88
N SER A 49 6.05 -7.43 -15.40
CA SER A 49 5.66 -8.28 -14.24
C SER A 49 5.78 -7.49 -12.94
N MET A 50 6.90 -6.83 -12.74
CA MET A 50 7.09 -6.04 -11.49
C MET A 50 6.11 -4.86 -11.46
N GLU A 51 5.72 -4.37 -12.61
CA GLU A 51 4.76 -3.23 -12.64
C GLU A 51 3.34 -3.71 -12.32
N GLU A 52 2.94 -4.83 -12.85
CA GLU A 52 1.58 -5.35 -12.58
C GLU A 52 1.38 -5.58 -11.08
N GLN A 53 2.27 -6.33 -10.46
CA GLN A 53 2.13 -6.59 -9.00
C GLN A 53 2.17 -5.27 -8.21
N ARG A 54 2.87 -4.30 -8.72
CA ARG A 54 2.95 -2.99 -8.01
C ARG A 54 1.57 -2.32 -7.96
N GLN A 55 0.91 -2.21 -9.09
CA GLN A 55 -0.44 -1.58 -9.11
C GLN A 55 -1.39 -2.32 -8.15
N ARG A 56 -1.23 -3.61 -8.03
CA ARG A 56 -2.11 -4.38 -7.12
C ARG A 56 -1.88 -3.95 -5.66
N GLN A 57 -0.67 -4.05 -5.19
CA GLN A 57 -0.37 -3.65 -3.79
C GLN A 57 -0.40 -2.12 -3.66
N GLU A 58 -0.33 -1.42 -4.76
CA GLU A 58 -0.37 0.07 -4.72
C GLU A 58 -1.81 0.55 -4.68
N GLU A 59 -2.59 0.22 -5.67
CA GLU A 59 -4.03 0.64 -5.69
C GLU A 59 -4.67 0.26 -4.36
N GLU A 60 -4.23 -0.82 -3.77
CA GLU A 60 -4.80 -1.24 -2.46
C GLU A 60 -4.08 -0.48 -1.34
N ALA A 61 -2.81 -0.22 -1.51
CA ALA A 61 -2.05 0.53 -0.47
C ALA A 61 -2.59 1.96 -0.37
N ARG A 62 -2.60 2.68 -1.47
CA ARG A 62 -3.12 4.07 -1.44
C ARG A 62 -4.60 4.07 -1.07
N ARG A 63 -5.32 3.04 -1.45
CA ARG A 63 -6.77 2.97 -1.10
C ARG A 63 -6.93 3.15 0.41
N ALA A 64 -6.16 2.45 1.18
CA ALA A 64 -6.25 2.59 2.66
C ALA A 64 -5.59 3.91 3.08
N ALA A 65 -4.67 4.40 2.29
CA ALA A 65 -3.98 5.68 2.62
C ALA A 65 -5.00 6.83 2.62
N ALA A 66 -6.00 6.74 1.78
CA ALA A 66 -7.02 7.82 1.71
C ALA A 66 -8.14 7.55 2.72
N ALA A 67 -8.37 6.30 3.04
CA ALA A 67 -9.44 5.97 4.02
C ALA A 67 -8.97 6.27 5.44
N SER A 68 -7.69 6.34 5.66
CA SER A 68 -7.16 6.62 7.03
C SER A 68 -6.66 8.07 7.11
N ALA A 69 -6.12 8.58 6.04
CA ALA A 69 -5.60 9.98 6.06
C ALA A 69 -6.77 10.98 6.09
N ALA A 70 -7.85 10.67 5.42
CA ALA A 70 -9.02 11.59 5.40
C ALA A 70 -10.07 11.13 6.41
N GLU A 71 -9.66 10.44 7.44
CA GLU A 71 -10.64 9.95 8.46
C GLU A 71 -9.94 9.78 9.82
N ALA A 72 -8.81 9.14 9.83
CA ALA A 72 -8.08 8.94 11.11
C ALA A 72 -6.86 9.87 11.20
N GLY A 73 -6.83 10.90 10.39
CA GLY A 73 -5.67 11.84 10.42
C GLY A 73 -6.19 13.27 10.55
N ILE A 74 -7.20 13.61 9.79
CA ILE A 74 -7.75 15.00 9.86
C ILE A 74 -8.75 15.11 11.02
N ALA A 75 -8.31 14.81 12.22
CA ALA A 75 -9.24 14.90 13.39
C ALA A 75 -9.65 16.35 13.63
N THR A 76 -10.35 16.61 14.71
CA THR A 76 -10.78 18.01 15.00
C THR A 76 -9.78 18.69 15.92
N THR A 77 -8.61 19.00 15.42
CA THR A 77 -7.58 19.67 16.27
C THR A 77 -6.68 20.55 15.40
N GLY A 78 -5.93 21.44 16.02
CA GLY A 78 -5.04 22.33 15.23
C GLY A 78 -4.07 23.04 16.18
N THR A 79 -3.65 22.37 17.23
CA THR A 79 -2.70 23.00 18.19
C THR A 79 -1.54 22.05 18.48
N GLU A 80 -0.61 21.94 17.56
CA GLU A 80 0.55 21.02 17.78
C GLU A 80 1.85 21.83 17.79
N ASP A 81 2.21 22.37 18.92
CA ASP A 81 3.48 23.16 19.01
C ASP A 81 4.69 22.23 18.97
N SER A 82 4.62 21.12 19.65
CA SER A 82 5.76 20.16 19.65
C SER A 82 5.33 18.82 19.06
N ASP A 83 5.35 18.69 17.76
CA ASP A 83 4.94 17.42 17.10
C ASP A 83 5.80 16.26 17.63
N ASP A 84 7.03 16.52 17.98
CA ASP A 84 7.90 15.44 18.49
C ASP A 84 7.51 15.11 19.93
N ALA A 85 7.02 16.08 20.66
CA ALA A 85 6.60 15.81 22.06
C ALA A 85 5.48 14.78 22.05
N LEU A 86 4.53 14.95 21.17
CA LEU A 86 3.42 13.96 21.08
C LEU A 86 3.99 12.62 20.64
N LEU A 87 5.07 12.64 19.90
CA LEU A 87 5.70 11.37 19.44
C LEU A 87 6.48 10.73 20.59
N LYS A 88 7.17 11.52 21.35
CA LYS A 88 7.97 10.96 22.49
C LYS A 88 7.06 10.74 23.72
N MET A 89 6.36 11.74 24.14
CA MET A 89 5.47 11.59 25.33
C MET A 89 4.52 10.39 25.14
N THR A 90 3.98 10.24 23.96
CA THR A 90 3.05 9.10 23.71
C THR A 90 3.79 7.77 23.71
N ILE A 91 4.99 7.74 23.18
CA ILE A 91 5.75 6.46 23.16
C ILE A 91 6.49 6.26 24.49
N SER A 92 6.65 7.31 25.25
CA SER A 92 7.34 7.18 26.56
C SER A 92 6.43 6.48 27.58
N GLN A 93 5.15 6.77 27.52
CA GLN A 93 4.21 6.13 28.47
C GLN A 93 3.67 4.82 27.89
N GLN A 94 3.71 4.69 26.58
CA GLN A 94 3.21 3.44 25.94
C GLN A 94 4.33 2.40 25.84
N GLU A 95 5.52 2.83 25.51
CA GLU A 95 6.65 1.86 25.41
C GLU A 95 7.21 1.53 26.79
N PHE A 96 7.18 2.49 27.69
CA PHE A 96 7.70 2.22 29.07
C PHE A 96 6.59 2.42 30.10
N GLY A 97 5.97 1.36 30.53
CA GLY A 97 4.87 1.48 31.53
C GLY A 97 4.77 0.19 32.34
N ARG A 98 4.59 -0.92 31.68
CA ARG A 98 4.49 -2.22 32.40
C ARG A 98 5.85 -2.92 32.42
N THR A 99 6.52 -2.87 33.54
CA THR A 99 7.86 -3.54 33.62
C THR A 99 8.14 -3.97 35.07
N GLY A 100 7.21 -4.64 35.69
CA GLY A 100 7.42 -5.09 37.10
C GLY A 100 8.03 -6.49 37.10
N LEU A 101 9.22 -6.64 36.60
CA LEU A 101 9.87 -7.98 36.57
C LEU A 101 11.36 -7.85 36.26
N PRO A 102 12.16 -7.87 37.30
CA PRO A 102 13.63 -7.75 37.13
C PRO A 102 14.22 -9.03 36.54
N ASP A 103 13.43 -10.08 36.44
CA ASP A 103 13.96 -11.35 35.87
C ASP A 103 15.17 -11.85 36.67
N LEU A 104 14.97 -12.77 37.56
CA LEU A 104 16.11 -13.29 38.37
C LEU A 104 16.62 -14.62 37.80
N SER A 105 15.79 -15.31 37.06
CA SER A 105 16.23 -16.61 36.47
C SER A 105 17.44 -16.40 35.56
N SER A 106 17.55 -15.25 34.95
CA SER A 106 18.71 -14.99 34.05
C SER A 106 19.79 -14.21 34.80
N MET A 107 19.88 -14.37 36.09
CA MET A 107 20.91 -13.64 36.87
C MET A 107 21.81 -14.62 37.63
N THR A 108 23.08 -14.33 37.70
CA THR A 108 24.01 -15.25 38.42
C THR A 108 23.87 -15.08 39.93
N GLU A 109 24.59 -15.86 40.70
CA GLU A 109 24.50 -15.74 42.19
C GLU A 109 24.88 -14.32 42.63
N GLU A 110 25.80 -13.70 41.94
CA GLU A 110 26.22 -12.32 42.32
C GLU A 110 25.22 -11.31 41.78
N GLU A 111 24.66 -11.56 40.62
CA GLU A 111 23.66 -10.60 40.05
C GLU A 111 22.53 -10.35 41.06
N GLN A 112 21.80 -11.38 41.41
CA GLN A 112 20.70 -11.20 42.39
C GLN A 112 21.28 -10.69 43.72
N ILE A 113 22.50 -11.04 44.01
CA ILE A 113 23.13 -10.57 45.28
C ILE A 113 23.35 -9.06 45.21
N ALA A 114 23.74 -8.55 44.08
CA ALA A 114 23.96 -7.07 43.95
C ALA A 114 22.64 -6.33 44.12
N TYR A 115 21.55 -6.97 43.79
CA TYR A 115 20.22 -6.32 43.95
C TYR A 115 19.70 -6.50 45.37
N ALA A 116 19.99 -7.63 45.98
CA ALA A 116 19.52 -7.87 47.38
C ALA A 116 20.45 -7.20 48.38
N MET A 117 21.71 -7.08 48.07
CA MET A 117 22.66 -6.43 49.01
C MET A 117 22.59 -4.91 48.85
N GLN A 118 22.36 -4.46 47.65
CA GLN A 118 22.27 -2.99 47.41
C GLN A 118 20.99 -2.43 48.04
N MET A 119 19.91 -3.15 47.93
CA MET A 119 18.62 -2.68 48.52
C MET A 119 18.63 -2.90 50.03
N SER A 120 19.43 -3.82 50.51
CA SER A 120 19.48 -4.08 51.98
C SER A 120 20.16 -2.92 52.70
N LEU A 121 21.22 -2.39 52.14
CA LEU A 121 21.93 -1.25 52.80
C LEU A 121 21.24 0.08 52.45
N GLN A 122 20.39 0.09 51.47
CA GLN A 122 19.70 1.36 51.09
C GLN A 122 18.25 1.34 51.58
N GLY A 123 17.57 0.23 51.42
CA GLY A 123 16.15 0.15 51.88
C GLY A 123 15.35 -0.71 50.91
N ALA A 124 14.76 -1.77 51.39
CA ALA A 124 13.96 -2.66 50.50
C ALA A 124 12.49 -2.65 50.92
N GLU A 125 11.70 -1.76 50.37
CA GLU A 125 10.26 -1.70 50.73
C GLU A 125 9.40 -1.72 49.47
N PHE A 126 9.55 -0.75 48.61
CA PHE A 126 8.75 -0.71 47.37
C PHE A 126 9.59 -1.15 46.17
N GLY A 127 10.74 -0.56 46.00
CA GLY A 127 11.62 -0.93 44.85
C GLY A 127 12.44 0.28 44.41
N GLN A 128 11.83 1.21 43.72
CA GLN A 128 12.58 2.42 43.27
C GLN A 128 11.64 3.63 43.24
N ALA A 129 11.39 4.23 44.37
CA ALA A 129 10.49 5.41 44.42
C ALA A 129 11.19 6.58 45.12
N GLU A 130 12.50 6.62 45.08
CA GLU A 130 13.24 7.73 45.74
C GLU A 130 14.06 8.50 44.71
N SER A 131 13.44 8.88 43.62
CA SER A 131 14.19 9.64 42.58
C SER A 131 13.86 11.13 42.68
N ALA A 132 13.57 11.61 43.85
CA ALA A 132 13.24 13.05 44.02
C ALA A 132 13.27 13.44 45.50
N HIS A 21 46.30 -5.47 -30.39
CA HIS A 21 46.14 -6.87 -29.91
C HIS A 21 45.29 -6.90 -28.64
N MET A 22 45.76 -6.29 -27.57
CA MET A 22 44.98 -6.29 -26.31
C MET A 22 44.59 -7.70 -25.91
N LEU A 23 43.63 -7.84 -25.03
CA LEU A 23 43.19 -9.19 -24.60
C LEU A 23 41.78 -9.46 -25.12
N GLY A 24 41.40 -8.80 -26.19
CA GLY A 24 40.05 -8.99 -26.75
C GLY A 24 40.09 -10.10 -27.81
N LEU A 25 40.54 -11.27 -27.45
CA LEU A 25 40.60 -12.39 -28.43
C LEU A 25 39.19 -12.84 -28.81
N GLY A 26 38.43 -13.30 -27.86
CA GLY A 26 37.04 -13.76 -28.16
C GLY A 26 36.11 -12.54 -28.26
N ALA A 27 35.66 -12.22 -29.44
CA ALA A 27 34.75 -11.05 -29.60
C ALA A 27 33.32 -11.43 -29.21
N SER A 28 33.08 -12.66 -28.88
CA SER A 28 31.70 -13.08 -28.48
C SER A 28 31.25 -12.32 -27.22
N ASP A 29 32.18 -11.75 -26.49
CA ASP A 29 31.80 -11.00 -25.26
C ASP A 29 30.84 -9.85 -25.61
N PHE A 30 31.04 -9.21 -26.74
CA PHE A 30 30.15 -8.09 -27.13
C PHE A 30 29.16 -8.54 -28.22
N GLU A 31 29.11 -9.81 -28.50
CA GLU A 31 28.17 -10.31 -29.55
C GLU A 31 26.72 -10.20 -29.05
N PHE A 32 26.20 -9.00 -28.97
CA PHE A 32 24.80 -8.80 -28.48
C PHE A 32 24.59 -9.50 -27.13
N GLY A 33 25.65 -9.70 -26.39
CA GLY A 33 25.50 -10.36 -25.06
C GLY A 33 25.49 -9.30 -23.95
N VAL A 34 25.87 -8.09 -24.28
CA VAL A 34 25.88 -7.01 -23.25
C VAL A 34 24.47 -6.45 -23.05
N ASP A 35 23.57 -6.72 -23.97
CA ASP A 35 22.18 -6.19 -23.84
C ASP A 35 21.52 -6.76 -22.57
N PRO A 36 20.29 -6.38 -22.34
CA PRO A 36 19.58 -6.85 -21.13
C PRO A 36 19.46 -8.37 -21.13
N SER A 37 20.53 -9.04 -20.79
CA SER A 37 20.53 -10.53 -20.77
C SER A 37 20.45 -11.03 -22.20
N ALA A 38 21.27 -10.47 -23.05
CA ALA A 38 21.28 -10.87 -24.49
C ALA A 38 19.85 -11.03 -25.02
N ASP A 39 18.92 -10.29 -24.47
CA ASP A 39 17.50 -10.39 -24.95
C ASP A 39 16.68 -9.21 -24.45
N PRO A 40 16.19 -8.44 -25.38
CA PRO A 40 15.36 -7.26 -25.04
C PRO A 40 13.97 -7.69 -24.59
N GLU A 41 13.43 -8.71 -25.19
CA GLU A 41 12.08 -9.19 -24.80
C GLU A 41 12.06 -9.59 -23.33
N LEU A 42 13.11 -10.23 -22.87
CA LEU A 42 13.17 -10.64 -21.43
C LEU A 42 13.30 -9.41 -20.54
N ALA A 43 13.99 -8.40 -21.01
CA ALA A 43 14.16 -7.16 -20.19
C ALA A 43 12.80 -6.54 -19.90
N LEU A 44 11.98 -6.38 -20.90
CA LEU A 44 10.63 -5.77 -20.69
C LEU A 44 9.76 -6.70 -19.85
N ALA A 45 9.99 -7.99 -19.93
CA ALA A 45 9.18 -8.96 -19.14
C ALA A 45 9.33 -8.68 -17.64
N LEU A 46 10.54 -8.52 -17.19
CA LEU A 46 10.76 -8.24 -15.74
C LEU A 46 10.32 -6.81 -15.39
N ARG A 47 10.26 -5.95 -16.37
CA ARG A 47 9.82 -4.55 -16.10
C ARG A 47 8.31 -4.49 -16.02
N VAL A 48 7.64 -5.36 -16.74
CA VAL A 48 6.16 -5.38 -16.71
C VAL A 48 5.67 -6.13 -15.47
N SER A 49 6.45 -7.06 -14.99
CA SER A 49 6.04 -7.84 -13.79
C SER A 49 6.22 -6.99 -12.53
N MET A 50 7.26 -6.19 -12.48
CA MET A 50 7.49 -5.35 -11.28
C MET A 50 6.53 -4.15 -11.28
N GLU A 51 6.11 -3.73 -12.44
CA GLU A 51 5.17 -2.56 -12.50
C GLU A 51 3.74 -3.02 -12.16
N GLU A 52 3.40 -4.23 -12.53
CA GLU A 52 2.03 -4.73 -12.22
C GLU A 52 1.89 -4.99 -10.72
N GLN A 53 2.89 -5.59 -10.12
CA GLN A 53 2.81 -5.87 -8.65
C GLN A 53 2.83 -4.56 -7.87
N ARG A 54 3.46 -3.55 -8.41
CA ARG A 54 3.52 -2.24 -7.69
C ARG A 54 2.19 -1.50 -7.82
N GLN A 55 1.67 -1.41 -9.02
CA GLN A 55 0.37 -0.70 -9.22
C GLN A 55 -0.73 -1.37 -8.39
N ARG A 56 -0.80 -2.67 -8.41
CA ARG A 56 -1.85 -3.39 -7.62
C ARG A 56 -1.62 -3.15 -6.13
N GLN A 57 -0.40 -3.30 -5.68
CA GLN A 57 -0.10 -3.09 -4.23
C GLN A 57 -0.15 -1.60 -3.89
N GLU A 58 0.01 -0.75 -4.87
CA GLU A 58 -0.04 0.72 -4.62
C GLU A 58 -1.49 1.19 -4.63
N GLU A 59 -2.17 1.07 -5.75
CA GLU A 59 -3.59 1.50 -5.80
C GLU A 59 -4.36 0.86 -4.65
N GLU A 60 -3.95 -0.32 -4.25
CA GLU A 60 -4.64 -1.01 -3.12
C GLU A 60 -4.11 -0.44 -1.79
N ALA A 61 -2.83 -0.17 -1.71
CA ALA A 61 -2.27 0.39 -0.45
C ALA A 61 -2.69 1.84 -0.29
N ARG A 62 -2.38 2.67 -1.26
CA ARG A 62 -2.77 4.12 -1.18
C ARG A 62 -4.27 4.25 -0.87
N ARG A 63 -5.08 3.43 -1.49
CA ARG A 63 -6.55 3.52 -1.22
C ARG A 63 -6.84 3.24 0.25
N ALA A 64 -6.18 2.27 0.83
CA ALA A 64 -6.41 1.96 2.27
C ALA A 64 -5.97 3.14 3.13
N ALA A 65 -4.97 3.86 2.70
CA ALA A 65 -4.48 5.02 3.50
C ALA A 65 -5.42 6.21 3.30
N ALA A 66 -5.94 6.38 2.12
CA ALA A 66 -6.86 7.53 1.88
C ALA A 66 -8.13 7.38 2.69
N ALA A 67 -8.66 6.18 2.78
CA ALA A 67 -9.89 5.95 3.57
C ALA A 67 -9.59 6.06 5.07
N SER A 68 -8.39 5.75 5.47
CA SER A 68 -8.03 5.84 6.91
C SER A 68 -8.12 7.29 7.40
N ALA A 69 -7.30 8.15 6.84
CA ALA A 69 -7.35 9.58 7.26
C ALA A 69 -8.71 10.20 6.95
N ALA A 70 -9.40 9.68 5.96
CA ALA A 70 -10.74 10.22 5.61
C ALA A 70 -11.78 9.77 6.64
N GLU A 71 -11.53 8.67 7.31
CA GLU A 71 -12.51 8.18 8.33
C GLU A 71 -12.47 9.06 9.58
N ALA A 72 -11.32 9.63 9.88
CA ALA A 72 -11.22 10.50 11.09
C ALA A 72 -10.45 11.78 10.75
N GLY A 73 -10.61 12.27 9.56
CA GLY A 73 -9.89 13.52 9.17
C GLY A 73 -10.85 14.47 8.45
N ILE A 74 -11.58 13.96 7.48
CA ILE A 74 -12.54 14.82 6.74
C ILE A 74 -13.82 14.04 6.44
N ALA A 75 -14.75 14.03 7.37
CA ALA A 75 -16.02 13.28 7.14
C ALA A 75 -17.20 14.26 7.05
N THR A 76 -16.94 15.50 6.76
CA THR A 76 -18.04 16.50 6.65
C THR A 76 -18.73 16.37 5.30
N THR A 77 -20.03 16.48 5.27
CA THR A 77 -20.77 16.36 3.97
C THR A 77 -21.65 17.59 3.76
N GLY A 78 -22.48 17.56 2.74
CA GLY A 78 -23.37 18.73 2.47
C GLY A 78 -24.72 18.22 1.94
N THR A 79 -25.16 18.74 0.83
CA THR A 79 -26.47 18.29 0.27
C THR A 79 -26.64 18.81 -1.16
N GLU A 80 -25.99 18.19 -2.11
CA GLU A 80 -26.10 18.65 -3.53
C GLU A 80 -26.62 17.52 -4.41
N ASP A 81 -27.85 17.11 -4.20
CA ASP A 81 -28.41 15.99 -5.03
C ASP A 81 -28.87 16.54 -6.39
N SER A 82 -29.79 17.46 -6.39
CA SER A 82 -30.27 18.03 -7.69
C SER A 82 -30.09 19.55 -7.69
N ASP A 83 -28.89 20.00 -7.93
CA ASP A 83 -28.64 21.48 -7.95
C ASP A 83 -29.24 22.11 -9.20
N ASP A 84 -29.02 21.51 -10.35
CA ASP A 84 -29.58 22.08 -11.61
C ASP A 84 -31.06 21.74 -11.69
N ALA A 85 -31.45 20.61 -11.17
CA ALA A 85 -32.88 20.23 -11.22
C ALA A 85 -33.69 21.29 -10.44
N LEU A 86 -33.14 21.77 -9.37
CA LEU A 86 -33.85 22.83 -8.59
C LEU A 86 -33.84 24.12 -9.40
N LEU A 87 -32.83 24.31 -10.20
CA LEU A 87 -32.75 25.54 -11.04
C LEU A 87 -33.70 25.41 -12.24
N LYS A 88 -33.83 24.21 -12.77
CA LYS A 88 -34.73 23.99 -13.93
C LYS A 88 -36.17 23.78 -13.46
N MET A 89 -36.39 22.82 -12.60
CA MET A 89 -37.77 22.56 -12.10
C MET A 89 -38.39 23.85 -11.55
N THR A 90 -37.65 24.59 -10.77
CA THR A 90 -38.20 25.86 -10.19
C THR A 90 -38.45 26.88 -11.29
N ILE A 91 -37.54 27.02 -12.23
CA ILE A 91 -37.74 28.00 -13.32
C ILE A 91 -38.62 27.42 -14.42
N SER A 92 -38.91 26.14 -14.35
CA SER A 92 -39.77 25.52 -15.39
C SER A 92 -41.25 25.80 -15.10
N GLN A 93 -41.62 25.79 -13.84
CA GLN A 93 -43.04 26.06 -13.48
C GLN A 93 -43.25 27.57 -13.27
N GLN A 94 -42.20 28.30 -12.99
CA GLN A 94 -42.35 29.77 -12.78
C GLN A 94 -42.17 30.52 -14.11
N GLU A 95 -41.24 30.10 -14.93
CA GLU A 95 -41.03 30.79 -16.23
C GLU A 95 -42.04 30.31 -17.27
N PHE A 96 -42.45 29.08 -17.18
CA PHE A 96 -43.46 28.55 -18.16
C PHE A 96 -44.62 27.88 -17.43
N GLY A 97 -45.26 28.59 -16.54
CA GLY A 97 -46.41 28.00 -15.79
C GLY A 97 -47.66 28.84 -16.02
N ARG A 98 -47.52 30.14 -16.07
CA ARG A 98 -48.72 31.02 -16.29
C ARG A 98 -49.16 30.95 -17.75
N THR A 99 -50.01 30.02 -18.08
CA THR A 99 -50.49 29.89 -19.49
C THR A 99 -51.93 29.38 -19.52
N GLY A 100 -52.86 30.20 -19.11
CA GLY A 100 -54.29 29.77 -19.11
C GLY A 100 -54.91 30.12 -20.46
N LEU A 101 -54.24 29.79 -21.54
CA LEU A 101 -54.79 30.12 -22.89
C LEU A 101 -54.05 29.30 -23.96
N PRO A 102 -54.62 28.17 -24.30
CA PRO A 102 -54.01 27.29 -25.32
C PRO A 102 -54.15 27.91 -26.72
N ASP A 103 -55.22 28.63 -26.95
CA ASP A 103 -55.44 29.27 -28.28
C ASP A 103 -55.51 28.20 -29.38
N LEU A 104 -56.66 28.02 -29.98
CA LEU A 104 -56.79 27.01 -31.05
C LEU A 104 -55.93 27.39 -32.26
N SER A 105 -55.84 28.66 -32.56
CA SER A 105 -55.02 29.10 -33.72
C SER A 105 -53.56 28.70 -33.52
N SER A 106 -53.11 28.65 -32.30
CA SER A 106 -51.69 28.27 -32.03
C SER A 106 -51.60 26.79 -31.66
N MET A 107 -52.45 25.97 -32.24
CA MET A 107 -52.42 24.52 -31.94
C MET A 107 -52.39 23.70 -33.24
N THR A 108 -51.38 22.90 -33.41
CA THR A 108 -51.28 22.06 -34.66
C THR A 108 -52.40 21.03 -34.69
N GLU A 109 -52.44 20.22 -35.71
CA GLU A 109 -53.50 19.18 -35.81
C GLU A 109 -53.44 18.23 -34.61
N GLU A 110 -52.25 17.94 -34.14
CA GLU A 110 -52.12 17.03 -32.97
C GLU A 110 -52.39 17.80 -31.67
N GLU A 111 -52.05 19.05 -31.63
CA GLU A 111 -52.30 19.86 -30.39
C GLU A 111 -53.79 19.82 -30.04
N GLN A 112 -54.62 20.31 -30.91
CA GLN A 112 -56.09 20.28 -30.63
C GLN A 112 -56.56 18.84 -30.45
N ILE A 113 -55.85 17.92 -31.03
CA ILE A 113 -56.23 16.48 -30.91
C ILE A 113 -55.93 15.99 -29.49
N ALA A 114 -54.78 16.32 -28.97
CA ALA A 114 -54.44 15.88 -27.59
C ALA A 114 -55.49 16.41 -26.61
N TYR A 115 -56.03 17.58 -26.88
CA TYR A 115 -57.05 18.17 -25.98
C TYR A 115 -58.43 17.57 -26.31
N ALA A 116 -58.80 17.58 -27.57
CA ALA A 116 -60.11 17.01 -27.96
C ALA A 116 -60.19 15.54 -27.56
N MET A 117 -59.10 14.83 -27.64
CA MET A 117 -59.11 13.40 -27.25
C MET A 117 -59.10 13.28 -25.73
N GLN A 118 -58.58 14.27 -25.06
CA GLN A 118 -58.54 14.23 -23.57
C GLN A 118 -59.97 14.17 -23.01
N MET A 119 -60.85 14.96 -23.55
CA MET A 119 -62.27 14.95 -23.06
C MET A 119 -63.00 13.72 -23.59
N SER A 120 -62.69 13.31 -24.79
CA SER A 120 -63.37 12.12 -25.37
C SER A 120 -63.02 10.85 -24.56
N LEU A 121 -61.90 10.87 -23.88
CA LEU A 121 -61.51 9.67 -23.08
C LEU A 121 -62.58 9.36 -22.03
N GLN A 122 -63.11 10.37 -21.39
CA GLN A 122 -64.16 10.13 -20.36
C GLN A 122 -65.52 10.58 -20.88
N GLY A 123 -65.55 11.53 -21.76
CA GLY A 123 -66.85 12.00 -22.31
C GLY A 123 -67.09 11.37 -23.69
N ALA A 124 -67.67 10.20 -23.72
CA ALA A 124 -67.92 9.53 -25.02
C ALA A 124 -68.88 8.35 -24.83
N GLU A 125 -70.11 8.51 -25.23
CA GLU A 125 -71.11 7.39 -25.07
C GLU A 125 -71.11 6.87 -23.63
N PHE A 126 -71.95 7.43 -22.79
CA PHE A 126 -71.99 6.97 -21.36
C PHE A 126 -73.44 6.69 -20.96
N GLY A 127 -74.32 7.64 -21.15
CA GLY A 127 -75.74 7.43 -20.78
C GLY A 127 -75.95 7.83 -19.32
N GLN A 128 -77.16 7.74 -18.83
CA GLN A 128 -77.43 8.12 -17.42
C GLN A 128 -78.74 7.49 -16.94
N ALA A 129 -78.81 6.18 -16.95
CA ALA A 129 -80.06 5.49 -16.50
C ALA A 129 -79.70 4.17 -15.80
N GLU A 130 -78.58 4.12 -15.14
CA GLU A 130 -78.18 2.87 -14.44
C GLU A 130 -77.49 3.21 -13.11
N SER A 131 -78.10 4.03 -12.30
CA SER A 131 -77.48 4.40 -11.00
C SER A 131 -77.66 3.26 -9.98
N ALA A 132 -78.87 2.84 -9.76
CA ALA A 132 -79.11 1.73 -8.79
C ALA A 132 -80.51 1.14 -9.00
N HIS A 21 16.12 -30.61 -28.24
CA HIS A 21 15.97 -31.35 -26.95
C HIS A 21 15.88 -30.37 -25.78
N MET A 22 14.69 -30.07 -25.33
CA MET A 22 14.52 -29.12 -24.18
C MET A 22 15.25 -27.80 -24.48
N LEU A 23 15.22 -26.89 -23.55
CA LEU A 23 15.92 -25.59 -23.76
C LEU A 23 17.12 -25.50 -22.81
N GLY A 24 17.62 -26.61 -22.37
CA GLY A 24 18.79 -26.60 -21.44
C GLY A 24 20.08 -26.73 -22.24
N LEU A 25 20.30 -25.84 -23.17
CA LEU A 25 21.54 -25.91 -24.00
C LEU A 25 22.79 -25.78 -23.10
N GLY A 26 22.95 -24.65 -22.47
CA GLY A 26 24.14 -24.45 -21.59
C GLY A 26 23.97 -23.17 -20.77
N ALA A 27 24.05 -23.25 -19.48
CA ALA A 27 23.90 -22.03 -18.64
C ALA A 27 25.27 -21.52 -18.20
N SER A 28 26.27 -21.72 -19.03
CA SER A 28 27.64 -21.24 -18.66
C SER A 28 28.43 -20.85 -19.92
N ASP A 29 27.73 -20.52 -20.97
CA ASP A 29 28.43 -20.13 -22.24
C ASP A 29 28.85 -18.65 -22.17
N PHE A 30 28.22 -17.88 -21.34
CA PHE A 30 28.58 -16.44 -21.22
C PHE A 30 28.41 -15.96 -19.78
N GLU A 31 29.49 -15.63 -19.13
CA GLU A 31 29.40 -15.16 -17.72
C GLU A 31 29.36 -13.63 -17.70
N PHE A 32 28.65 -13.06 -16.75
CA PHE A 32 28.56 -11.57 -16.67
C PHE A 32 28.03 -10.99 -18.00
N GLY A 33 27.45 -11.82 -18.83
CA GLY A 33 26.91 -11.32 -20.13
C GLY A 33 25.42 -11.66 -20.22
N VAL A 34 24.78 -11.85 -19.08
CA VAL A 34 23.33 -12.18 -19.10
C VAL A 34 22.50 -10.97 -18.67
N ASP A 35 23.03 -9.79 -18.83
CA ASP A 35 22.28 -8.56 -18.44
C ASP A 35 21.01 -8.43 -19.28
N PRO A 36 20.20 -7.45 -18.96
CA PRO A 36 18.94 -7.25 -19.71
C PRO A 36 19.22 -6.70 -21.12
N SER A 37 20.38 -6.13 -21.32
CA SER A 37 20.71 -5.59 -22.67
C SER A 37 20.93 -6.72 -23.67
N ALA A 38 21.07 -7.94 -23.20
CA ALA A 38 21.29 -9.09 -24.13
C ALA A 38 19.98 -9.50 -24.80
N ASP A 39 18.87 -8.95 -24.38
CA ASP A 39 17.56 -9.30 -24.99
C ASP A 39 16.47 -8.34 -24.52
N PRO A 40 15.84 -7.70 -25.47
CA PRO A 40 14.78 -6.74 -25.14
C PRO A 40 13.48 -7.47 -24.77
N GLU A 41 13.21 -8.58 -25.41
CA GLU A 41 11.97 -9.34 -25.09
C GLU A 41 12.01 -9.82 -23.64
N LEU A 42 13.18 -10.16 -23.16
CA LEU A 42 13.28 -10.63 -21.74
C LEU A 42 13.19 -9.45 -20.79
N ALA A 43 13.64 -8.29 -21.20
CA ALA A 43 13.56 -7.09 -20.31
C ALA A 43 12.12 -6.63 -20.19
N LEU A 44 11.33 -6.84 -21.21
CA LEU A 44 9.91 -6.42 -21.16
C LEU A 44 9.10 -7.38 -20.28
N ALA A 45 9.38 -8.65 -20.38
CA ALA A 45 8.63 -9.63 -19.55
C ALA A 45 8.91 -9.40 -18.06
N LEU A 46 10.11 -8.98 -17.74
CA LEU A 46 10.44 -8.73 -16.30
C LEU A 46 9.93 -7.36 -15.87
N ARG A 47 9.72 -6.46 -16.81
CA ARG A 47 9.21 -5.11 -16.45
C ARG A 47 7.69 -5.13 -16.39
N VAL A 48 7.07 -6.02 -17.12
CA VAL A 48 5.58 -6.10 -17.10
C VAL A 48 5.11 -6.89 -15.88
N SER A 49 5.91 -7.82 -15.43
CA SER A 49 5.52 -8.64 -14.25
C SER A 49 5.82 -7.87 -12.96
N MET A 50 6.98 -7.28 -12.87
CA MET A 50 7.34 -6.51 -11.64
C MET A 50 6.47 -5.26 -11.53
N GLU A 51 6.24 -4.59 -12.62
CA GLU A 51 5.40 -3.36 -12.59
C GLU A 51 3.95 -3.71 -12.22
N GLU A 52 3.47 -4.83 -12.69
CA GLU A 52 2.07 -5.23 -12.37
C GLU A 52 1.92 -5.47 -10.86
N GLN A 53 2.90 -6.07 -10.24
CA GLN A 53 2.81 -6.33 -8.78
C GLN A 53 2.83 -5.01 -8.00
N ARG A 54 3.65 -4.07 -8.43
CA ARG A 54 3.72 -2.77 -7.71
C ARG A 54 2.42 -2.00 -7.90
N GLN A 55 1.83 -2.09 -9.06
CA GLN A 55 0.55 -1.35 -9.30
C GLN A 55 -0.53 -1.82 -8.33
N ARG A 56 -0.67 -3.11 -8.16
CA ARG A 56 -1.70 -3.64 -7.22
C ARG A 56 -1.31 -3.32 -5.78
N GLN A 57 -0.05 -3.32 -5.47
CA GLN A 57 0.39 -3.02 -4.08
C GLN A 57 0.36 -1.51 -3.83
N GLU A 58 0.54 -0.74 -4.87
CA GLU A 58 0.52 0.75 -4.71
C GLU A 58 -0.93 1.25 -4.76
N GLU A 59 -1.63 0.99 -5.83
CA GLU A 59 -3.05 1.43 -5.92
C GLU A 59 -3.82 0.95 -4.70
N GLU A 60 -3.43 -0.18 -4.16
CA GLU A 60 -4.11 -0.70 -2.95
C GLU A 60 -3.49 -0.06 -1.71
N ALA A 61 -2.20 0.21 -1.76
CA ALA A 61 -1.54 0.86 -0.59
C ALA A 61 -2.10 2.26 -0.39
N ARG A 62 -2.08 3.07 -1.41
CA ARG A 62 -2.62 4.45 -1.28
C ARG A 62 -4.14 4.38 -1.03
N ARG A 63 -4.79 3.39 -1.57
CA ARG A 63 -6.26 3.26 -1.36
C ARG A 63 -6.57 3.30 0.13
N ALA A 64 -5.83 2.55 0.92
CA ALA A 64 -6.06 2.55 2.38
C ALA A 64 -5.58 3.89 2.97
N ALA A 65 -4.65 4.52 2.31
CA ALA A 65 -4.14 5.83 2.82
C ALA A 65 -5.26 6.88 2.82
N ALA A 66 -6.17 6.78 1.88
CA ALA A 66 -7.29 7.77 1.83
C ALA A 66 -8.41 7.34 2.77
N ALA A 67 -8.68 6.07 2.86
CA ALA A 67 -9.76 5.58 3.76
C ALA A 67 -9.39 5.83 5.22
N SER A 68 -8.12 5.84 5.53
CA SER A 68 -7.69 6.07 6.93
C SER A 68 -7.54 7.57 7.20
N ALA A 69 -7.25 8.34 6.17
CA ALA A 69 -7.09 9.80 6.36
C ALA A 69 -8.47 10.47 6.47
N ALA A 70 -9.46 9.90 5.84
CA ALA A 70 -10.84 10.50 5.91
C ALA A 70 -11.52 10.12 7.22
N GLU A 71 -10.88 9.35 8.06
CA GLU A 71 -11.50 8.95 9.35
C GLU A 71 -11.83 10.19 10.19
N ALA A 72 -11.03 11.22 10.07
CA ALA A 72 -11.29 12.46 10.86
C ALA A 72 -11.52 13.65 9.93
N GLY A 73 -11.17 13.53 8.67
CA GLY A 73 -11.38 14.66 7.73
C GLY A 73 -12.84 14.71 7.28
N ILE A 74 -13.42 13.57 7.00
CA ILE A 74 -14.85 13.55 6.57
C ILE A 74 -15.78 13.52 7.78
N ALA A 75 -16.06 14.67 8.34
CA ALA A 75 -16.96 14.73 9.52
C ALA A 75 -17.79 16.01 9.50
N THR A 76 -18.38 16.37 10.62
CA THR A 76 -19.19 17.61 10.66
C THR A 76 -18.67 18.55 11.75
N THR A 77 -18.17 19.69 11.37
CA THR A 77 -17.64 20.66 12.39
C THR A 77 -18.37 21.99 12.28
N GLY A 78 -19.66 21.97 12.13
CA GLY A 78 -20.43 23.24 12.01
C GLY A 78 -21.84 23.04 12.58
N THR A 79 -22.51 21.99 12.16
CA THR A 79 -23.88 21.74 12.67
C THR A 79 -23.96 20.35 13.33
N GLU A 80 -23.48 20.25 14.54
CA GLU A 80 -23.53 18.93 15.24
C GLU A 80 -24.81 18.80 16.05
N ASP A 81 -25.92 19.07 15.43
CA ASP A 81 -27.21 18.93 16.14
C ASP A 81 -27.30 17.50 16.64
N SER A 82 -26.97 17.29 17.88
CA SER A 82 -26.97 15.91 18.45
C SER A 82 -28.31 15.22 18.16
N ASP A 83 -28.44 14.69 16.98
CA ASP A 83 -29.71 13.99 16.60
C ASP A 83 -30.16 13.03 17.71
N ASP A 84 -29.24 12.49 18.45
CA ASP A 84 -29.62 11.56 19.54
C ASP A 84 -30.10 12.37 20.74
N ALA A 85 -29.53 13.53 20.95
CA ALA A 85 -29.98 14.37 22.08
C ALA A 85 -31.46 14.72 21.89
N LEU A 86 -31.85 14.94 20.66
CA LEU A 86 -33.28 15.25 20.38
C LEU A 86 -34.10 14.00 20.62
N LEU A 87 -33.51 12.84 20.41
CA LEU A 87 -34.24 11.56 20.65
C LEU A 87 -34.32 11.30 22.15
N LYS A 88 -33.27 11.61 22.86
CA LYS A 88 -33.26 11.38 24.34
C LYS A 88 -34.03 12.49 25.06
N MET A 89 -33.67 13.73 24.83
CA MET A 89 -34.38 14.85 25.51
C MET A 89 -35.89 14.74 25.29
N THR A 90 -36.31 14.37 24.11
CA THR A 90 -37.77 14.24 23.83
C THR A 90 -38.37 13.08 24.63
N ILE A 91 -37.68 11.97 24.70
CA ILE A 91 -38.23 10.81 25.46
C ILE A 91 -37.88 10.93 26.95
N SER A 92 -36.98 11.82 27.28
CA SER A 92 -36.59 11.98 28.71
C SER A 92 -37.68 12.76 29.46
N GLN A 93 -38.27 13.72 28.80
CA GLN A 93 -39.36 14.52 29.46
C GLN A 93 -40.72 13.86 29.22
N GLN A 94 -40.84 13.12 28.15
CA GLN A 94 -42.14 12.45 27.85
C GLN A 94 -42.24 11.14 28.61
N GLU A 95 -41.16 10.40 28.70
CA GLU A 95 -41.19 9.10 29.42
C GLU A 95 -41.09 9.33 30.92
N PHE A 96 -40.20 10.19 31.34
CA PHE A 96 -40.05 10.46 32.80
C PHE A 96 -41.25 11.25 33.33
N GLY A 97 -42.30 10.58 33.71
CA GLY A 97 -43.50 11.28 34.23
C GLY A 97 -43.47 11.29 35.76
N ARG A 98 -42.44 11.83 36.35
CA ARG A 98 -42.35 11.87 37.84
C ARG A 98 -42.46 10.47 38.42
N THR A 99 -41.36 9.88 38.79
CA THR A 99 -41.40 8.50 39.36
C THR A 99 -40.71 8.47 40.73
N GLY A 100 -41.19 9.25 41.66
CA GLY A 100 -40.57 9.28 43.02
C GLY A 100 -41.55 8.71 44.04
N LEU A 101 -42.36 7.76 43.65
CA LEU A 101 -43.34 7.16 44.59
C LEU A 101 -43.91 5.86 44.02
N PRO A 102 -43.38 4.75 44.46
CA PRO A 102 -43.85 3.43 43.98
C PRO A 102 -45.24 3.11 44.55
N ASP A 103 -45.69 3.87 45.51
CA ASP A 103 -47.04 3.62 46.10
C ASP A 103 -47.15 2.16 46.56
N LEU A 104 -46.84 1.88 47.79
CA LEU A 104 -46.93 0.48 48.30
C LEU A 104 -48.36 0.18 48.78
N SER A 105 -49.06 1.18 49.23
CA SER A 105 -50.46 0.95 49.71
C SER A 105 -51.34 0.42 48.58
N SER A 106 -51.07 0.81 47.37
CA SER A 106 -51.89 0.32 46.22
C SER A 106 -51.17 -0.83 45.51
N MET A 107 -50.35 -1.56 46.21
CA MET A 107 -49.62 -2.70 45.58
C MET A 107 -50.06 -4.01 46.21
N THR A 108 -50.50 -4.94 45.40
CA THR A 108 -50.95 -6.26 45.95
C THR A 108 -49.76 -7.03 46.52
N GLU A 109 -50.00 -8.20 47.04
CA GLU A 109 -48.87 -9.01 47.62
C GLU A 109 -47.83 -9.31 46.54
N GLU A 110 -48.26 -9.53 45.33
CA GLU A 110 -47.29 -9.83 44.23
C GLU A 110 -46.65 -8.54 43.73
N GLU A 111 -47.37 -7.45 43.75
CA GLU A 111 -46.80 -6.16 43.28
C GLU A 111 -45.53 -5.82 44.08
N GLN A 112 -45.67 -5.66 45.37
CA GLN A 112 -44.47 -5.35 46.20
C GLN A 112 -43.47 -6.50 46.12
N ILE A 113 -43.92 -7.67 45.78
CA ILE A 113 -43.00 -8.84 45.67
C ILE A 113 -42.15 -8.71 44.40
N ALA A 114 -42.77 -8.37 43.29
CA ALA A 114 -41.98 -8.24 42.02
C ALA A 114 -40.93 -7.14 42.18
N TYR A 115 -41.21 -6.15 42.99
CA TYR A 115 -40.24 -5.05 43.20
C TYR A 115 -39.26 -5.42 44.33
N ALA A 116 -39.78 -5.86 45.44
CA ALA A 116 -38.89 -6.24 46.57
C ALA A 116 -38.00 -7.43 46.17
N MET A 117 -38.53 -8.31 45.36
CA MET A 117 -37.72 -9.49 44.92
C MET A 117 -36.79 -9.08 43.77
N GLN A 118 -37.17 -8.06 43.04
CA GLN A 118 -36.31 -7.60 41.91
C GLN A 118 -34.97 -7.10 42.43
N MET A 119 -34.98 -6.36 43.52
CA MET A 119 -33.70 -5.84 44.08
C MET A 119 -33.04 -6.91 44.95
N SER A 120 -33.82 -7.79 45.53
CA SER A 120 -33.23 -8.86 46.39
C SER A 120 -32.52 -9.91 45.54
N LEU A 121 -32.85 -10.00 44.27
CA LEU A 121 -32.20 -11.00 43.40
C LEU A 121 -30.80 -10.53 42.99
N GLN A 122 -29.92 -10.34 43.95
CA GLN A 122 -28.54 -9.88 43.63
C GLN A 122 -28.59 -8.61 42.76
N GLY A 123 -28.70 -7.47 43.36
CA GLY A 123 -28.76 -6.20 42.57
C GLY A 123 -27.34 -5.65 42.40
N ALA A 124 -26.64 -5.47 43.48
CA ALA A 124 -25.24 -4.94 43.38
C ALA A 124 -24.23 -6.09 43.38
N GLU A 125 -24.13 -6.79 42.28
CA GLU A 125 -23.16 -7.93 42.22
C GLU A 125 -21.82 -7.44 41.66
N PHE A 126 -21.84 -6.72 40.57
CA PHE A 126 -20.58 -6.21 39.98
C PHE A 126 -20.83 -4.92 39.20
N GLY A 127 -21.64 -4.98 38.17
CA GLY A 127 -21.93 -3.75 37.38
C GLY A 127 -23.43 -3.68 37.08
N GLN A 128 -23.80 -3.07 35.99
CA GLN A 128 -25.25 -2.96 35.65
C GLN A 128 -25.54 -3.72 34.35
N ALA A 129 -25.58 -5.03 34.42
CA ALA A 129 -25.85 -5.83 33.19
C ALA A 129 -27.15 -6.64 33.37
N GLU A 130 -28.28 -6.01 33.27
CA GLU A 130 -29.57 -6.74 33.42
C GLU A 130 -29.77 -7.71 32.25
N SER A 131 -29.28 -7.36 31.10
CA SER A 131 -29.44 -8.26 29.91
C SER A 131 -28.23 -9.19 29.79
N ALA A 132 -27.86 -9.85 30.85
CA ALA A 132 -26.69 -10.77 30.80
C ALA A 132 -26.98 -12.04 31.61
N HIS A 21 21.84 -15.06 5.22
CA HIS A 21 20.61 -15.19 4.38
C HIS A 21 20.48 -13.99 3.43
N MET A 22 21.59 -13.43 3.03
CA MET A 22 21.54 -12.25 2.10
C MET A 22 22.00 -12.66 0.70
N LEU A 23 22.86 -13.65 0.61
CA LEU A 23 23.39 -14.11 -0.71
C LEU A 23 24.48 -13.16 -1.15
N GLY A 24 25.23 -12.66 -0.20
CA GLY A 24 26.31 -11.71 -0.51
C GLY A 24 27.46 -12.45 -1.21
N LEU A 25 27.24 -12.89 -2.41
CA LEU A 25 28.31 -13.62 -3.16
C LEU A 25 28.41 -13.10 -4.59
N GLY A 26 27.29 -12.97 -5.26
CA GLY A 26 27.31 -12.48 -6.67
C GLY A 26 27.11 -10.96 -6.68
N ALA A 27 28.10 -10.22 -6.27
CA ALA A 27 27.97 -8.73 -6.25
C ALA A 27 28.61 -8.13 -7.50
N SER A 28 29.86 -8.41 -7.74
CA SER A 28 30.55 -7.85 -8.94
C SER A 28 30.89 -8.97 -9.92
N ASP A 29 30.93 -10.20 -9.46
CA ASP A 29 31.27 -11.33 -10.38
C ASP A 29 30.28 -11.39 -11.54
N PHE A 30 29.07 -10.94 -11.32
CA PHE A 30 28.06 -10.98 -12.41
C PHE A 30 28.06 -9.65 -13.19
N GLU A 31 28.93 -9.52 -14.15
CA GLU A 31 28.99 -8.26 -14.94
C GLU A 31 29.43 -8.56 -16.38
N PHE A 32 28.70 -9.38 -17.08
CA PHE A 32 29.08 -9.71 -18.49
C PHE A 32 27.90 -10.37 -19.20
N GLY A 33 27.38 -11.44 -18.65
CA GLY A 33 26.22 -12.13 -19.30
C GLY A 33 24.99 -12.01 -18.41
N VAL A 34 24.86 -10.92 -17.70
CA VAL A 34 23.68 -10.74 -16.80
C VAL A 34 22.83 -9.55 -17.28
N ASP A 35 23.43 -8.60 -17.95
CA ASP A 35 22.67 -7.42 -18.43
C ASP A 35 21.42 -7.87 -19.21
N PRO A 36 20.60 -6.91 -19.57
CA PRO A 36 19.37 -7.23 -20.34
C PRO A 36 19.72 -7.66 -21.76
N SER A 37 20.91 -7.37 -22.20
CA SER A 37 21.31 -7.77 -23.59
C SER A 37 21.41 -9.30 -23.68
N ALA A 38 21.61 -9.96 -22.57
CA ALA A 38 21.71 -11.44 -22.60
C ALA A 38 20.42 -12.06 -23.14
N ASP A 39 19.34 -11.32 -23.10
CA ASP A 39 18.04 -11.86 -23.61
C ASP A 39 17.03 -10.72 -23.76
N PRO A 40 16.57 -10.53 -24.97
CA PRO A 40 15.59 -9.45 -25.25
C PRO A 40 14.21 -9.83 -24.69
N GLU A 41 13.84 -11.09 -24.80
CA GLU A 41 12.51 -11.52 -24.27
C GLU A 41 12.44 -11.29 -22.77
N LEU A 42 13.51 -11.55 -22.07
CA LEU A 42 13.51 -11.34 -20.59
C LEU A 42 13.39 -9.85 -20.27
N ALA A 43 13.93 -9.01 -21.12
CA ALA A 43 13.85 -7.54 -20.86
C ALA A 43 12.40 -7.06 -20.96
N LEU A 44 11.73 -7.40 -22.03
CA LEU A 44 10.30 -6.97 -22.18
C LEU A 44 9.46 -7.54 -21.05
N ALA A 45 9.72 -8.75 -20.64
CA ALA A 45 8.93 -9.36 -19.53
C ALA A 45 9.20 -8.60 -18.23
N LEU A 46 10.38 -8.06 -18.09
CA LEU A 46 10.71 -7.30 -16.83
C LEU A 46 9.96 -5.96 -16.82
N ARG A 47 9.58 -5.46 -17.96
CA ARG A 47 8.84 -4.17 -18.01
C ARG A 47 7.37 -4.43 -17.69
N VAL A 48 6.89 -5.60 -18.00
CA VAL A 48 5.47 -5.93 -17.71
C VAL A 48 5.31 -6.25 -16.23
N SER A 49 6.34 -6.77 -15.62
CA SER A 49 6.26 -7.11 -14.16
C SER A 49 6.38 -5.84 -13.32
N MET A 50 7.17 -4.90 -13.75
CA MET A 50 7.33 -3.63 -12.99
C MET A 50 6.04 -2.82 -13.05
N GLU A 51 5.44 -2.73 -14.21
CA GLU A 51 4.17 -1.95 -14.34
C GLU A 51 3.08 -2.58 -13.49
N GLU A 52 3.01 -3.89 -13.45
CA GLU A 52 1.96 -4.57 -12.62
C GLU A 52 2.15 -4.21 -11.15
N GLN A 53 3.36 -4.20 -10.67
CA GLN A 53 3.60 -3.85 -9.24
C GLN A 53 3.11 -2.44 -8.96
N ARG A 54 3.18 -1.56 -9.92
CA ARG A 54 2.71 -0.15 -9.71
C ARG A 54 1.19 -0.14 -9.51
N GLN A 55 0.47 -0.86 -10.34
CA GLN A 55 -1.02 -0.90 -10.19
C GLN A 55 -1.40 -1.41 -8.81
N ARG A 56 -0.58 -2.24 -8.22
CA ARG A 56 -0.89 -2.78 -6.86
C ARG A 56 -0.36 -1.82 -5.79
N GLN A 57 0.83 -1.31 -5.98
CA GLN A 57 1.41 -0.37 -4.98
C GLN A 57 0.52 0.87 -4.84
N GLU A 58 -0.15 1.25 -5.89
CA GLU A 58 -1.05 2.44 -5.82
C GLU A 58 -2.41 2.03 -5.27
N GLU A 59 -3.07 1.11 -5.93
CA GLU A 59 -4.41 0.65 -5.42
C GLU A 59 -4.28 0.25 -3.96
N GLU A 60 -3.16 -0.30 -3.59
CA GLU A 60 -2.95 -0.71 -2.17
C GLU A 60 -2.54 0.52 -1.36
N ALA A 61 -1.81 1.42 -1.96
CA ALA A 61 -1.38 2.64 -1.22
C ALA A 61 -2.60 3.50 -0.88
N ARG A 62 -3.43 3.78 -1.85
CA ARG A 62 -4.64 4.60 -1.57
C ARG A 62 -5.62 3.81 -0.69
N ARG A 63 -5.65 2.50 -0.84
CA ARG A 63 -6.56 1.67 0.00
C ARG A 63 -6.31 2.00 1.48
N ALA A 64 -5.07 2.01 1.88
CA ALA A 64 -4.75 2.34 3.29
C ALA A 64 -4.87 3.85 3.50
N ALA A 65 -4.76 4.61 2.44
CA ALA A 65 -4.86 6.09 2.56
C ALA A 65 -6.28 6.48 2.97
N ALA A 66 -7.26 5.71 2.56
CA ALA A 66 -8.67 6.02 2.94
C ALA A 66 -9.01 5.40 4.29
N ALA A 67 -8.53 4.21 4.55
CA ALA A 67 -8.82 3.55 5.86
C ALA A 67 -8.19 4.35 7.00
N SER A 68 -7.14 5.08 6.73
CA SER A 68 -6.48 5.87 7.80
C SER A 68 -7.08 7.28 7.86
N ALA A 69 -7.56 7.78 6.75
CA ALA A 69 -8.17 9.15 6.74
C ALA A 69 -9.52 9.13 7.46
N ALA A 70 -10.26 8.07 7.32
CA ALA A 70 -11.59 7.98 7.99
C ALA A 70 -11.42 7.73 9.50
N GLU A 71 -10.30 7.16 9.87
CA GLU A 71 -10.07 6.87 11.32
C GLU A 71 -9.58 8.13 12.04
N ALA A 72 -8.93 9.01 11.33
CA ALA A 72 -8.41 10.26 11.96
C ALA A 72 -9.25 11.47 11.52
N GLY A 73 -9.82 11.41 10.35
CA GLY A 73 -10.64 12.55 9.85
C GLY A 73 -12.01 12.54 10.54
N ILE A 74 -12.85 11.60 10.19
CA ILE A 74 -14.20 11.53 10.82
C ILE A 74 -14.11 10.85 12.18
N ALA A 75 -13.86 9.56 12.20
CA ALA A 75 -13.76 8.83 13.50
C ALA A 75 -14.99 9.11 14.37
N THR A 76 -14.92 8.78 15.63
CA THR A 76 -16.08 9.03 16.54
C THR A 76 -15.76 10.16 17.52
N THR A 77 -16.63 10.41 18.46
CA THR A 77 -16.38 11.49 19.45
C THR A 77 -17.08 11.19 20.77
N GLY A 78 -16.35 11.23 21.86
CA GLY A 78 -16.97 10.93 23.19
C GLY A 78 -15.99 11.31 24.30
N THR A 79 -16.45 11.99 25.31
CA THR A 79 -15.54 12.39 26.43
C THR A 79 -15.65 11.38 27.57
N GLU A 80 -15.31 10.14 27.32
CA GLU A 80 -15.40 9.10 28.38
C GLU A 80 -14.02 8.79 28.94
N ASP A 81 -13.25 9.81 29.23
CA ASP A 81 -11.90 9.57 29.81
C ASP A 81 -12.08 8.73 31.06
N SER A 82 -11.91 7.45 30.94
CA SER A 82 -12.11 6.54 32.10
C SER A 82 -11.33 7.03 33.32
N ASP A 83 -11.86 8.01 34.00
CA ASP A 83 -11.17 8.56 35.21
C ASP A 83 -11.20 7.54 36.35
N ASP A 84 -12.24 6.75 36.44
CA ASP A 84 -12.32 5.75 37.53
C ASP A 84 -11.47 4.54 37.17
N ALA A 85 -11.39 4.21 35.91
CA ALA A 85 -10.55 3.05 35.50
C ALA A 85 -9.10 3.33 35.89
N LEU A 86 -8.70 4.56 35.76
CA LEU A 86 -7.30 4.93 36.15
C LEU A 86 -7.19 4.86 37.67
N LEU A 87 -8.27 5.12 38.36
CA LEU A 87 -8.24 5.07 39.85
C LEU A 87 -8.25 3.61 40.31
N LYS A 88 -9.01 2.77 39.65
CA LYS A 88 -9.07 1.33 40.04
C LYS A 88 -7.90 0.56 39.43
N MET A 89 -7.70 0.68 38.15
CA MET A 89 -6.57 -0.05 37.50
C MET A 89 -5.24 0.31 38.17
N THR A 90 -5.02 1.56 38.45
CA THR A 90 -3.74 1.97 39.11
C THR A 90 -3.67 1.42 40.53
N ILE A 91 -4.74 1.47 41.26
CA ILE A 91 -4.73 0.95 42.65
C ILE A 91 -4.87 -0.57 42.64
N SER A 92 -5.33 -1.13 41.55
CA SER A 92 -5.48 -2.61 41.47
C SER A 92 -4.10 -3.27 41.43
N GLN A 93 -3.21 -2.72 40.64
CA GLN A 93 -1.84 -3.30 40.57
C GLN A 93 -1.01 -2.88 41.79
N GLN A 94 -1.33 -1.75 42.37
CA GLN A 94 -0.58 -1.28 43.56
C GLN A 94 -1.10 -2.00 44.81
N GLU A 95 -2.38 -2.21 44.91
CA GLU A 95 -2.94 -2.89 46.11
C GLU A 95 -2.51 -4.37 46.11
N PHE A 96 -2.64 -5.03 45.00
CA PHE A 96 -2.23 -6.47 44.93
C PHE A 96 -0.75 -6.57 44.55
N GLY A 97 0.13 -6.47 45.51
CA GLY A 97 1.58 -6.56 45.20
C GLY A 97 2.27 -7.43 46.26
N ARG A 98 2.00 -7.16 47.52
CA ARG A 98 2.63 -7.96 48.60
C ARG A 98 1.68 -9.06 49.07
N THR A 99 1.86 -10.27 48.60
CA THR A 99 0.96 -11.38 49.01
C THR A 99 1.74 -12.69 49.11
N GLY A 100 3.02 -12.61 49.38
CA GLY A 100 3.83 -13.85 49.48
C GLY A 100 4.08 -14.18 50.96
N LEU A 101 3.12 -13.90 51.80
CA LEU A 101 3.29 -14.20 53.25
C LEU A 101 1.93 -14.23 53.95
N PRO A 102 1.37 -15.41 54.07
CA PRO A 102 0.05 -15.56 54.73
C PRO A 102 0.19 -15.37 56.25
N ASP A 103 -0.45 -14.38 56.79
CA ASP A 103 -0.36 -14.15 58.26
C ASP A 103 -1.70 -14.46 58.93
N LEU A 104 -2.12 -15.70 58.89
CA LEU A 104 -3.43 -16.07 59.52
C LEU A 104 -3.40 -15.75 61.02
N SER A 105 -2.29 -15.94 61.66
CA SER A 105 -2.20 -15.64 63.12
C SER A 105 -2.42 -14.15 63.37
N SER A 106 -2.06 -13.33 62.41
CA SER A 106 -2.25 -11.85 62.59
C SER A 106 -3.36 -11.35 61.66
N MET A 107 -4.31 -12.19 61.36
CA MET A 107 -5.43 -11.76 60.47
C MET A 107 -6.71 -11.56 61.28
N THR A 108 -7.43 -10.52 61.00
CA THR A 108 -8.70 -10.26 61.76
C THR A 108 -9.76 -11.28 61.37
N GLU A 109 -10.84 -11.33 62.11
CA GLU A 109 -11.92 -12.31 61.79
C GLU A 109 -12.42 -12.09 60.35
N GLU A 110 -12.38 -10.87 59.89
CA GLU A 110 -12.85 -10.59 58.50
C GLU A 110 -11.75 -10.97 57.49
N GLU A 111 -10.50 -10.77 57.85
CA GLU A 111 -9.39 -11.12 56.92
C GLU A 111 -9.51 -12.59 56.50
N GLN A 112 -9.42 -13.49 57.45
CA GLN A 112 -9.55 -14.94 57.11
C GLN A 112 -10.91 -15.19 56.45
N ILE A 113 -11.89 -14.40 56.81
CA ILE A 113 -13.24 -14.57 56.21
C ILE A 113 -13.20 -14.15 54.74
N ALA A 114 -12.44 -13.14 54.42
CA ALA A 114 -12.35 -12.69 53.01
C ALA A 114 -11.75 -13.80 52.15
N TYR A 115 -10.89 -14.60 52.74
CA TYR A 115 -10.26 -15.72 51.97
C TYR A 115 -11.19 -16.93 51.95
N ALA A 116 -11.78 -17.26 53.08
CA ALA A 116 -12.70 -18.43 53.14
C ALA A 116 -14.02 -18.11 52.43
N MET A 117 -14.40 -16.86 52.41
CA MET A 117 -15.67 -16.48 51.73
C MET A 117 -15.43 -16.31 50.23
N GLN A 118 -14.22 -16.04 49.83
CA GLN A 118 -13.92 -15.87 48.38
C GLN A 118 -13.86 -17.24 47.70
N MET A 119 -13.40 -18.24 48.39
CA MET A 119 -13.32 -19.60 47.79
C MET A 119 -14.67 -20.32 47.93
N SER A 120 -15.43 -19.99 48.94
CA SER A 120 -16.74 -20.65 49.14
C SER A 120 -17.79 -20.08 48.18
N LEU A 121 -17.58 -18.87 47.73
CA LEU A 121 -18.56 -18.24 46.79
C LEU A 121 -18.47 -18.91 45.41
N GLN A 122 -18.81 -20.17 45.33
CA GLN A 122 -18.74 -20.89 44.01
C GLN A 122 -17.37 -20.70 43.37
N GLY A 123 -16.33 -20.69 44.16
CA GLY A 123 -14.96 -20.51 43.60
C GLY A 123 -14.09 -21.72 43.95
N ALA A 124 -14.05 -22.70 43.08
CA ALA A 124 -13.23 -23.91 43.37
C ALA A 124 -12.93 -24.67 42.06
N GLU A 125 -11.70 -24.66 41.63
CA GLU A 125 -11.35 -25.37 40.37
C GLU A 125 -11.56 -26.88 40.55
N PHE A 126 -11.15 -27.42 41.66
CA PHE A 126 -11.33 -28.88 41.90
C PHE A 126 -11.84 -29.14 43.32
N GLY A 127 -13.08 -28.82 43.57
CA GLY A 127 -13.65 -29.04 44.92
C GLY A 127 -15.14 -29.38 44.81
N GLN A 128 -15.48 -30.32 43.97
CA GLN A 128 -16.91 -30.70 43.81
C GLN A 128 -17.02 -32.14 43.32
N ALA A 129 -17.53 -33.03 44.13
CA ALA A 129 -17.66 -34.45 43.71
C ALA A 129 -19.13 -34.91 43.83
N GLU A 130 -19.62 -35.02 45.03
CA GLU A 130 -21.04 -35.46 45.20
C GLU A 130 -21.81 -34.43 46.03
N SER A 131 -22.23 -33.35 45.41
CA SER A 131 -22.99 -32.31 46.17
C SER A 131 -24.17 -31.81 45.34
N ALA A 132 -23.90 -31.10 44.27
CA ALA A 132 -25.01 -30.59 43.41
C ALA A 132 -24.55 -30.46 41.97
N HIS A 21 33.54 -22.83 -20.65
CA HIS A 21 34.89 -23.17 -20.11
C HIS A 21 34.77 -23.82 -18.74
N MET A 22 34.47 -23.05 -17.73
CA MET A 22 34.33 -23.62 -16.35
C MET A 22 33.67 -22.60 -15.43
N LEU A 23 33.74 -22.84 -14.15
CA LEU A 23 33.14 -21.88 -13.18
C LEU A 23 34.24 -21.19 -12.38
N GLY A 24 35.42 -21.13 -12.95
CA GLY A 24 36.56 -20.48 -12.23
C GLY A 24 36.72 -19.04 -12.73
N LEU A 25 37.46 -18.85 -13.80
CA LEU A 25 37.66 -17.47 -14.33
C LEU A 25 36.58 -17.15 -15.38
N GLY A 26 36.16 -18.14 -16.13
CA GLY A 26 35.11 -17.90 -17.16
C GLY A 26 33.74 -18.17 -16.57
N ALA A 27 33.39 -17.50 -15.50
CA ALA A 27 32.05 -17.72 -14.88
C ALA A 27 31.38 -16.37 -14.59
N SER A 28 31.97 -15.57 -13.75
CA SER A 28 31.37 -14.24 -13.42
C SER A 28 32.08 -13.13 -14.21
N ASP A 29 32.61 -13.46 -15.35
CA ASP A 29 33.32 -12.42 -16.17
C ASP A 29 32.30 -11.54 -16.88
N PHE A 30 31.18 -12.11 -17.28
CA PHE A 30 30.15 -11.30 -17.98
C PHE A 30 28.76 -11.91 -17.76
N GLU A 31 28.59 -12.63 -16.68
CA GLU A 31 27.26 -13.26 -16.41
C GLU A 31 26.22 -12.17 -16.08
N PHE A 32 25.35 -11.88 -17.00
CA PHE A 32 24.31 -10.83 -16.75
C PHE A 32 24.96 -9.53 -16.29
N GLY A 33 26.07 -9.16 -16.89
CA GLY A 33 26.75 -7.91 -16.49
C GLY A 33 27.20 -7.15 -17.73
N VAL A 34 26.50 -7.29 -18.82
CA VAL A 34 26.90 -6.57 -20.07
C VAL A 34 25.65 -6.14 -20.85
N ASP A 35 24.65 -6.99 -20.93
CA ASP A 35 23.42 -6.62 -21.68
C ASP A 35 22.17 -7.01 -20.86
N PRO A 36 21.05 -6.44 -21.25
CA PRO A 36 19.78 -6.71 -20.52
C PRO A 36 19.44 -8.19 -20.49
N SER A 37 20.17 -8.94 -19.70
CA SER A 37 19.91 -10.40 -19.59
C SER A 37 20.17 -11.07 -20.94
N ALA A 38 21.15 -10.57 -21.65
CA ALA A 38 21.50 -11.12 -22.99
C ALA A 38 20.23 -11.57 -23.74
N ASP A 39 19.16 -10.83 -23.61
CA ASP A 39 17.91 -11.20 -24.31
C ASP A 39 16.89 -10.07 -24.19
N PRO A 40 16.47 -9.59 -25.33
CA PRO A 40 15.49 -8.48 -25.37
C PRO A 40 14.10 -8.97 -24.95
N GLU A 41 13.80 -10.21 -25.22
CA GLU A 41 12.47 -10.76 -24.84
C GLU A 41 12.33 -10.78 -23.31
N LEU A 42 13.37 -11.14 -22.62
CA LEU A 42 13.32 -11.18 -21.13
C LEU A 42 13.26 -9.76 -20.58
N ALA A 43 13.88 -8.83 -21.26
CA ALA A 43 13.86 -7.41 -20.78
C ALA A 43 12.43 -6.87 -20.82
N LEU A 44 11.73 -7.11 -21.90
CA LEU A 44 10.33 -6.60 -22.00
C LEU A 44 9.47 -7.24 -20.92
N ALA A 45 9.66 -8.51 -20.66
CA ALA A 45 8.85 -9.19 -19.61
C ALA A 45 9.15 -8.57 -18.24
N LEU A 46 10.35 -8.11 -18.02
CA LEU A 46 10.69 -7.49 -16.71
C LEU A 46 10.00 -6.13 -16.57
N ARG A 47 9.67 -5.51 -17.67
CA ARG A 47 8.99 -4.19 -17.61
C ARG A 47 7.51 -4.41 -17.31
N VAL A 48 6.98 -5.53 -17.72
CA VAL A 48 5.55 -5.83 -17.45
C VAL A 48 5.38 -6.27 -15.99
N SER A 49 6.41 -6.82 -15.41
CA SER A 49 6.32 -7.26 -13.99
C SER A 49 6.39 -6.05 -13.05
N MET A 50 7.34 -5.17 -13.28
CA MET A 50 7.46 -3.96 -12.40
C MET A 50 6.22 -3.08 -12.54
N GLU A 51 5.75 -2.88 -13.75
CA GLU A 51 4.54 -2.03 -13.95
C GLU A 51 3.32 -2.68 -13.28
N GLU A 52 3.21 -3.98 -13.37
CA GLU A 52 2.04 -4.66 -12.73
C GLU A 52 2.10 -4.52 -11.21
N GLN A 53 3.26 -4.74 -10.62
CA GLN A 53 3.37 -4.61 -9.14
C GLN A 53 3.06 -3.17 -8.71
N ARG A 54 3.44 -2.21 -9.51
CA ARG A 54 3.16 -0.79 -9.14
C ARG A 54 1.64 -0.54 -9.12
N GLN A 55 0.93 -1.09 -10.05
CA GLN A 55 -0.55 -0.90 -10.08
C GLN A 55 -1.19 -1.50 -8.83
N ARG A 56 -0.61 -2.55 -8.31
CA ARG A 56 -1.18 -3.19 -7.09
C ARG A 56 -0.68 -2.48 -5.83
N GLN A 57 0.59 -2.21 -5.76
CA GLN A 57 1.14 -1.52 -4.56
C GLN A 57 0.53 -0.13 -4.41
N GLU A 58 0.12 0.47 -5.50
CA GLU A 58 -0.49 1.83 -5.44
C GLU A 58 -1.98 1.71 -5.12
N GLU A 59 -2.73 1.00 -5.93
CA GLU A 59 -4.19 0.84 -5.66
C GLU A 59 -4.39 0.37 -4.23
N GLU A 60 -3.49 -0.45 -3.74
CA GLU A 60 -3.61 -0.93 -2.34
C GLU A 60 -3.03 0.12 -1.38
N ALA A 61 -2.01 0.81 -1.80
CA ALA A 61 -1.40 1.87 -0.93
C ALA A 61 -2.43 2.98 -0.69
N ARG A 62 -2.99 3.51 -1.75
CA ARG A 62 -3.99 4.60 -1.58
C ARG A 62 -5.22 4.07 -0.85
N ARG A 63 -5.52 2.80 -1.00
CA ARG A 63 -6.70 2.22 -0.29
C ARG A 63 -6.53 2.44 1.21
N ALA A 64 -5.35 2.22 1.72
CA ALA A 64 -5.13 2.44 3.18
C ALA A 64 -5.14 3.94 3.48
N ALA A 65 -4.86 4.75 2.48
CA ALA A 65 -4.86 6.23 2.69
C ALA A 65 -6.28 6.71 2.94
N ALA A 66 -7.26 6.00 2.45
CA ALA A 66 -8.68 6.44 2.66
C ALA A 66 -9.23 5.83 3.94
N ALA A 67 -8.81 4.63 4.28
CA ALA A 67 -9.32 3.98 5.52
C ALA A 67 -8.70 4.64 6.76
N SER A 68 -7.53 5.20 6.62
CA SER A 68 -6.87 5.86 7.79
C SER A 68 -7.17 7.37 7.79
N ALA A 69 -7.42 7.94 6.64
CA ALA A 69 -7.71 9.39 6.58
C ALA A 69 -9.12 9.68 7.12
N ALA A 70 -10.02 8.76 6.95
CA ALA A 70 -11.41 8.97 7.45
C ALA A 70 -11.59 8.32 8.83
N GLU A 71 -10.52 7.87 9.44
CA GLU A 71 -10.63 7.23 10.78
C GLU A 71 -9.88 8.04 11.83
N ALA A 72 -8.81 8.68 11.44
CA ALA A 72 -8.02 9.50 12.41
C ALA A 72 -8.16 10.98 12.09
N GLY A 73 -8.41 11.32 10.86
CA GLY A 73 -8.55 12.75 10.48
C GLY A 73 -10.01 13.19 10.62
N ILE A 74 -10.93 12.24 10.65
CA ILE A 74 -12.37 12.61 10.79
C ILE A 74 -12.60 13.40 12.07
N ALA A 75 -11.78 13.19 13.07
CA ALA A 75 -11.95 13.94 14.35
C ALA A 75 -10.89 15.05 14.45
N THR A 76 -11.26 16.26 14.14
CA THR A 76 -10.29 17.39 14.22
C THR A 76 -11.01 18.73 14.20
N THR A 77 -11.94 18.94 15.10
CA THR A 77 -12.68 20.23 15.14
C THR A 77 -12.23 21.09 16.32
N GLY A 78 -11.50 20.51 17.25
CA GLY A 78 -11.02 21.29 18.42
C GLY A 78 -9.50 21.32 18.43
N THR A 79 -8.88 21.26 17.27
CA THR A 79 -7.40 21.27 17.21
C THR A 79 -6.87 22.71 17.26
N GLU A 80 -7.20 23.44 18.29
CA GLU A 80 -6.72 24.85 18.39
C GLU A 80 -6.24 25.14 19.82
N ASP A 81 -5.28 24.39 20.29
CA ASP A 81 -4.77 24.62 21.67
C ASP A 81 -3.27 24.94 21.64
N SER A 82 -2.53 24.23 20.84
CA SER A 82 -1.05 24.48 20.76
C SER A 82 -0.64 24.79 19.31
N ASP A 83 -0.73 26.03 18.92
CA ASP A 83 -0.34 26.39 17.52
C ASP A 83 1.13 26.06 17.28
N ASP A 84 1.95 26.14 18.29
CA ASP A 84 3.39 25.79 18.11
C ASP A 84 3.55 24.29 18.02
N ALA A 85 2.66 23.56 18.63
CA ALA A 85 2.75 22.07 18.55
C ALA A 85 2.58 21.65 17.10
N LEU A 86 1.64 22.24 16.41
CA LEU A 86 1.44 21.89 14.99
C LEU A 86 2.68 22.32 14.20
N LEU A 87 3.34 23.35 14.65
CA LEU A 87 4.58 23.82 13.95
C LEU A 87 5.75 22.89 14.28
N LYS A 88 5.86 22.46 15.52
CA LYS A 88 6.98 21.56 15.91
C LYS A 88 6.67 20.12 15.46
N MET A 89 5.53 19.61 15.83
CA MET A 89 5.19 18.21 15.42
C MET A 89 5.35 18.03 13.91
N THR A 90 4.95 19.01 13.13
CA THR A 90 5.08 18.90 11.65
C THR A 90 6.56 18.88 11.24
N ILE A 91 7.35 19.76 11.79
CA ILE A 91 8.79 19.78 11.42
C ILE A 91 9.55 18.69 12.19
N SER A 92 8.97 18.16 13.22
CA SER A 92 9.65 17.09 14.01
C SER A 92 9.71 15.80 13.17
N GLN A 93 8.63 15.46 12.53
CA GLN A 93 8.62 14.23 11.69
C GLN A 93 9.30 14.51 10.35
N GLN A 94 9.25 15.73 9.89
CA GLN A 94 9.90 16.07 8.59
C GLN A 94 11.42 16.19 8.77
N GLU A 95 11.83 16.78 9.86
CA GLU A 95 13.30 16.94 10.11
C GLU A 95 13.94 15.56 10.32
N PHE A 96 13.40 14.78 11.22
CA PHE A 96 13.97 13.43 11.48
C PHE A 96 13.59 12.47 10.36
N GLY A 97 14.51 12.19 9.47
CA GLY A 97 14.21 11.26 8.35
C GLY A 97 14.84 11.79 7.06
N ARG A 98 14.55 13.02 6.71
CA ARG A 98 15.12 13.61 5.47
C ARG A 98 16.25 14.56 5.82
N THR A 99 17.49 14.12 5.70
CA THR A 99 18.63 15.01 6.03
C THR A 99 19.85 14.62 5.19
N GLY A 100 19.87 14.97 3.93
CA GLY A 100 21.02 14.64 3.06
C GLY A 100 21.70 15.91 2.59
N LEU A 101 22.02 16.80 3.50
CA LEU A 101 22.68 18.08 3.10
C LEU A 101 23.36 18.72 4.31
N PRO A 102 24.63 18.42 4.47
CA PRO A 102 25.40 18.98 5.61
C PRO A 102 25.70 20.47 5.37
N ASP A 103 25.54 20.94 4.17
CA ASP A 103 25.81 22.38 3.87
C ASP A 103 27.22 22.77 4.33
N LEU A 104 28.21 22.50 3.52
CA LEU A 104 29.61 22.84 3.90
C LEU A 104 29.78 24.37 3.94
N SER A 105 28.93 25.09 3.27
CA SER A 105 29.04 26.58 3.27
C SER A 105 28.95 27.13 4.71
N SER A 106 28.34 26.38 5.59
CA SER A 106 28.22 26.85 7.01
C SER A 106 29.34 26.25 7.86
N MET A 107 30.46 25.94 7.26
CA MET A 107 31.59 25.35 8.04
C MET A 107 32.87 26.17 7.82
N THR A 108 33.76 26.13 8.76
CA THR A 108 35.04 26.91 8.61
C THR A 108 36.03 26.13 7.73
N GLU A 109 37.10 26.77 7.32
CA GLU A 109 38.11 26.07 6.48
C GLU A 109 38.64 24.83 7.20
N GLU A 110 38.65 24.85 8.51
CA GLU A 110 39.14 23.68 9.28
C GLU A 110 38.06 22.61 9.35
N GLU A 111 36.82 23.01 9.49
CA GLU A 111 35.70 22.02 9.56
C GLU A 111 35.74 21.11 8.34
N GLN A 112 35.58 21.67 7.16
CA GLN A 112 35.63 20.83 5.93
C GLN A 112 36.98 20.14 5.84
N ILE A 113 38.00 20.72 6.41
CA ILE A 113 39.36 20.09 6.38
C ILE A 113 39.35 18.81 7.23
N ALA A 114 38.78 18.88 8.40
CA ALA A 114 38.74 17.67 9.27
C ALA A 114 38.03 16.53 8.54
N TYR A 115 37.04 16.86 7.74
CA TYR A 115 36.30 15.82 6.98
C TYR A 115 37.06 15.46 5.70
N ALA A 116 37.83 16.39 5.19
CA ALA A 116 38.60 16.10 3.94
C ALA A 116 39.86 15.29 4.27
N MET A 117 40.47 15.53 5.40
CA MET A 117 41.68 14.78 5.79
C MET A 117 41.27 13.39 6.32
N GLN A 118 40.08 13.29 6.83
CA GLN A 118 39.62 11.97 7.35
C GLN A 118 39.24 11.06 6.19
N MET A 119 38.76 11.62 5.12
CA MET A 119 38.37 10.79 3.94
C MET A 119 39.62 10.32 3.20
N SER A 120 40.62 11.17 3.09
CA SER A 120 41.87 10.77 2.39
C SER A 120 42.56 9.63 3.13
N LEU A 121 42.72 9.76 4.42
CA LEU A 121 43.39 8.69 5.21
C LEU A 121 42.55 7.42 5.18
N GLN A 122 41.25 7.54 5.21
CA GLN A 122 40.36 6.34 5.18
C GLN A 122 39.88 6.08 3.75
N GLY A 123 40.79 5.90 2.84
CA GLY A 123 40.38 5.64 1.42
C GLY A 123 39.67 4.29 1.34
N ALA A 124 40.13 3.32 2.08
CA ALA A 124 39.49 1.98 2.05
C ALA A 124 39.46 1.37 3.46
N GLU A 125 38.40 1.57 4.18
CA GLU A 125 38.31 1.00 5.56
C GLU A 125 38.29 -0.53 5.50
N PHE A 126 37.65 -1.08 4.51
CA PHE A 126 37.59 -2.57 4.38
C PHE A 126 37.85 -2.99 2.94
N GLY A 127 37.25 -2.32 2.00
CA GLY A 127 37.47 -2.69 0.57
C GLY A 127 36.81 -4.04 0.28
N GLN A 128 35.50 -4.08 0.22
CA GLN A 128 34.80 -5.37 -0.06
C GLN A 128 33.49 -5.11 -0.81
N ALA A 129 33.57 -4.70 -2.04
CA ALA A 129 32.34 -4.43 -2.83
C ALA A 129 32.67 -4.26 -4.31
N GLU A 130 32.39 -5.27 -5.11
CA GLU A 130 32.70 -5.18 -6.56
C GLU A 130 34.15 -4.76 -6.80
N SER A 131 35.03 -5.71 -6.97
CA SER A 131 36.47 -5.37 -7.20
C SER A 131 36.66 -4.82 -8.60
N ALA A 132 37.89 -4.66 -9.02
CA ALA A 132 38.15 -4.13 -10.39
C ALA A 132 37.79 -5.17 -11.45
N HIS A 21 32.15 -25.12 -23.73
CA HIS A 21 33.21 -26.16 -23.57
C HIS A 21 34.29 -25.68 -22.58
N MET A 22 33.90 -24.96 -21.57
CA MET A 22 34.89 -24.45 -20.57
C MET A 22 35.21 -25.55 -19.55
N LEU A 23 35.99 -25.22 -18.56
CA LEU A 23 36.33 -26.23 -17.52
C LEU A 23 35.68 -25.83 -16.19
N GLY A 24 34.60 -25.11 -16.25
CA GLY A 24 33.91 -24.68 -15.01
C GLY A 24 32.72 -25.60 -14.73
N LEU A 25 31.57 -25.04 -14.46
CA LEU A 25 30.38 -25.89 -14.18
C LEU A 25 29.36 -25.75 -15.31
N GLY A 26 29.33 -24.62 -15.96
CA GLY A 26 28.36 -24.42 -17.07
C GLY A 26 28.85 -23.29 -17.98
N ALA A 27 29.01 -23.55 -19.25
CA ALA A 27 29.48 -22.50 -20.19
C ALA A 27 28.30 -21.85 -20.92
N SER A 28 27.16 -21.81 -20.28
CA SER A 28 25.97 -21.19 -20.94
C SER A 28 25.12 -20.44 -19.92
N ASP A 29 25.72 -19.98 -18.85
CA ASP A 29 24.95 -19.25 -17.81
C ASP A 29 25.08 -17.73 -18.00
N PHE A 30 26.03 -17.30 -18.81
CA PHE A 30 26.21 -15.84 -19.05
C PHE A 30 25.14 -15.33 -20.03
N GLU A 31 23.96 -15.08 -19.55
CA GLU A 31 22.88 -14.57 -20.45
C GLU A 31 21.72 -14.00 -19.64
N PHE A 32 22.00 -13.38 -18.53
CA PHE A 32 20.92 -12.80 -17.69
C PHE A 32 21.51 -11.92 -16.58
N GLY A 33 22.54 -12.40 -15.93
CA GLY A 33 23.17 -11.60 -14.84
C GLY A 33 24.29 -10.73 -15.41
N VAL A 34 24.73 -11.02 -16.61
CA VAL A 34 25.83 -10.20 -17.21
C VAL A 34 25.26 -8.90 -17.79
N ASP A 35 24.37 -9.00 -18.74
CA ASP A 35 23.77 -7.78 -19.34
C ASP A 35 22.36 -8.08 -19.88
N PRO A 36 21.57 -7.04 -19.97
CA PRO A 36 20.17 -7.20 -20.46
C PRO A 36 20.18 -7.50 -21.96
N SER A 37 21.26 -7.23 -22.63
CA SER A 37 21.32 -7.50 -24.10
C SER A 37 21.19 -8.99 -24.37
N ALA A 38 21.38 -9.81 -23.37
CA ALA A 38 21.26 -11.29 -23.58
C ALA A 38 19.89 -11.64 -24.16
N ASP A 39 18.89 -10.85 -23.86
CA ASP A 39 17.52 -11.13 -24.40
C ASP A 39 16.61 -9.93 -24.16
N PRO A 40 16.13 -9.37 -25.24
CA PRO A 40 15.24 -8.19 -25.14
C PRO A 40 13.84 -8.62 -24.68
N GLU A 41 13.40 -9.77 -25.11
CA GLU A 41 12.04 -10.25 -24.70
C GLU A 41 11.97 -10.42 -23.18
N LEU A 42 13.03 -10.92 -22.59
CA LEU A 42 13.03 -11.10 -21.11
C LEU A 42 13.12 -9.75 -20.41
N ALA A 43 13.79 -8.80 -21.01
CA ALA A 43 13.92 -7.45 -20.38
C ALA A 43 12.58 -6.72 -20.45
N LEU A 44 11.91 -6.79 -21.57
CA LEU A 44 10.60 -6.09 -21.69
C LEU A 44 9.54 -6.82 -20.87
N ALA A 45 9.50 -8.13 -20.95
CA ALA A 45 8.48 -8.89 -20.16
C ALA A 45 8.70 -8.67 -18.67
N LEU A 46 9.94 -8.53 -18.24
CA LEU A 46 10.21 -8.30 -16.81
C LEU A 46 9.87 -6.85 -16.41
N ARG A 47 9.81 -5.96 -17.37
CA ARG A 47 9.47 -4.55 -17.05
C ARG A 47 7.95 -4.43 -16.91
N VAL A 48 7.22 -5.24 -17.64
CA VAL A 48 5.74 -5.19 -17.55
C VAL A 48 5.27 -5.89 -16.27
N SER A 49 6.02 -6.85 -15.80
CA SER A 49 5.64 -7.59 -14.56
C SER A 49 5.96 -6.73 -13.33
N MET A 50 7.05 -6.01 -13.37
CA MET A 50 7.42 -5.16 -12.21
C MET A 50 6.44 -3.99 -12.08
N GLU A 51 5.99 -3.45 -13.19
CA GLU A 51 5.03 -2.31 -13.13
C GLU A 51 3.68 -2.80 -12.60
N GLU A 52 3.24 -3.95 -13.03
CA GLU A 52 1.93 -4.48 -12.54
C GLU A 52 1.96 -4.66 -11.03
N GLN A 53 3.02 -5.23 -10.51
CA GLN A 53 3.12 -5.43 -9.04
C GLN A 53 3.05 -4.08 -8.32
N ARG A 54 3.57 -3.05 -8.92
CA ARG A 54 3.53 -1.70 -8.28
C ARG A 54 2.10 -1.16 -8.30
N GLN A 55 1.37 -1.41 -9.35
CA GLN A 55 -0.03 -0.91 -9.43
C GLN A 55 -0.86 -1.48 -8.28
N ARG A 56 -0.67 -2.74 -7.97
CA ARG A 56 -1.44 -3.35 -6.85
C ARG A 56 -0.97 -2.78 -5.51
N GLN A 57 0.32 -2.71 -5.31
CA GLN A 57 0.85 -2.16 -4.03
C GLN A 57 0.48 -0.67 -3.91
N GLU A 58 0.25 -0.01 -5.01
CA GLU A 58 -0.12 1.43 -4.97
C GLU A 58 -1.63 1.56 -4.74
N GLU A 59 -2.42 1.00 -5.61
CA GLU A 59 -3.91 1.07 -5.43
C GLU A 59 -4.27 0.59 -4.03
N GLU A 60 -3.53 -0.35 -3.51
CA GLU A 60 -3.80 -0.84 -2.13
C GLU A 60 -3.14 0.10 -1.12
N ALA A 61 -2.01 0.67 -1.48
CA ALA A 61 -1.32 1.61 -0.54
C ALA A 61 -2.20 2.84 -0.32
N ARG A 62 -2.60 3.49 -1.39
CA ARG A 62 -3.46 4.69 -1.24
C ARG A 62 -4.82 4.28 -0.67
N ARG A 63 -5.26 3.09 -0.96
CA ARG A 63 -6.57 2.61 -0.42
C ARG A 63 -6.58 2.79 1.09
N ALA A 64 -5.52 2.41 1.75
CA ALA A 64 -5.44 2.57 3.23
C ALA A 64 -5.25 4.05 3.56
N ALA A 65 -4.69 4.81 2.65
CA ALA A 65 -4.48 6.26 2.92
C ALA A 65 -5.82 6.98 3.00
N ALA A 66 -6.79 6.55 2.22
CA ALA A 66 -8.13 7.21 2.26
C ALA A 66 -9.00 6.58 3.34
N ALA A 67 -8.91 5.28 3.51
CA ALA A 67 -9.73 4.61 4.56
C ALA A 67 -9.35 5.13 5.94
N SER A 68 -8.07 5.39 6.16
CA SER A 68 -7.64 5.91 7.48
C SER A 68 -7.91 7.42 7.58
N ALA A 69 -7.82 8.11 6.48
CA ALA A 69 -8.07 9.58 6.50
C ALA A 69 -9.57 9.85 6.71
N ALA A 70 -10.41 8.96 6.27
CA ALA A 70 -11.87 9.16 6.43
C ALA A 70 -12.36 8.45 7.71
N GLU A 71 -11.45 8.12 8.60
CA GLU A 71 -11.86 7.43 9.86
C GLU A 71 -11.15 8.08 11.05
N ALA A 72 -9.88 8.34 10.92
CA ALA A 72 -9.13 8.96 12.04
C ALA A 72 -9.51 10.45 12.15
N GLY A 73 -9.91 11.05 11.07
CA GLY A 73 -10.30 12.49 11.11
C GLY A 73 -11.76 12.62 11.54
N ILE A 74 -12.65 12.76 10.60
CA ILE A 74 -14.09 12.89 10.95
C ILE A 74 -14.95 12.11 9.95
N ALA A 75 -14.64 12.19 8.68
CA ALA A 75 -15.45 11.45 7.66
C ALA A 75 -14.80 11.60 6.27
N THR A 76 -14.94 12.76 5.68
CA THR A 76 -14.33 12.98 4.33
C THR A 76 -13.19 13.99 4.41
N THR A 77 -12.72 14.46 3.29
CA THR A 77 -11.61 15.46 3.30
C THR A 77 -11.80 16.49 2.19
N GLY A 78 -12.57 17.52 2.46
CA GLY A 78 -12.80 18.56 1.42
C GLY A 78 -13.20 19.88 2.09
N THR A 79 -14.42 19.98 2.55
CA THR A 79 -14.87 21.24 3.22
C THR A 79 -15.56 20.91 4.55
N GLU A 80 -14.86 21.09 5.65
CA GLU A 80 -15.47 20.80 6.97
C GLU A 80 -15.07 21.87 7.99
N ASP A 81 -15.38 23.10 7.72
CA ASP A 81 -15.02 24.19 8.67
C ASP A 81 -16.00 24.21 9.84
N SER A 82 -17.27 24.11 9.56
CA SER A 82 -18.28 24.12 10.66
C SER A 82 -19.30 23.00 10.45
N ASP A 83 -19.20 21.95 11.22
CA ASP A 83 -20.15 20.81 11.08
C ASP A 83 -21.60 21.31 11.13
N ASP A 84 -21.87 22.33 11.90
CA ASP A 84 -23.25 22.86 11.98
C ASP A 84 -23.56 23.68 10.72
N ALA A 85 -22.56 24.30 10.17
CA ALA A 85 -22.80 25.10 8.93
C ALA A 85 -23.32 24.17 7.84
N LEU A 86 -22.64 23.07 7.63
CA LEU A 86 -23.12 22.10 6.60
C LEU A 86 -24.52 21.62 6.99
N LEU A 87 -24.82 21.60 8.27
CA LEU A 87 -26.17 21.17 8.72
C LEU A 87 -27.18 22.30 8.48
N LYS A 88 -26.74 23.52 8.62
CA LYS A 88 -27.66 24.68 8.40
C LYS A 88 -27.76 25.00 6.91
N MET A 89 -26.65 25.27 6.27
CA MET A 89 -26.68 25.59 4.81
C MET A 89 -27.44 24.51 4.03
N THR A 90 -27.29 23.26 4.40
CA THR A 90 -28.00 22.17 3.68
C THR A 90 -29.50 22.22 4.00
N ILE A 91 -29.85 22.49 5.23
CA ILE A 91 -31.29 22.54 5.59
C ILE A 91 -31.87 23.94 5.30
N SER A 92 -31.03 24.88 4.96
CA SER A 92 -31.53 26.25 4.66
C SER A 92 -31.99 26.34 3.20
N GLN A 93 -31.24 25.72 2.32
CA GLN A 93 -31.61 25.76 0.88
C GLN A 93 -32.47 24.54 0.52
N GLN A 94 -32.41 23.51 1.33
CA GLN A 94 -33.22 22.29 1.04
C GLN A 94 -34.56 22.34 1.78
N GLU A 95 -34.58 22.94 2.94
CA GLU A 95 -35.85 23.03 3.71
C GLU A 95 -36.59 24.32 3.36
N PHE A 96 -35.86 25.38 3.13
CA PHE A 96 -36.51 26.68 2.78
C PHE A 96 -36.13 27.11 1.37
N GLY A 97 -36.78 26.56 0.38
CA GLY A 97 -36.45 26.93 -1.03
C GLY A 97 -37.63 26.58 -1.94
N ARG A 98 -37.89 25.32 -2.12
CA ARG A 98 -39.04 24.90 -2.99
C ARG A 98 -40.20 24.41 -2.13
N THR A 99 -41.25 25.19 -2.04
CA THR A 99 -42.42 24.76 -1.21
C THR A 99 -43.73 25.19 -1.89
N GLY A 100 -43.70 25.51 -3.15
CA GLY A 100 -44.94 25.93 -3.85
C GLY A 100 -45.58 24.72 -4.52
N LEU A 101 -45.15 23.53 -4.18
CA LEU A 101 -45.75 22.31 -4.82
C LEU A 101 -45.17 21.04 -4.16
N PRO A 102 -45.88 20.53 -3.20
CA PRO A 102 -45.43 19.30 -2.49
C PRO A 102 -45.57 18.08 -3.40
N ASP A 103 -44.48 17.54 -3.86
CA ASP A 103 -44.55 16.34 -4.75
C ASP A 103 -44.67 15.06 -3.90
N LEU A 104 -45.83 14.84 -3.32
CA LEU A 104 -46.02 13.62 -2.49
C LEU A 104 -45.81 12.35 -3.33
N SER A 105 -46.01 12.45 -4.61
CA SER A 105 -45.82 11.26 -5.49
C SER A 105 -44.38 10.74 -5.38
N SER A 106 -43.44 11.62 -5.17
CA SER A 106 -42.02 11.18 -5.03
C SER A 106 -41.47 11.56 -3.66
N MET A 107 -42.23 11.31 -2.62
CA MET A 107 -41.76 11.65 -1.25
C MET A 107 -41.48 10.37 -0.46
N THR A 108 -40.42 10.36 0.32
CA THR A 108 -40.09 9.14 1.12
C THR A 108 -41.06 9.00 2.29
N GLU A 109 -41.01 7.88 2.97
CA GLU A 109 -41.91 7.67 4.14
C GLU A 109 -41.74 8.79 5.16
N GLU A 110 -40.54 9.30 5.29
CA GLU A 110 -40.30 10.40 6.27
C GLU A 110 -40.74 11.74 5.68
N GLU A 111 -40.59 11.91 4.39
CA GLU A 111 -40.99 13.20 3.75
C GLU A 111 -42.47 13.50 4.05
N GLN A 112 -43.36 12.64 3.61
CA GLN A 112 -44.81 12.86 3.88
C GLN A 112 -45.05 12.86 5.40
N ILE A 113 -44.20 12.21 6.14
CA ILE A 113 -44.36 12.16 7.62
C ILE A 113 -44.03 13.54 8.22
N ALA A 114 -42.96 14.15 7.76
CA ALA A 114 -42.60 15.50 8.30
C ALA A 114 -43.72 16.49 8.02
N TYR A 115 -44.45 16.29 6.95
CA TYR A 115 -45.57 17.21 6.60
C TYR A 115 -46.84 16.78 7.33
N ALA A 116 -47.15 15.50 7.30
CA ALA A 116 -48.38 15.01 7.99
C ALA A 116 -48.21 15.11 9.51
N MET A 117 -46.99 15.04 9.98
CA MET A 117 -46.76 15.13 11.45
C MET A 117 -46.73 16.60 11.88
N GLN A 118 -46.32 17.48 11.00
CA GLN A 118 -46.28 18.92 11.36
C GLN A 118 -47.70 19.46 11.52
N MET A 119 -48.63 18.94 10.75
CA MET A 119 -50.04 19.41 10.86
C MET A 119 -50.78 18.63 11.93
N SER A 120 -50.30 17.46 12.28
CA SER A 120 -50.99 16.64 13.33
C SER A 120 -50.57 17.12 14.73
N LEU A 121 -49.39 17.66 14.85
CA LEU A 121 -48.93 18.14 16.19
C LEU A 121 -49.85 19.25 16.70
N GLN A 122 -50.29 20.11 15.83
CA GLN A 122 -51.20 21.22 16.25
C GLN A 122 -52.64 20.93 15.81
N GLY A 123 -53.07 19.70 15.94
CA GLY A 123 -54.45 19.35 15.52
C GLY A 123 -55.35 19.24 16.76
N ALA A 124 -55.92 18.09 16.99
CA ALA A 124 -56.81 17.93 18.19
C ALA A 124 -57.00 16.44 18.51
N GLU A 125 -56.05 15.85 19.18
CA GLU A 125 -56.16 14.40 19.53
C GLU A 125 -56.99 14.23 20.81
N PHE A 126 -58.23 14.65 20.79
CA PHE A 126 -59.08 14.50 22.01
C PHE A 126 -60.56 14.44 21.61
N GLY A 127 -61.05 13.27 21.29
CA GLY A 127 -62.48 13.14 20.89
C GLY A 127 -62.60 13.28 19.38
N GLN A 128 -62.03 14.32 18.82
CA GLN A 128 -62.11 14.52 17.35
C GLN A 128 -60.89 13.92 16.66
N ALA A 129 -60.60 12.67 16.92
CA ALA A 129 -59.42 12.02 16.29
C ALA A 129 -59.85 11.29 15.01
N GLU A 130 -61.02 10.72 15.01
CA GLU A 130 -61.51 9.98 13.81
C GLU A 130 -60.59 8.80 13.48
N SER A 131 -59.47 9.06 12.88
CA SER A 131 -58.52 7.95 12.54
C SER A 131 -57.74 7.52 13.78
N ALA A 132 -57.51 6.24 13.93
CA ALA A 132 -56.76 5.76 15.13
C ALA A 132 -55.47 5.06 14.69
N HIS A 21 36.79 -1.76 -28.73
CA HIS A 21 35.73 -2.73 -29.15
C HIS A 21 34.61 -2.00 -29.89
N MET A 22 34.08 -2.59 -30.91
CA MET A 22 32.96 -1.93 -31.67
C MET A 22 31.62 -2.21 -30.98
N LEU A 23 30.56 -1.69 -31.54
CA LEU A 23 29.22 -1.92 -30.93
C LEU A 23 28.37 -2.80 -31.86
N GLY A 24 29.02 -3.59 -32.67
CA GLY A 24 28.27 -4.48 -33.60
C GLY A 24 27.84 -5.76 -32.88
N LEU A 25 28.15 -5.88 -31.62
CA LEU A 25 27.75 -7.11 -30.86
C LEU A 25 28.25 -8.37 -31.58
N GLY A 26 29.48 -8.72 -31.39
CA GLY A 26 30.03 -9.94 -32.07
C GLY A 26 29.53 -11.19 -31.36
N ALA A 27 28.97 -11.05 -30.18
CA ALA A 27 28.46 -12.25 -29.44
C ALA A 27 29.57 -13.29 -29.29
N SER A 28 30.81 -12.87 -29.31
CA SER A 28 31.94 -13.84 -29.17
C SER A 28 32.80 -13.46 -27.96
N ASP A 29 33.01 -12.19 -27.74
CA ASP A 29 33.85 -11.75 -26.58
C ASP A 29 33.23 -12.23 -25.27
N PHE A 30 31.93 -12.23 -25.18
CA PHE A 30 31.26 -12.69 -23.93
C PHE A 30 30.13 -13.67 -24.26
N GLU A 31 30.35 -14.95 -24.05
CA GLU A 31 29.30 -15.96 -24.36
C GLU A 31 28.73 -16.53 -23.06
N PHE A 32 28.45 -15.69 -22.10
CA PHE A 32 27.89 -16.18 -20.80
C PHE A 32 26.67 -15.34 -20.41
N GLY A 33 25.94 -14.85 -21.37
CA GLY A 33 24.73 -14.03 -21.04
C GLY A 33 24.72 -12.76 -21.90
N VAL A 34 25.87 -12.30 -22.32
CA VAL A 34 25.92 -11.07 -23.17
C VAL A 34 25.17 -9.92 -22.48
N ASP A 35 25.18 -9.90 -21.18
CA ASP A 35 24.48 -8.82 -20.42
C ASP A 35 22.98 -8.84 -20.76
N PRO A 36 22.24 -7.98 -20.09
CA PRO A 36 20.77 -7.92 -20.34
C PRO A 36 20.49 -7.34 -21.73
N SER A 37 21.46 -6.68 -22.31
CA SER A 37 21.24 -6.10 -23.67
C SER A 37 21.10 -7.22 -24.71
N ALA A 38 21.59 -8.40 -24.40
CA ALA A 38 21.47 -9.53 -25.36
C ALA A 38 20.01 -9.74 -25.78
N ASP A 39 19.10 -9.46 -24.90
CA ASP A 39 17.66 -9.64 -25.24
C ASP A 39 16.80 -8.61 -24.50
N PRO A 40 16.27 -7.69 -25.25
CA PRO A 40 15.42 -6.62 -24.66
C PRO A 40 14.04 -7.18 -24.31
N GLU A 41 13.50 -8.03 -25.14
CA GLU A 41 12.15 -8.61 -24.85
C GLU A 41 12.15 -9.27 -23.47
N LEU A 42 13.20 -9.98 -23.14
CA LEU A 42 13.26 -10.65 -21.81
C LEU A 42 13.34 -9.60 -20.70
N ALA A 43 14.06 -8.52 -20.94
CA ALA A 43 14.18 -7.46 -19.90
C ALA A 43 12.83 -6.74 -19.75
N LEU A 44 12.12 -6.55 -20.82
CA LEU A 44 10.80 -5.86 -20.73
C LEU A 44 9.76 -6.79 -20.11
N ALA A 45 9.86 -8.06 -20.38
CA ALA A 45 8.88 -9.03 -19.80
C ALA A 45 8.97 -9.02 -18.27
N LEU A 46 10.16 -8.95 -17.74
CA LEU A 46 10.32 -8.94 -16.25
C LEU A 46 9.95 -7.55 -15.69
N ARG A 47 10.02 -6.54 -16.51
CA ARG A 47 9.67 -5.17 -16.03
C ARG A 47 8.14 -5.02 -16.01
N VAL A 48 7.46 -5.71 -16.89
CA VAL A 48 5.98 -5.62 -16.92
C VAL A 48 5.38 -6.47 -15.79
N SER A 49 6.06 -7.51 -15.40
CA SER A 49 5.54 -8.39 -14.30
C SER A 49 5.72 -7.68 -12.95
N MET A 50 6.87 -7.12 -12.72
CA MET A 50 7.12 -6.42 -11.42
C MET A 50 6.18 -5.22 -11.29
N GLU A 51 5.94 -4.52 -12.37
CA GLU A 51 5.04 -3.33 -12.31
C GLU A 51 3.59 -3.79 -12.05
N GLU A 52 3.21 -4.92 -12.58
CA GLU A 52 1.82 -5.41 -12.37
C GLU A 52 1.58 -5.67 -10.88
N GLN A 53 2.44 -6.40 -10.24
CA GLN A 53 2.27 -6.70 -8.79
C GLN A 53 2.23 -5.38 -7.99
N ARG A 54 2.95 -4.40 -8.43
CA ARG A 54 2.96 -3.10 -7.70
C ARG A 54 1.63 -2.36 -7.93
N GLN A 55 1.11 -2.41 -9.12
CA GLN A 55 -0.18 -1.72 -9.41
C GLN A 55 -1.27 -2.24 -8.47
N ARG A 56 -1.23 -3.50 -8.15
CA ARG A 56 -2.27 -4.07 -7.23
C ARG A 56 -2.02 -3.59 -5.80
N GLN A 57 -0.79 -3.58 -5.37
CA GLN A 57 -0.47 -3.11 -3.99
C GLN A 57 -0.62 -1.58 -3.91
N GLU A 58 -0.52 -0.92 -5.03
CA GLU A 58 -0.67 0.57 -5.03
C GLU A 58 -2.13 0.95 -4.85
N GLU A 59 -2.98 0.49 -5.74
CA GLU A 59 -4.44 0.82 -5.61
C GLU A 59 -4.92 0.44 -4.21
N GLU A 60 -4.32 -0.58 -3.64
CA GLU A 60 -4.71 -0.99 -2.26
C GLU A 60 -3.91 -0.16 -1.25
N ALA A 61 -2.69 0.20 -1.59
CA ALA A 61 -1.88 1.03 -0.65
C ALA A 61 -2.53 2.40 -0.50
N ARG A 62 -2.78 3.08 -1.59
CA ARG A 62 -3.42 4.41 -1.50
C ARG A 62 -4.83 4.27 -0.90
N ARG A 63 -5.48 3.16 -1.14
CA ARG A 63 -6.84 2.95 -0.57
C ARG A 63 -6.80 3.17 0.94
N ALA A 64 -5.80 2.62 1.59
CA ALA A 64 -5.69 2.82 3.07
C ALA A 64 -5.25 4.25 3.36
N ALA A 65 -4.61 4.89 2.42
CA ALA A 65 -4.16 6.29 2.62
C ALA A 65 -5.36 7.23 2.70
N ALA A 66 -6.40 6.93 1.96
CA ALA A 66 -7.61 7.81 1.98
C ALA A 66 -8.55 7.37 3.12
N ALA A 67 -8.69 6.09 3.33
CA ALA A 67 -9.59 5.61 4.42
C ALA A 67 -9.10 6.13 5.78
N SER A 68 -7.82 6.38 5.90
CA SER A 68 -7.28 6.89 7.19
C SER A 68 -7.20 8.42 7.17
N ALA A 69 -7.04 8.99 6.00
CA ALA A 69 -6.96 10.47 5.91
C ALA A 69 -8.31 11.11 6.26
N ALA A 70 -9.38 10.38 6.08
CA ALA A 70 -10.72 10.94 6.41
C ALA A 70 -10.80 11.32 7.90
N GLU A 71 -10.01 10.69 8.72
CA GLU A 71 -10.02 11.02 10.17
C GLU A 71 -9.43 12.42 10.41
N ALA A 72 -8.48 12.80 9.60
CA ALA A 72 -7.86 14.14 9.78
C ALA A 72 -8.74 15.22 9.14
N GLY A 73 -9.49 14.87 8.14
CA GLY A 73 -10.38 15.86 7.47
C GLY A 73 -11.75 15.85 8.14
N ILE A 74 -12.50 14.79 7.95
CA ILE A 74 -13.86 14.71 8.58
C ILE A 74 -13.95 13.45 9.45
N ALA A 75 -15.06 12.77 9.43
CA ALA A 75 -15.20 11.54 10.28
C ALA A 75 -16.31 10.64 9.72
N THR A 76 -17.54 11.09 9.78
CA THR A 76 -18.66 10.26 9.25
C THR A 76 -19.26 10.93 8.01
N THR A 77 -19.56 10.15 7.00
CA THR A 77 -20.15 10.73 5.76
C THR A 77 -21.53 10.12 5.50
N GLY A 78 -22.09 10.39 4.34
CA GLY A 78 -23.43 9.82 4.02
C GLY A 78 -23.59 9.73 2.49
N THR A 79 -23.07 8.69 1.90
CA THR A 79 -23.19 8.53 0.43
C THR A 79 -24.00 7.28 0.09
N GLU A 80 -25.19 7.16 0.60
CA GLU A 80 -26.03 5.96 0.31
C GLU A 80 -27.50 6.36 0.20
N ASP A 81 -27.86 7.03 -0.87
CA ASP A 81 -29.28 7.45 -1.05
C ASP A 81 -29.99 6.50 -2.01
N SER A 82 -29.52 6.43 -3.24
CA SER A 82 -30.17 5.53 -4.23
C SER A 82 -29.21 4.41 -4.62
N ASP A 83 -29.09 3.39 -3.80
CA ASP A 83 -28.16 2.26 -4.12
C ASP A 83 -28.61 1.57 -5.41
N ASP A 84 -29.89 1.57 -5.69
CA ASP A 84 -30.38 0.92 -6.93
C ASP A 84 -30.10 1.82 -8.12
N ALA A 85 -30.14 3.11 -7.92
CA ALA A 85 -29.86 4.04 -9.04
C ALA A 85 -28.44 3.78 -9.55
N LEU A 86 -27.53 3.50 -8.65
CA LEU A 86 -26.14 3.20 -9.06
C LEU A 86 -26.11 1.85 -9.77
N LEU A 87 -26.98 0.96 -9.39
CA LEU A 87 -27.03 -0.38 -10.04
C LEU A 87 -27.66 -0.25 -11.43
N LYS A 88 -28.69 0.54 -11.54
CA LYS A 88 -29.37 0.72 -12.86
C LYS A 88 -28.60 1.74 -13.72
N MET A 89 -28.35 2.91 -13.19
CA MET A 89 -27.62 3.93 -13.99
C MET A 89 -26.28 3.37 -14.50
N THR A 90 -25.59 2.62 -13.69
CA THR A 90 -24.29 2.04 -14.14
C THR A 90 -24.51 0.99 -15.22
N ILE A 91 -25.49 0.14 -15.07
CA ILE A 91 -25.74 -0.90 -16.10
C ILE A 91 -26.59 -0.34 -17.24
N SER A 92 -27.17 0.81 -17.04
CA SER A 92 -28.02 1.42 -18.12
C SER A 92 -27.11 2.01 -19.20
N GLN A 93 -26.10 2.74 -18.82
CA GLN A 93 -25.17 3.34 -19.82
C GLN A 93 -24.18 2.28 -20.32
N GLN A 94 -23.87 1.32 -19.50
CA GLN A 94 -22.92 0.25 -19.92
C GLN A 94 -23.62 -0.77 -20.82
N GLU A 95 -24.78 -1.22 -20.43
CA GLU A 95 -25.51 -2.20 -21.28
C GLU A 95 -25.84 -1.59 -22.64
N PHE A 96 -26.33 -0.38 -22.66
CA PHE A 96 -26.66 0.28 -23.95
C PHE A 96 -25.40 0.48 -24.80
N GLY A 97 -24.25 0.47 -24.17
CA GLY A 97 -22.98 0.66 -24.94
C GLY A 97 -22.39 -0.71 -25.29
N ARG A 98 -23.20 -1.73 -25.34
CA ARG A 98 -22.68 -3.09 -25.68
C ARG A 98 -22.94 -3.40 -27.15
N THR A 99 -23.36 -2.44 -27.92
CA THR A 99 -23.63 -2.70 -29.36
C THR A 99 -22.35 -2.50 -30.19
N GLY A 100 -21.42 -3.40 -30.10
CA GLY A 100 -20.16 -3.27 -30.89
C GLY A 100 -20.28 -4.04 -32.20
N LEU A 101 -21.48 -4.17 -32.70
CA LEU A 101 -21.69 -4.92 -33.98
C LEU A 101 -23.07 -4.58 -34.57
N PRO A 102 -23.07 -3.63 -35.48
CA PRO A 102 -24.34 -3.21 -36.12
C PRO A 102 -24.86 -4.30 -37.06
N ASP A 103 -24.07 -5.30 -37.33
CA ASP A 103 -24.52 -6.41 -38.24
C ASP A 103 -24.92 -5.82 -39.60
N LEU A 104 -24.03 -5.09 -40.22
CA LEU A 104 -24.36 -4.49 -41.55
C LEU A 104 -24.67 -5.59 -42.57
N SER A 105 -24.10 -6.76 -42.39
CA SER A 105 -24.37 -7.88 -43.33
C SER A 105 -25.85 -8.27 -43.31
N SER A 106 -26.55 -7.93 -42.24
CA SER A 106 -27.99 -8.27 -42.16
C SER A 106 -28.85 -7.09 -42.64
N MET A 107 -28.31 -6.25 -43.47
CA MET A 107 -29.09 -5.07 -43.96
C MET A 107 -28.95 -4.96 -45.49
N THR A 108 -29.90 -4.34 -46.13
CA THR A 108 -29.82 -4.19 -47.62
C THR A 108 -28.52 -3.46 -48.00
N GLU A 109 -28.05 -3.67 -49.20
CA GLU A 109 -26.79 -2.99 -49.63
C GLU A 109 -26.92 -1.48 -49.45
N GLU A 110 -28.12 -0.96 -49.50
CA GLU A 110 -28.30 0.51 -49.33
C GLU A 110 -28.39 0.87 -47.84
N GLU A 111 -28.98 0.00 -47.05
CA GLU A 111 -29.09 0.28 -45.59
C GLU A 111 -27.69 0.42 -44.99
N GLN A 112 -26.90 -0.61 -45.10
CA GLN A 112 -25.51 -0.55 -44.57
C GLN A 112 -24.75 0.57 -45.26
N ILE A 113 -25.20 0.97 -46.43
CA ILE A 113 -24.51 2.07 -47.16
C ILE A 113 -24.84 3.41 -46.49
N ALA A 114 -26.09 3.63 -46.18
CA ALA A 114 -26.48 4.91 -45.52
C ALA A 114 -25.69 5.09 -44.23
N TYR A 115 -25.41 4.01 -43.55
CA TYR A 115 -24.64 4.11 -42.28
C TYR A 115 -23.13 4.19 -42.60
N ALA A 116 -22.69 3.48 -43.60
CA ALA A 116 -21.24 3.52 -43.96
C ALA A 116 -20.89 4.86 -44.58
N MET A 117 -21.82 5.48 -45.26
CA MET A 117 -21.54 6.80 -45.89
C MET A 117 -21.65 7.91 -44.84
N GLN A 118 -22.42 7.68 -43.81
CA GLN A 118 -22.57 8.72 -42.75
C GLN A 118 -21.28 8.81 -41.92
N MET A 119 -20.64 7.69 -41.68
CA MET A 119 -19.38 7.71 -40.88
C MET A 119 -18.21 8.16 -41.75
N SER A 120 -18.29 7.95 -43.03
CA SER A 120 -17.18 8.35 -43.95
C SER A 120 -17.17 9.87 -44.11
N LEU A 121 -18.31 10.50 -44.01
CA LEU A 121 -18.37 11.99 -44.16
C LEU A 121 -18.10 12.67 -42.82
N GLN A 122 -17.01 12.34 -42.18
CA GLN A 122 -16.69 12.97 -40.86
C GLN A 122 -15.35 13.72 -40.94
N GLY A 123 -14.46 13.27 -41.78
CA GLY A 123 -13.14 13.95 -41.90
C GLY A 123 -12.10 13.18 -41.09
N ALA A 124 -11.96 11.91 -41.36
CA ALA A 124 -10.95 11.10 -40.60
C ALA A 124 -9.53 11.43 -41.08
N GLU A 125 -8.98 12.51 -40.59
CA GLU A 125 -7.60 12.90 -41.01
C GLU A 125 -6.61 11.77 -40.69
N PHE A 126 -6.90 10.99 -39.69
CA PHE A 126 -5.98 9.87 -39.32
C PHE A 126 -6.77 8.72 -38.67
N GLY A 127 -7.51 9.02 -37.62
CA GLY A 127 -8.29 7.95 -36.95
C GLY A 127 -8.44 8.29 -35.46
N GLN A 128 -7.37 8.64 -34.81
CA GLN A 128 -7.45 8.98 -33.36
C GLN A 128 -6.78 10.33 -33.10
N ALA A 129 -7.53 11.40 -33.13
CA ALA A 129 -6.94 12.75 -32.88
C ALA A 129 -8.05 13.76 -32.61
N GLU A 130 -8.68 13.68 -31.46
CA GLU A 130 -9.77 14.64 -31.12
C GLU A 130 -10.82 14.69 -32.24
N SER A 131 -11.83 13.88 -32.14
CA SER A 131 -12.89 13.86 -33.20
C SER A 131 -14.06 14.76 -32.79
N ALA A 132 -14.34 15.78 -33.55
CA ALA A 132 -15.47 16.69 -33.20
C ALA A 132 -16.77 16.19 -33.83
N HIS A 21 23.78 9.12 -15.00
CA HIS A 21 24.78 8.10 -15.46
C HIS A 21 24.07 6.99 -16.22
N MET A 22 24.70 6.45 -17.23
CA MET A 22 24.07 5.35 -18.02
C MET A 22 24.94 4.10 -17.98
N LEU A 23 24.60 3.10 -18.74
CA LEU A 23 25.41 1.84 -18.76
C LEU A 23 26.12 1.72 -20.11
N GLY A 24 26.34 2.82 -20.77
CA GLY A 24 27.02 2.78 -22.09
C GLY A 24 28.52 3.00 -21.90
N LEU A 25 29.23 2.00 -21.45
CA LEU A 25 30.70 2.15 -21.25
C LEU A 25 31.41 0.81 -21.45
N GLY A 26 31.23 -0.10 -20.53
CA GLY A 26 31.89 -1.43 -20.66
C GLY A 26 30.86 -2.48 -21.07
N ALA A 27 31.14 -3.23 -22.11
CA ALA A 27 30.17 -4.27 -22.57
C ALA A 27 30.77 -5.67 -22.37
N SER A 28 31.69 -5.82 -21.46
CA SER A 28 32.31 -7.15 -21.22
C SER A 28 32.16 -7.55 -19.75
N ASP A 29 32.34 -6.61 -18.85
CA ASP A 29 32.21 -6.93 -17.40
C ASP A 29 30.81 -7.43 -17.09
N PHE A 30 29.80 -6.82 -17.66
CA PHE A 30 28.40 -7.25 -17.39
C PHE A 30 27.63 -7.39 -18.71
N GLU A 31 27.49 -8.60 -19.20
CA GLU A 31 26.75 -8.81 -20.47
C GLU A 31 26.44 -10.30 -20.66
N PHE A 32 25.91 -10.93 -19.67
CA PHE A 32 25.58 -12.39 -19.79
C PHE A 32 24.34 -12.73 -18.98
N GLY A 33 23.47 -11.77 -18.77
CA GLY A 33 22.23 -12.04 -17.97
C GLY A 33 22.16 -11.07 -16.79
N VAL A 34 23.29 -10.66 -16.29
CA VAL A 34 23.30 -9.70 -15.14
C VAL A 34 22.60 -8.39 -15.52
N ASP A 35 22.50 -8.12 -16.81
CA ASP A 35 21.84 -6.86 -17.24
C ASP A 35 20.77 -7.17 -18.30
N PRO A 36 19.92 -6.20 -18.54
CA PRO A 36 18.84 -6.37 -19.54
C PRO A 36 19.42 -6.41 -20.96
N SER A 37 20.59 -5.88 -21.16
CA SER A 37 21.20 -5.90 -22.52
C SER A 37 21.38 -7.35 -23.00
N ALA A 38 21.43 -8.29 -22.09
CA ALA A 38 21.61 -9.71 -22.50
C ALA A 38 20.42 -10.16 -23.36
N ASP A 39 19.29 -9.52 -23.23
CA ASP A 39 18.11 -9.91 -24.04
C ASP A 39 17.01 -8.85 -23.89
N PRO A 40 16.59 -8.33 -25.01
CA PRO A 40 15.54 -7.29 -25.02
C PRO A 40 14.16 -7.92 -24.77
N GLU A 41 13.91 -9.07 -25.34
CA GLU A 41 12.59 -9.73 -25.14
C GLU A 41 12.41 -10.08 -23.66
N LEU A 42 13.44 -10.51 -23.01
CA LEU A 42 13.34 -10.86 -21.55
C LEU A 42 13.18 -9.59 -20.72
N ALA A 43 13.79 -8.51 -21.14
CA ALA A 43 13.68 -7.25 -20.36
C ALA A 43 12.28 -6.65 -20.52
N LEU A 44 11.68 -6.80 -21.67
CA LEU A 44 10.32 -6.25 -21.89
C LEU A 44 9.30 -7.01 -21.03
N ALA A 45 9.40 -8.30 -21.00
CA ALA A 45 8.44 -9.11 -20.18
C ALA A 45 8.68 -8.86 -18.69
N LEU A 46 9.91 -8.61 -18.32
CA LEU A 46 10.23 -8.35 -16.88
C LEU A 46 9.66 -6.99 -16.46
N ARG A 47 9.42 -6.11 -17.39
CA ARG A 47 8.88 -4.77 -17.05
C ARG A 47 7.35 -4.86 -16.94
N VAL A 48 6.75 -5.69 -17.74
CA VAL A 48 5.27 -5.83 -17.69
C VAL A 48 4.87 -6.59 -16.42
N SER A 49 5.72 -7.45 -15.94
CA SER A 49 5.39 -8.22 -14.71
C SER A 49 5.62 -7.36 -13.46
N MET A 50 6.73 -6.66 -13.41
CA MET A 50 7.02 -5.79 -12.23
C MET A 50 5.99 -4.66 -12.16
N GLU A 51 5.55 -4.19 -13.29
CA GLU A 51 4.55 -3.07 -13.29
C GLU A 51 3.18 -3.59 -12.84
N GLU A 52 2.84 -4.80 -13.21
CA GLU A 52 1.53 -5.37 -12.79
C GLU A 52 1.50 -5.58 -11.28
N GLN A 53 2.56 -6.10 -10.73
CA GLN A 53 2.61 -6.34 -9.26
C GLN A 53 2.52 -5.00 -8.52
N ARG A 54 3.11 -3.97 -9.05
CA ARG A 54 3.05 -2.63 -8.38
C ARG A 54 1.64 -2.07 -8.46
N GLN A 55 0.95 -2.32 -9.55
CA GLN A 55 -0.44 -1.79 -9.68
C GLN A 55 -1.33 -2.39 -8.58
N ARG A 56 -1.15 -3.64 -8.28
CA ARG A 56 -1.99 -4.27 -7.21
C ARG A 56 -1.57 -3.74 -5.84
N GLN A 57 -0.30 -3.52 -5.64
CA GLN A 57 0.18 -2.99 -4.33
C GLN A 57 -0.17 -1.50 -4.20
N GLU A 58 -0.32 -0.83 -5.31
CA GLU A 58 -0.66 0.63 -5.27
C GLU A 58 -2.15 0.80 -4.94
N GLU A 59 -3.00 0.16 -5.70
CA GLU A 59 -4.46 0.26 -5.42
C GLU A 59 -4.71 -0.14 -3.97
N GLU A 60 -3.93 -1.04 -3.47
CA GLU A 60 -4.08 -1.47 -2.05
C GLU A 60 -3.31 -0.52 -1.14
N ALA A 61 -2.17 -0.04 -1.59
CA ALA A 61 -1.39 0.90 -0.75
C ALA A 61 -2.14 2.23 -0.60
N ARG A 62 -2.47 2.86 -1.69
CA ARG A 62 -3.22 4.14 -1.63
C ARG A 62 -4.55 3.95 -0.92
N ARG A 63 -5.18 2.82 -1.11
CA ARG A 63 -6.49 2.57 -0.44
C ARG A 63 -6.34 2.71 1.07
N ALA A 64 -5.27 2.20 1.62
CA ALA A 64 -5.06 2.31 3.10
C ALA A 64 -4.70 3.75 3.45
N ALA A 65 -4.10 4.46 2.54
CA ALA A 65 -3.72 5.88 2.82
C ALA A 65 -4.97 6.77 2.82
N ALA A 66 -5.88 6.53 1.92
CA ALA A 66 -7.12 7.35 1.85
C ALA A 66 -7.97 7.11 3.10
N ALA A 67 -8.04 5.89 3.56
CA ALA A 67 -8.85 5.59 4.77
C ALA A 67 -8.25 6.29 6.00
N SER A 68 -6.94 6.40 6.04
CA SER A 68 -6.29 7.08 7.21
C SER A 68 -6.42 8.60 7.06
N ALA A 69 -6.04 9.14 5.94
CA ALA A 69 -6.14 10.61 5.74
C ALA A 69 -7.60 11.07 5.84
N ALA A 70 -8.53 10.18 5.59
CA ALA A 70 -9.96 10.55 5.68
C ALA A 70 -10.53 10.20 7.05
N GLU A 71 -9.68 10.06 8.04
CA GLU A 71 -10.17 9.71 9.41
C GLU A 71 -9.22 10.30 10.46
N ALA A 72 -7.98 9.92 10.44
CA ALA A 72 -7.01 10.44 11.44
C ALA A 72 -6.05 11.44 10.77
N GLY A 73 -6.50 12.10 9.75
CA GLY A 73 -5.61 13.08 9.05
C GLY A 73 -6.24 14.47 9.11
N ILE A 74 -7.01 14.83 8.12
CA ILE A 74 -7.67 16.17 8.11
C ILE A 74 -9.03 16.10 7.42
N ALA A 75 -9.82 15.13 7.76
CA ALA A 75 -11.16 15.01 7.11
C ALA A 75 -12.27 15.15 8.16
N THR A 76 -13.51 14.99 7.76
CA THR A 76 -14.63 15.11 8.74
C THR A 76 -15.81 14.24 8.29
N THR A 77 -15.59 12.96 8.12
CA THR A 77 -16.69 12.06 7.69
C THR A 77 -16.68 10.77 8.52
N GLY A 78 -17.69 9.96 8.40
CA GLY A 78 -17.73 8.69 9.19
C GLY A 78 -18.01 7.52 8.24
N THR A 79 -19.24 7.34 7.86
CA THR A 79 -19.59 6.21 6.94
C THR A 79 -20.74 6.61 6.01
N GLU A 80 -20.44 7.28 4.93
CA GLU A 80 -21.51 7.71 3.99
C GLU A 80 -21.28 7.09 2.61
N ASP A 81 -20.93 5.84 2.57
CA ASP A 81 -20.73 5.17 1.25
C ASP A 81 -22.01 5.34 0.45
N SER A 82 -22.03 6.32 -0.41
CA SER A 82 -23.25 6.59 -1.21
C SER A 82 -23.76 5.32 -1.89
N ASP A 83 -24.45 4.50 -1.14
CA ASP A 83 -24.98 3.23 -1.71
C ASP A 83 -25.86 3.52 -2.92
N ASP A 84 -26.48 4.68 -2.97
CA ASP A 84 -27.34 5.02 -4.13
C ASP A 84 -26.46 5.41 -5.31
N ALA A 85 -25.33 6.01 -5.05
CA ALA A 85 -24.43 6.39 -6.17
C ALA A 85 -24.01 5.12 -6.90
N LEU A 86 -23.79 4.06 -6.17
CA LEU A 86 -23.40 2.78 -6.82
C LEU A 86 -24.60 2.25 -7.61
N LEU A 87 -25.79 2.54 -7.14
CA LEU A 87 -27.00 2.08 -7.87
C LEU A 87 -27.22 2.94 -9.12
N LYS A 88 -27.06 4.23 -8.98
CA LYS A 88 -27.25 5.15 -10.15
C LYS A 88 -26.05 5.04 -11.10
N MET A 89 -24.86 5.20 -10.58
CA MET A 89 -23.65 5.11 -11.46
C MET A 89 -23.68 3.81 -12.28
N THR A 90 -24.14 2.74 -11.70
CA THR A 90 -24.18 1.44 -12.46
C THR A 90 -25.21 1.52 -13.59
N ILE A 91 -26.38 2.03 -13.30
CA ILE A 91 -27.43 2.12 -14.36
C ILE A 91 -27.21 3.38 -15.21
N SER A 92 -26.36 4.27 -14.77
CA SER A 92 -26.11 5.51 -15.56
C SER A 92 -25.23 5.19 -16.77
N GLN A 93 -24.17 4.44 -16.56
CA GLN A 93 -23.27 4.09 -17.69
C GLN A 93 -23.84 2.91 -18.48
N GLN A 94 -24.64 2.09 -17.85
CA GLN A 94 -25.23 0.93 -18.56
C GLN A 94 -26.46 1.35 -19.37
N GLU A 95 -27.26 2.24 -18.83
CA GLU A 95 -28.47 2.70 -19.56
C GLU A 95 -28.06 3.60 -20.73
N PHE A 96 -27.12 4.49 -20.51
CA PHE A 96 -26.68 5.39 -21.61
C PHE A 96 -26.11 4.57 -22.78
N GLY A 97 -26.96 4.18 -23.70
CA GLY A 97 -26.47 3.38 -24.86
C GLY A 97 -27.25 3.79 -26.11
N ARG A 98 -28.55 3.83 -26.03
CA ARG A 98 -29.36 4.22 -27.22
C ARG A 98 -29.57 5.74 -27.24
N THR A 99 -29.80 6.33 -26.09
CA THR A 99 -30.02 7.81 -26.05
C THR A 99 -31.10 8.20 -27.06
N GLY A 100 -32.03 7.32 -27.31
CA GLY A 100 -33.11 7.63 -28.29
C GLY A 100 -32.77 6.98 -29.63
N LEU A 101 -32.03 7.67 -30.46
CA LEU A 101 -31.66 7.10 -31.78
C LEU A 101 -30.30 7.64 -32.22
N PRO A 102 -29.33 6.77 -32.30
CA PRO A 102 -27.97 7.18 -32.71
C PRO A 102 -27.93 7.50 -34.21
N ASP A 103 -29.01 7.25 -34.91
CA ASP A 103 -29.04 7.54 -36.39
C ASP A 103 -27.87 6.84 -37.09
N LEU A 104 -28.11 5.67 -37.63
CA LEU A 104 -27.02 4.94 -38.33
C LEU A 104 -26.95 5.39 -39.80
N SER A 105 -28.06 5.80 -40.35
CA SER A 105 -28.06 6.25 -41.78
C SER A 105 -27.26 7.56 -41.93
N SER A 106 -26.96 8.21 -40.84
CA SER A 106 -26.19 9.49 -40.93
C SER A 106 -24.69 9.22 -40.70
N MET A 107 -24.24 8.05 -41.06
CA MET A 107 -22.79 7.72 -40.87
C MET A 107 -22.11 7.56 -42.24
N THR A 108 -20.98 8.19 -42.43
CA THR A 108 -20.27 8.08 -43.73
C THR A 108 -19.79 6.65 -43.96
N GLU A 109 -19.01 6.43 -44.99
CA GLU A 109 -18.51 5.06 -45.27
C GLU A 109 -17.60 4.59 -44.14
N GLU A 110 -16.88 5.49 -43.53
CA GLU A 110 -15.97 5.09 -42.42
C GLU A 110 -16.74 5.04 -41.10
N GLU A 111 -17.74 5.86 -40.94
CA GLU A 111 -18.53 5.84 -39.67
C GLU A 111 -19.13 4.45 -39.46
N GLN A 112 -19.98 4.03 -40.37
CA GLN A 112 -20.59 2.66 -40.24
C GLN A 112 -19.48 1.62 -40.23
N ILE A 113 -18.39 1.90 -40.89
CA ILE A 113 -17.25 0.93 -40.91
C ILE A 113 -16.59 0.91 -39.53
N ALA A 114 -16.56 2.02 -38.85
CA ALA A 114 -15.95 2.05 -37.49
C ALA A 114 -16.74 1.13 -36.56
N TYR A 115 -18.03 1.06 -36.75
CA TYR A 115 -18.86 0.17 -35.89
C TYR A 115 -18.70 -1.29 -36.32
N ALA A 116 -18.73 -1.54 -37.61
CA ALA A 116 -18.59 -2.93 -38.11
C ALA A 116 -17.17 -3.44 -37.83
N MET A 117 -16.19 -2.60 -37.96
CA MET A 117 -14.79 -3.04 -37.71
C MET A 117 -14.54 -3.12 -36.20
N GLN A 118 -15.31 -2.39 -35.43
CA GLN A 118 -15.13 -2.44 -33.96
C GLN A 118 -15.52 -3.81 -33.42
N MET A 119 -16.65 -4.31 -33.86
CA MET A 119 -17.10 -5.66 -33.38
C MET A 119 -16.19 -6.75 -33.96
N SER A 120 -15.69 -6.54 -35.15
CA SER A 120 -14.79 -7.56 -35.76
C SER A 120 -13.39 -7.48 -35.14
N LEU A 121 -13.02 -6.33 -34.65
CA LEU A 121 -11.67 -6.19 -34.03
C LEU A 121 -11.65 -6.87 -32.65
N GLN A 122 -11.77 -8.17 -32.63
CA GLN A 122 -11.76 -8.90 -31.32
C GLN A 122 -12.86 -8.36 -30.40
N GLY A 123 -13.99 -9.01 -30.37
CA GLY A 123 -15.10 -8.54 -29.49
C GLY A 123 -16.44 -9.04 -30.05
N ALA A 124 -16.57 -10.33 -30.22
CA ALA A 124 -17.84 -10.89 -30.75
C ALA A 124 -18.65 -11.53 -29.63
N GLU A 125 -19.39 -10.74 -28.89
CA GLU A 125 -20.21 -11.30 -27.77
C GLU A 125 -19.31 -11.93 -26.70
N PHE A 126 -18.78 -13.09 -26.97
CA PHE A 126 -17.89 -13.79 -25.98
C PHE A 126 -18.73 -14.35 -24.84
N GLY A 127 -19.45 -13.50 -24.16
CA GLY A 127 -20.31 -13.99 -23.04
C GLY A 127 -20.18 -13.05 -21.84
N GLN A 128 -20.67 -13.44 -20.71
CA GLN A 128 -20.59 -12.57 -19.50
C GLN A 128 -19.29 -12.84 -18.74
N ALA A 129 -18.18 -12.82 -19.44
CA ALA A 129 -16.87 -13.07 -18.75
C ALA A 129 -16.26 -11.75 -18.28
N GLU A 130 -17.02 -10.93 -17.61
CA GLU A 130 -16.49 -9.63 -17.12
C GLU A 130 -16.34 -9.66 -15.61
N SER A 131 -17.22 -10.36 -14.93
CA SER A 131 -17.13 -10.44 -13.44
C SER A 131 -17.86 -11.68 -12.93
N ALA A 132 -17.19 -12.49 -12.14
CA ALA A 132 -17.84 -13.72 -11.61
C ALA A 132 -18.77 -13.36 -10.45
N HIS A 21 35.33 -6.88 -40.41
CA HIS A 21 35.82 -7.10 -41.79
C HIS A 21 36.59 -8.42 -41.88
N MET A 22 37.31 -8.76 -40.85
CA MET A 22 38.09 -10.04 -40.87
C MET A 22 37.23 -11.19 -40.35
N LEU A 23 37.78 -12.37 -40.31
CA LEU A 23 37.01 -13.54 -39.81
C LEU A 23 37.59 -14.01 -38.47
N GLY A 24 38.23 -13.11 -37.75
CA GLY A 24 38.84 -13.48 -36.46
C GLY A 24 37.87 -13.18 -35.32
N LEU A 25 37.10 -12.13 -35.46
CA LEU A 25 36.13 -11.77 -34.38
C LEU A 25 34.69 -11.95 -34.87
N GLY A 26 34.20 -13.17 -34.80
CA GLY A 26 32.80 -13.44 -35.26
C GLY A 26 32.02 -14.11 -34.14
N ALA A 27 31.14 -13.39 -33.48
CA ALA A 27 30.34 -13.98 -32.38
C ALA A 27 31.26 -14.67 -31.35
N SER A 28 32.47 -14.19 -31.22
CA SER A 28 33.41 -14.80 -30.24
C SER A 28 34.06 -13.71 -29.38
N ASP A 29 33.53 -12.51 -29.39
CA ASP A 29 34.12 -11.42 -28.57
C ASP A 29 33.56 -11.47 -27.14
N PHE A 30 32.44 -12.09 -26.96
CA PHE A 30 31.82 -12.19 -25.60
C PHE A 30 30.57 -13.06 -25.64
N GLU A 31 30.65 -14.26 -25.11
CA GLU A 31 29.47 -15.17 -25.14
C GLU A 31 28.73 -15.11 -23.79
N PHE A 32 28.30 -13.93 -23.40
CA PHE A 32 27.58 -13.80 -22.10
C PHE A 32 26.94 -12.41 -21.99
N GLY A 33 27.72 -11.38 -22.16
CA GLY A 33 27.17 -10.00 -22.06
C GLY A 33 26.92 -9.45 -23.47
N VAL A 34 26.04 -10.08 -24.21
CA VAL A 34 25.74 -9.59 -25.60
C VAL A 34 24.39 -8.88 -25.62
N ASP A 35 23.49 -9.27 -24.75
CA ASP A 35 22.15 -8.63 -24.73
C ASP A 35 21.56 -8.72 -23.31
N PRO A 36 20.37 -8.20 -23.15
CA PRO A 36 19.72 -8.21 -21.81
C PRO A 36 19.49 -9.65 -21.35
N SER A 37 20.54 -10.28 -20.89
CA SER A 37 20.43 -11.70 -20.42
C SER A 37 20.23 -12.59 -21.64
N ALA A 38 21.05 -12.38 -22.63
CA ALA A 38 20.95 -13.17 -23.89
C ALA A 38 19.49 -13.29 -24.35
N ASP A 39 18.67 -12.32 -24.01
CA ASP A 39 17.24 -12.37 -24.44
C ASP A 39 16.60 -10.99 -24.30
N PRO A 40 16.17 -10.46 -25.41
CA PRO A 40 15.52 -9.14 -25.43
C PRO A 40 14.10 -9.24 -24.85
N GLU A 41 13.42 -10.31 -25.14
CA GLU A 41 12.03 -10.48 -24.61
C GLU A 41 12.05 -10.52 -23.08
N LEU A 42 12.99 -11.23 -22.52
CA LEU A 42 13.07 -11.30 -21.03
C LEU A 42 13.34 -9.91 -20.45
N ALA A 43 14.05 -9.08 -21.17
CA ALA A 43 14.34 -7.72 -20.66
C ALA A 43 13.04 -6.92 -20.52
N LEU A 44 12.30 -6.77 -21.58
CA LEU A 44 11.02 -6.01 -21.52
C LEU A 44 10.06 -6.69 -20.54
N ALA A 45 10.16 -7.99 -20.41
CA ALA A 45 9.25 -8.72 -19.47
C ALA A 45 9.49 -8.24 -18.04
N LEU A 46 10.73 -8.14 -17.63
CA LEU A 46 11.02 -7.67 -16.25
C LEU A 46 10.59 -6.21 -16.08
N ARG A 47 10.51 -5.48 -17.16
CA ARG A 47 10.08 -4.05 -17.06
C ARG A 47 8.55 -4.00 -16.91
N VAL A 48 7.88 -4.96 -17.46
CA VAL A 48 6.39 -4.99 -17.35
C VAL A 48 6.00 -5.33 -15.91
N SER A 49 6.81 -6.12 -15.24
CA SER A 49 6.50 -6.49 -13.83
C SER A 49 6.77 -5.30 -12.91
N MET A 50 7.81 -4.56 -13.19
CA MET A 50 8.13 -3.38 -12.34
C MET A 50 6.98 -2.37 -12.38
N GLU A 51 6.48 -2.08 -13.55
CA GLU A 51 5.34 -1.11 -13.66
C GLU A 51 4.13 -1.65 -12.89
N GLU A 52 3.83 -2.91 -13.04
CA GLU A 52 2.66 -3.49 -12.33
C GLU A 52 2.84 -3.35 -10.81
N GLN A 53 4.08 -3.39 -10.36
CA GLN A 53 4.32 -3.25 -8.89
C GLN A 53 3.93 -1.86 -8.43
N ARG A 54 4.23 -0.85 -9.20
CA ARG A 54 3.87 0.54 -8.81
C ARG A 54 2.35 0.66 -8.68
N GLN A 55 1.62 0.17 -9.64
CA GLN A 55 0.13 0.23 -9.57
C GLN A 55 -0.35 -0.45 -8.29
N ARG A 56 0.37 -1.43 -7.83
CA ARG A 56 -0.03 -2.14 -6.57
C ARG A 56 0.33 -1.28 -5.36
N GLN A 57 1.49 -0.68 -5.36
CA GLN A 57 1.89 0.18 -4.21
C GLN A 57 0.96 1.38 -4.10
N GLU A 58 0.43 1.82 -5.22
CA GLU A 58 -0.49 3.00 -5.20
C GLU A 58 -1.91 2.52 -4.86
N GLU A 59 -2.44 1.59 -5.61
CA GLU A 59 -3.80 1.07 -5.33
C GLU A 59 -3.86 0.62 -3.87
N GLU A 60 -2.77 0.14 -3.35
CA GLU A 60 -2.75 -0.31 -1.94
C GLU A 60 -2.46 0.90 -1.04
N ALA A 61 -1.67 1.83 -1.51
CA ALA A 61 -1.36 3.04 -0.69
C ALA A 61 -2.64 3.85 -0.48
N ARG A 62 -3.34 4.16 -1.53
CA ARG A 62 -4.61 4.94 -1.38
C ARG A 62 -5.64 4.11 -0.62
N ARG A 63 -5.60 2.80 -0.77
CA ARG A 63 -6.57 1.93 -0.05
C ARG A 63 -6.50 2.24 1.44
N ALA A 64 -5.32 2.31 1.99
CA ALA A 64 -5.18 2.63 3.44
C ALA A 64 -5.61 4.08 3.67
N ALA A 65 -5.51 4.90 2.64
CA ALA A 65 -5.91 6.33 2.78
C ALA A 65 -7.42 6.43 2.98
N ALA A 66 -8.17 5.57 2.33
CA ALA A 66 -9.66 5.61 2.48
C ALA A 66 -10.08 4.78 3.70
N ALA A 67 -9.48 3.64 3.90
CA ALA A 67 -9.84 2.79 5.07
C ALA A 67 -9.53 3.54 6.38
N SER A 68 -8.56 4.41 6.36
CA SER A 68 -8.21 5.17 7.59
C SER A 68 -9.11 6.39 7.73
N ALA A 69 -9.42 7.05 6.64
CA ALA A 69 -10.30 8.25 6.71
C ALA A 69 -11.68 7.86 7.22
N ALA A 70 -12.09 6.63 7.00
CA ALA A 70 -13.43 6.18 7.47
C ALA A 70 -13.41 5.95 8.99
N GLU A 71 -12.26 6.00 9.61
CA GLU A 71 -12.18 5.79 11.08
C GLU A 71 -11.96 7.11 11.81
N ALA A 72 -11.10 7.94 11.28
CA ALA A 72 -10.84 9.26 11.94
C ALA A 72 -11.13 10.41 10.96
N GLY A 73 -12.01 10.20 10.03
CA GLY A 73 -12.34 11.27 9.04
C GLY A 73 -13.72 11.85 9.35
N ILE A 74 -14.60 11.05 9.91
CA ILE A 74 -15.97 11.55 10.23
C ILE A 74 -15.92 12.39 11.51
N ALA A 75 -15.40 11.83 12.57
CA ALA A 75 -15.33 12.59 13.85
C ALA A 75 -14.13 13.56 13.82
N THR A 76 -13.88 14.22 14.92
CA THR A 76 -12.73 15.18 14.96
C THR A 76 -12.03 15.10 16.32
N THR A 77 -11.66 13.92 16.74
CA THR A 77 -10.96 13.78 18.05
C THR A 77 -9.70 12.93 17.90
N GLY A 78 -8.72 13.16 18.74
CA GLY A 78 -7.46 12.37 18.64
C GLY A 78 -7.07 11.85 20.03
N THR A 79 -7.65 10.76 20.45
CA THR A 79 -7.31 10.20 21.80
C THR A 79 -5.90 9.61 21.79
N GLU A 80 -4.89 10.43 21.61
CA GLU A 80 -3.50 9.90 21.60
C GLU A 80 -2.90 9.92 23.01
N ASP A 81 -3.52 9.23 23.93
CA ASP A 81 -3.01 9.20 25.32
C ASP A 81 -2.09 8.00 25.52
N SER A 82 -2.48 6.85 25.02
CA SER A 82 -1.64 5.64 25.18
C SER A 82 -0.99 5.27 23.84
N ASP A 83 0.03 5.99 23.45
CA ASP A 83 0.71 5.69 22.16
C ASP A 83 1.62 4.47 22.32
N ASP A 84 2.44 4.45 23.33
CA ASP A 84 3.34 3.28 23.53
C ASP A 84 2.52 2.11 24.06
N ALA A 85 1.46 2.38 24.76
CA ALA A 85 0.62 1.28 25.28
C ALA A 85 0.06 0.50 24.11
N LEU A 86 -0.43 1.18 23.11
CA LEU A 86 -0.97 0.47 21.92
C LEU A 86 0.18 -0.28 21.22
N LEU A 87 1.38 0.22 21.36
CA LEU A 87 2.54 -0.46 20.74
C LEU A 87 2.91 -1.72 21.54
N LYS A 88 3.00 -1.59 22.84
CA LYS A 88 3.36 -2.77 23.68
C LYS A 88 2.14 -3.67 23.89
N MET A 89 1.05 -3.11 24.33
CA MET A 89 -0.17 -3.95 24.57
C MET A 89 -0.53 -4.76 23.32
N THR A 90 -0.38 -4.18 22.15
CA THR A 90 -0.72 -4.92 20.90
C THR A 90 0.31 -6.00 20.61
N ILE A 91 1.56 -5.71 20.81
CA ILE A 91 2.61 -6.74 20.53
C ILE A 91 2.72 -7.71 21.73
N SER A 92 2.23 -7.30 22.87
CA SER A 92 2.30 -8.20 24.05
C SER A 92 1.27 -9.32 23.91
N GLN A 93 0.13 -9.01 23.36
CA GLN A 93 -0.91 -10.06 23.17
C GLN A 93 -0.61 -10.89 21.92
N GLN A 94 0.10 -10.32 20.98
CA GLN A 94 0.44 -11.06 19.73
C GLN A 94 1.75 -11.84 19.92
N GLU A 95 2.73 -11.23 20.52
CA GLU A 95 4.03 -11.93 20.74
C GLU A 95 3.85 -13.11 21.70
N PHE A 96 3.02 -12.95 22.70
CA PHE A 96 2.80 -14.07 23.66
C PHE A 96 1.64 -14.96 23.19
N GLY A 97 1.93 -15.91 22.34
CA GLY A 97 0.85 -16.82 21.84
C GLY A 97 1.23 -18.26 22.16
N ARG A 98 2.46 -18.63 21.93
CA ARG A 98 2.89 -20.03 22.20
C ARG A 98 4.34 -20.05 22.68
N THR A 99 4.56 -20.38 23.93
CA THR A 99 5.95 -20.41 24.46
C THR A 99 6.20 -21.71 25.23
N GLY A 100 6.15 -22.82 24.56
CA GLY A 100 6.39 -24.13 25.24
C GLY A 100 7.68 -24.75 24.72
N LEU A 101 8.68 -23.95 24.49
CA LEU A 101 9.98 -24.51 23.98
C LEU A 101 11.09 -23.45 24.10
N PRO A 102 12.10 -23.77 24.87
CA PRO A 102 13.22 -22.82 25.06
C PRO A 102 14.09 -22.77 23.81
N ASP A 103 14.11 -21.65 23.13
CA ASP A 103 14.94 -21.53 21.89
C ASP A 103 15.94 -20.39 22.03
N LEU A 104 17.05 -20.64 22.68
CA LEU A 104 18.07 -19.56 22.85
C LEU A 104 18.75 -19.26 21.52
N SER A 105 18.88 -20.24 20.66
CA SER A 105 19.54 -20.01 19.35
C SER A 105 18.77 -18.95 18.55
N SER A 106 17.49 -18.84 18.77
CA SER A 106 16.69 -17.83 18.02
C SER A 106 16.38 -16.64 18.93
N MET A 107 17.37 -16.13 19.63
CA MET A 107 17.13 -14.97 20.53
C MET A 107 18.26 -13.94 20.37
N THR A 108 17.93 -12.73 20.02
CA THR A 108 18.99 -11.69 19.85
C THR A 108 19.64 -11.37 21.19
N GLU A 109 20.49 -10.38 21.22
CA GLU A 109 21.16 -10.01 22.50
C GLU A 109 20.11 -9.59 23.54
N GLU A 110 19.05 -8.98 23.11
CA GLU A 110 17.99 -8.55 24.08
C GLU A 110 17.06 -9.71 24.41
N GLU A 111 16.82 -10.58 23.47
CA GLU A 111 15.92 -11.75 23.75
C GLU A 111 16.46 -12.55 24.94
N GLN A 112 17.63 -13.10 24.80
CA GLN A 112 18.22 -13.88 25.94
C GLN A 112 18.37 -12.97 27.16
N ILE A 113 18.54 -11.70 26.93
CA ILE A 113 18.67 -10.74 28.07
C ILE A 113 17.30 -10.57 28.74
N ALA A 114 16.25 -10.63 27.97
CA ALA A 114 14.89 -10.48 28.57
C ALA A 114 14.62 -11.66 29.51
N TYR A 115 15.21 -12.79 29.24
CA TYR A 115 15.00 -13.98 30.11
C TYR A 115 15.97 -13.94 31.29
N ALA A 116 17.19 -13.56 31.06
CA ALA A 116 18.20 -13.51 32.17
C ALA A 116 17.98 -12.25 33.02
N MET A 117 17.45 -11.20 32.44
CA MET A 117 17.21 -9.96 33.21
C MET A 117 15.89 -10.07 33.97
N GLN A 118 14.96 -10.84 33.46
CA GLN A 118 13.65 -10.99 34.15
C GLN A 118 13.81 -11.91 35.37
N MET A 119 14.66 -12.89 35.27
CA MET A 119 14.87 -13.82 36.43
C MET A 119 15.81 -13.17 37.45
N SER A 120 16.69 -12.31 37.00
CA SER A 120 17.63 -11.65 37.95
C SER A 120 16.90 -10.55 38.73
N LEU A 121 15.89 -9.97 38.15
CA LEU A 121 15.12 -8.89 38.85
C LEU A 121 13.88 -9.48 39.51
N GLN A 122 13.91 -10.74 39.86
CA GLN A 122 12.74 -11.37 40.52
C GLN A 122 12.79 -11.15 42.03
N GLY A 123 13.97 -10.96 42.57
CA GLY A 123 14.10 -10.74 44.04
C GLY A 123 15.32 -11.50 44.56
N ALA A 124 16.42 -10.81 44.70
CA ALA A 124 17.66 -11.49 45.21
C ALA A 124 18.44 -10.53 46.12
N GLU A 125 17.97 -10.33 47.32
CA GLU A 125 18.69 -9.41 48.26
C GLU A 125 18.93 -10.12 49.59
N PHE A 126 19.08 -11.41 49.57
CA PHE A 126 19.32 -12.17 50.84
C PHE A 126 20.73 -12.78 50.83
N GLY A 127 20.98 -13.68 49.91
CA GLY A 127 22.32 -14.32 49.84
C GLY A 127 22.28 -15.51 48.87
N GLN A 128 22.64 -15.27 47.64
CA GLN A 128 22.62 -16.38 46.63
C GLN A 128 23.99 -16.51 45.97
N ALA A 129 24.97 -17.02 46.67
CA ALA A 129 26.32 -17.16 46.07
C ALA A 129 27.05 -18.35 46.72
N GLU A 130 26.54 -19.54 46.56
CA GLU A 130 27.20 -20.73 47.16
C GLU A 130 27.87 -21.57 46.07
N SER A 131 27.18 -21.79 44.98
CA SER A 131 27.77 -22.60 43.87
C SER A 131 26.94 -22.45 42.60
N ALA A 132 25.64 -22.52 42.72
CA ALA A 132 24.77 -22.38 41.51
C ALA A 132 23.48 -21.63 41.87
N HIS A 21 36.05 -19.73 -11.72
CA HIS A 21 37.07 -19.71 -10.62
C HIS A 21 36.74 -18.60 -9.61
N MET A 22 35.88 -18.88 -8.67
CA MET A 22 35.51 -17.86 -7.64
C MET A 22 35.05 -16.57 -8.32
N LEU A 23 34.66 -15.60 -7.54
CA LEU A 23 34.20 -14.30 -8.13
C LEU A 23 35.20 -13.20 -7.77
N GLY A 24 36.42 -13.57 -7.50
CA GLY A 24 37.44 -12.54 -7.13
C GLY A 24 38.01 -11.91 -8.39
N LEU A 25 37.21 -11.15 -9.10
CA LEU A 25 37.70 -10.49 -10.35
C LEU A 25 38.32 -11.53 -11.29
N GLY A 26 37.49 -12.27 -11.99
CA GLY A 26 38.03 -13.30 -12.92
C GLY A 26 37.10 -13.44 -14.12
N ALA A 27 36.70 -12.34 -14.70
CA ALA A 27 35.78 -12.39 -15.88
C ALA A 27 34.54 -13.24 -15.57
N SER A 28 34.17 -13.31 -14.31
CA SER A 28 32.97 -14.12 -13.94
C SER A 28 31.84 -13.20 -13.48
N ASP A 29 32.18 -12.04 -12.96
CA ASP A 29 31.12 -11.09 -12.49
C ASP A 29 30.23 -10.68 -13.66
N PHE A 30 30.72 -10.79 -14.87
CA PHE A 30 29.90 -10.41 -16.05
C PHE A 30 30.40 -11.12 -17.31
N GLU A 31 29.57 -11.93 -17.91
CA GLU A 31 29.98 -12.67 -19.14
C GLU A 31 28.88 -12.61 -20.20
N PHE A 32 28.43 -11.42 -20.53
CA PHE A 32 27.36 -11.28 -21.56
C PHE A 32 26.15 -12.15 -21.19
N GLY A 33 25.99 -12.46 -19.94
CA GLY A 33 24.83 -13.29 -19.51
C GLY A 33 24.11 -12.63 -18.33
N VAL A 34 24.52 -11.45 -17.96
CA VAL A 34 23.85 -10.75 -16.82
C VAL A 34 23.25 -9.42 -17.28
N ASP A 35 23.86 -8.79 -18.25
CA ASP A 35 23.32 -7.49 -18.74
C ASP A 35 21.99 -7.70 -19.46
N PRO A 36 21.33 -6.61 -19.76
CA PRO A 36 20.02 -6.69 -20.47
C PRO A 36 20.22 -7.13 -21.93
N SER A 37 21.42 -7.01 -22.43
CA SER A 37 21.68 -7.43 -23.85
C SER A 37 21.48 -8.93 -24.00
N ALA A 38 21.56 -9.67 -22.93
CA ALA A 38 21.37 -11.16 -23.01
C ALA A 38 20.09 -11.49 -23.76
N ASP A 39 19.05 -10.69 -23.59
CA ASP A 39 17.78 -10.96 -24.30
C ASP A 39 16.83 -9.76 -24.15
N PRO A 40 16.46 -9.20 -25.26
CA PRO A 40 15.55 -8.02 -25.25
C PRO A 40 14.12 -8.46 -24.94
N GLU A 41 13.73 -9.61 -25.41
CA GLU A 41 12.34 -10.10 -25.15
C GLU A 41 12.15 -10.37 -23.65
N LEU A 42 13.19 -10.80 -22.98
CA LEU A 42 13.07 -11.08 -21.53
C LEU A 42 13.13 -9.78 -20.72
N ALA A 43 13.79 -8.77 -21.26
CA ALA A 43 13.89 -7.47 -20.53
C ALA A 43 12.53 -6.78 -20.51
N LEU A 44 11.87 -6.72 -21.63
CA LEU A 44 10.53 -6.06 -21.67
C LEU A 44 9.50 -6.88 -20.89
N ALA A 45 9.55 -8.18 -21.01
CA ALA A 45 8.58 -9.04 -20.28
C ALA A 45 8.75 -8.84 -18.76
N LEU A 46 9.95 -8.95 -18.27
CA LEU A 46 10.17 -8.77 -16.81
C LEU A 46 9.82 -7.33 -16.39
N ARG A 47 9.82 -6.41 -17.32
CA ARG A 47 9.48 -5.01 -16.98
C ARG A 47 7.96 -4.87 -16.89
N VAL A 48 7.26 -5.63 -17.68
CA VAL A 48 5.76 -5.57 -17.65
C VAL A 48 5.26 -6.17 -16.33
N SER A 49 5.97 -7.13 -15.80
CA SER A 49 5.54 -7.75 -14.51
C SER A 49 5.83 -6.80 -13.36
N MET A 50 6.97 -6.15 -13.39
CA MET A 50 7.31 -5.20 -12.29
C MET A 50 6.28 -4.08 -12.22
N GLU A 51 5.91 -3.53 -13.36
CA GLU A 51 4.91 -2.43 -13.36
C GLU A 51 3.58 -2.92 -12.79
N GLU A 52 3.20 -4.13 -13.10
CA GLU A 52 1.93 -4.69 -12.58
C GLU A 52 1.96 -4.74 -11.05
N GLN A 53 3.11 -5.05 -10.49
CA GLN A 53 3.22 -5.11 -9.00
C GLN A 53 2.99 -3.73 -8.40
N ARG A 54 3.48 -2.70 -9.04
CA ARG A 54 3.29 -1.32 -8.51
C ARG A 54 1.80 -0.97 -8.48
N GLN A 55 1.08 -1.36 -9.51
CA GLN A 55 -0.38 -1.06 -9.54
C GLN A 55 -1.08 -1.71 -8.35
N ARG A 56 -0.70 -2.92 -8.02
CA ARG A 56 -1.35 -3.62 -6.87
C ARG A 56 -0.92 -2.95 -5.56
N GLN A 57 0.35 -2.66 -5.41
CA GLN A 57 0.83 -2.00 -4.16
C GLN A 57 0.26 -0.59 -4.06
N GLU A 58 -0.09 0.01 -5.16
CA GLU A 58 -0.66 1.38 -5.14
C GLU A 58 -2.17 1.31 -4.85
N GLU A 59 -2.90 0.56 -5.63
CA GLU A 59 -4.36 0.43 -5.39
C GLU A 59 -4.59 0.03 -3.93
N GLU A 60 -3.71 -0.76 -3.39
CA GLU A 60 -3.84 -1.18 -1.97
C GLU A 60 -3.25 -0.10 -1.06
N ALA A 61 -2.20 0.56 -1.50
CA ALA A 61 -1.60 1.63 -0.65
C ALA A 61 -2.55 2.82 -0.55
N ARG A 62 -2.94 3.37 -1.67
CA ARG A 62 -3.87 4.53 -1.65
C ARG A 62 -5.18 4.17 -0.95
N ARG A 63 -5.63 2.94 -1.12
CA ARG A 63 -6.90 2.53 -0.46
C ARG A 63 -6.79 2.71 1.06
N ALA A 64 -5.73 2.22 1.65
CA ALA A 64 -5.55 2.37 3.12
C ALA A 64 -5.31 3.84 3.47
N ALA A 65 -4.75 4.59 2.55
CA ALA A 65 -4.48 6.03 2.83
C ALA A 65 -5.80 6.80 2.94
N ALA A 66 -6.76 6.46 2.11
CA ALA A 66 -8.07 7.17 2.18
C ALA A 66 -8.83 6.77 3.45
N ALA A 67 -8.64 5.55 3.90
CA ALA A 67 -9.34 5.10 5.14
C ALA A 67 -8.68 5.72 6.37
N SER A 68 -7.39 5.91 6.34
CA SER A 68 -6.68 6.51 7.51
C SER A 68 -7.08 7.98 7.67
N ALA A 69 -7.35 8.65 6.58
CA ALA A 69 -7.74 10.09 6.67
C ALA A 69 -9.22 10.21 7.04
N ALA A 70 -10.03 9.27 6.61
CA ALA A 70 -11.48 9.31 6.93
C ALA A 70 -11.76 8.61 8.26
N GLU A 71 -10.79 7.90 8.78
CA GLU A 71 -11.00 7.17 10.06
C GLU A 71 -10.16 7.81 11.17
N ALA A 72 -8.88 7.99 10.94
CA ALA A 72 -8.01 8.60 11.97
C ALA A 72 -7.40 9.91 11.45
N GLY A 73 -8.06 10.55 10.51
CA GLY A 73 -7.54 11.82 9.96
C GLY A 73 -8.13 13.00 10.75
N ILE A 74 -9.43 13.07 10.82
CA ILE A 74 -10.08 14.18 11.58
C ILE A 74 -11.07 13.63 12.60
N ALA A 75 -10.86 12.41 13.03
CA ALA A 75 -11.80 11.80 14.02
C ALA A 75 -11.59 12.44 15.40
N THR A 76 -12.61 12.45 16.22
CA THR A 76 -12.47 13.07 17.57
C THR A 76 -12.47 11.97 18.65
N THR A 77 -11.54 11.06 18.57
CA THR A 77 -11.48 9.96 19.59
C THR A 77 -10.38 10.24 20.60
N GLY A 78 -10.06 9.28 21.43
CA GLY A 78 -8.99 9.49 22.44
C GLY A 78 -8.55 8.14 23.01
N THR A 79 -9.44 7.46 23.70
CA THR A 79 -9.08 6.14 24.27
C THR A 79 -9.98 5.04 23.69
N GLU A 80 -9.77 4.69 22.44
CA GLU A 80 -10.61 3.63 21.82
C GLU A 80 -9.71 2.58 21.16
N ASP A 81 -8.69 2.14 21.85
CA ASP A 81 -7.78 1.11 21.27
C ASP A 81 -8.26 -0.29 21.66
N SER A 82 -8.97 -0.41 22.75
CA SER A 82 -9.46 -1.75 23.18
C SER A 82 -11.00 -1.76 23.20
N ASP A 83 -11.62 -1.90 22.07
CA ASP A 83 -13.11 -1.92 22.02
C ASP A 83 -13.64 -3.26 22.51
N ASP A 84 -13.23 -4.33 21.88
CA ASP A 84 -13.69 -5.68 22.31
C ASP A 84 -12.98 -6.07 23.59
N ALA A 85 -11.78 -5.59 23.78
CA ALA A 85 -11.04 -5.91 25.03
C ALA A 85 -11.82 -5.37 26.22
N LEU A 86 -12.44 -4.22 26.05
CA LEU A 86 -13.24 -3.65 27.16
C LEU A 86 -14.49 -4.49 27.34
N LEU A 87 -14.99 -5.06 26.27
CA LEU A 87 -16.21 -5.92 26.37
C LEU A 87 -15.83 -7.28 26.98
N LYS A 88 -14.68 -7.79 26.63
CA LYS A 88 -14.23 -9.10 27.18
C LYS A 88 -13.64 -8.91 28.57
N MET A 89 -12.69 -8.03 28.72
CA MET A 89 -12.08 -7.82 30.08
C MET A 89 -13.16 -7.48 31.10
N THR A 90 -14.12 -6.67 30.73
CA THR A 90 -15.20 -6.29 31.70
C THR A 90 -16.05 -7.52 32.05
N ILE A 91 -16.43 -8.29 31.07
CA ILE A 91 -17.25 -9.50 31.35
C ILE A 91 -16.37 -10.65 31.82
N SER A 92 -15.08 -10.55 31.62
CA SER A 92 -14.15 -11.62 32.06
C SER A 92 -14.03 -11.62 33.58
N GLN A 93 -14.06 -10.45 34.17
CA GLN A 93 -13.95 -10.36 35.65
C GLN A 93 -15.35 -10.47 36.29
N GLN A 94 -16.37 -10.11 35.56
CA GLN A 94 -17.76 -10.19 36.11
C GLN A 94 -18.35 -11.58 35.89
N GLU A 95 -17.94 -12.24 34.83
CA GLU A 95 -18.47 -13.61 34.55
C GLU A 95 -17.64 -14.68 35.28
N PHE A 96 -16.36 -14.43 35.43
CA PHE A 96 -15.49 -15.43 36.13
C PHE A 96 -15.99 -15.68 37.56
N GLY A 97 -16.79 -16.69 37.74
CA GLY A 97 -17.31 -16.99 39.11
C GLY A 97 -17.13 -18.48 39.40
N ARG A 98 -15.90 -18.94 39.45
CA ARG A 98 -15.64 -20.39 39.72
C ARG A 98 -16.44 -21.26 38.75
N THR A 99 -15.82 -21.68 37.69
CA THR A 99 -16.53 -22.54 36.69
C THR A 99 -16.01 -23.98 36.77
N GLY A 100 -15.62 -24.42 37.93
CA GLY A 100 -15.11 -25.82 38.07
C GLY A 100 -16.24 -26.73 38.55
N LEU A 101 -17.47 -26.32 38.40
CA LEU A 101 -18.62 -27.16 38.85
C LEU A 101 -19.94 -26.54 38.40
N PRO A 102 -20.54 -27.12 37.39
CA PRO A 102 -21.83 -26.60 36.86
C PRO A 102 -22.96 -26.89 37.85
N ASP A 103 -23.47 -25.88 38.49
CA ASP A 103 -24.58 -26.09 39.46
C ASP A 103 -25.82 -25.28 39.05
N LEU A 104 -25.97 -25.03 37.77
CA LEU A 104 -27.16 -24.25 37.28
C LEU A 104 -27.19 -22.86 37.93
N SER A 105 -27.65 -22.77 39.15
CA SER A 105 -27.72 -21.45 39.83
C SER A 105 -26.30 -20.93 40.13
N SER A 106 -25.30 -21.76 40.01
CA SER A 106 -23.91 -21.30 40.29
C SER A 106 -23.41 -20.39 39.17
N MET A 107 -23.98 -20.49 38.00
CA MET A 107 -23.54 -19.62 36.87
C MET A 107 -24.60 -18.58 36.54
N THR A 108 -24.53 -17.97 35.38
CA THR A 108 -25.53 -16.94 35.00
C THR A 108 -26.64 -17.55 34.14
N GLU A 109 -27.70 -16.81 33.90
CA GLU A 109 -28.82 -17.35 33.07
C GLU A 109 -28.30 -17.72 31.68
N GLU A 110 -27.39 -16.95 31.15
CA GLU A 110 -26.84 -17.27 29.80
C GLU A 110 -25.95 -18.52 29.88
N GLU A 111 -25.23 -18.69 30.95
CA GLU A 111 -24.36 -19.90 31.08
C GLU A 111 -25.21 -21.16 30.94
N GLN A 112 -26.21 -21.32 31.76
CA GLN A 112 -27.09 -22.52 31.65
C GLN A 112 -27.74 -22.53 30.27
N ILE A 113 -28.03 -21.37 29.74
CA ILE A 113 -28.66 -21.27 28.40
C ILE A 113 -27.70 -21.82 27.34
N ALA A 114 -26.42 -21.50 27.46
CA ALA A 114 -25.44 -22.02 26.47
C ALA A 114 -25.36 -23.53 26.55
N TYR A 115 -25.71 -24.10 27.68
CA TYR A 115 -25.67 -25.58 27.83
C TYR A 115 -26.97 -26.20 27.31
N ALA A 116 -28.08 -25.55 27.51
CA ALA A 116 -29.38 -26.11 27.04
C ALA A 116 -29.59 -25.77 25.56
N MET A 117 -29.09 -24.65 25.11
CA MET A 117 -29.26 -24.28 23.68
C MET A 117 -28.22 -25.01 22.83
N GLN A 118 -27.10 -25.31 23.40
CA GLN A 118 -26.04 -26.02 22.64
C GLN A 118 -26.39 -27.51 22.52
N MET A 119 -26.84 -28.11 23.60
CA MET A 119 -27.20 -29.56 23.56
C MET A 119 -28.41 -29.76 22.65
N SER A 120 -29.27 -28.78 22.56
CA SER A 120 -30.48 -28.91 21.69
C SER A 120 -30.11 -28.61 20.23
N LEU A 121 -29.03 -27.92 20.01
CA LEU A 121 -28.62 -27.60 18.62
C LEU A 121 -27.95 -28.80 17.96
N GLN A 122 -28.66 -29.90 17.86
CA GLN A 122 -28.07 -31.12 17.23
C GLN A 122 -29.17 -32.05 16.73
N GLY A 123 -29.87 -32.70 17.64
CA GLY A 123 -30.96 -33.62 17.22
C GLY A 123 -31.62 -34.23 18.46
N ALA A 124 -31.75 -33.45 19.50
CA ALA A 124 -32.39 -33.98 20.75
C ALA A 124 -33.73 -33.29 20.99
N GLU A 125 -34.77 -33.74 20.34
CA GLU A 125 -36.10 -33.11 20.54
C GLU A 125 -37.16 -34.18 20.81
N PHE A 126 -37.35 -34.54 22.05
CA PHE A 126 -38.37 -35.58 22.38
C PHE A 126 -39.78 -34.98 22.34
N GLY A 127 -39.99 -33.89 23.03
CA GLY A 127 -41.33 -33.26 23.04
C GLY A 127 -42.32 -34.15 23.80
N GLN A 128 -42.03 -34.42 25.05
CA GLN A 128 -42.95 -35.27 25.85
C GLN A 128 -43.96 -34.41 26.62
N ALA A 129 -44.79 -33.68 25.91
CA ALA A 129 -45.79 -32.81 26.60
C ALA A 129 -47.22 -33.29 26.28
N GLU A 130 -47.60 -33.23 25.03
CA GLU A 130 -48.97 -33.68 24.65
C GLU A 130 -49.09 -35.19 24.81
N SER A 131 -48.05 -35.93 24.50
CA SER A 131 -48.11 -37.41 24.65
C SER A 131 -47.11 -37.88 25.72
N ALA A 132 -47.26 -39.08 26.20
CA ALA A 132 -46.33 -39.60 27.23
C ALA A 132 -46.37 -41.14 27.27
N HIS A 21 34.91 -16.47 -5.87
CA HIS A 21 34.16 -16.66 -4.59
C HIS A 21 32.70 -16.98 -4.88
N MET A 22 32.43 -17.67 -5.97
CA MET A 22 31.02 -18.00 -6.31
C MET A 22 30.99 -19.04 -7.45
N LEU A 23 29.84 -19.27 -8.02
CA LEU A 23 29.74 -20.25 -9.14
C LEU A 23 29.47 -19.49 -10.45
N GLY A 24 29.81 -18.23 -10.48
CA GLY A 24 29.57 -17.43 -11.71
C GLY A 24 30.91 -17.20 -12.43
N LEU A 25 31.67 -18.24 -12.64
CA LEU A 25 32.98 -18.08 -13.34
C LEU A 25 32.76 -17.85 -14.84
N GLY A 26 32.11 -16.78 -15.20
CA GLY A 26 31.86 -16.51 -16.64
C GLY A 26 31.30 -15.08 -16.80
N ALA A 27 32.16 -14.09 -16.73
CA ALA A 27 31.68 -12.69 -16.88
C ALA A 27 31.08 -12.48 -18.27
N SER A 28 31.90 -12.45 -19.29
CA SER A 28 31.37 -12.25 -20.67
C SER A 28 30.94 -13.59 -21.27
N ASP A 29 31.52 -14.68 -20.81
CA ASP A 29 31.16 -16.02 -21.36
C ASP A 29 29.67 -16.31 -21.10
N PHE A 30 29.18 -15.93 -19.95
CA PHE A 30 27.73 -16.18 -19.65
C PHE A 30 26.90 -14.94 -19.95
N GLU A 31 26.59 -14.71 -21.19
CA GLU A 31 25.77 -13.51 -21.55
C GLU A 31 24.27 -13.83 -21.45
N PHE A 32 23.75 -13.83 -20.25
CA PHE A 32 22.30 -14.14 -20.07
C PHE A 32 21.78 -13.46 -18.81
N GLY A 33 22.44 -13.67 -17.69
CA GLY A 33 21.98 -13.03 -16.43
C GLY A 33 23.01 -11.99 -15.98
N VAL A 34 23.69 -11.38 -16.92
CA VAL A 34 24.71 -10.35 -16.55
C VAL A 34 24.47 -9.06 -17.36
N ASP A 35 24.10 -9.18 -18.59
CA ASP A 35 23.86 -7.97 -19.42
C ASP A 35 22.48 -8.06 -20.11
N PRO A 36 21.82 -6.94 -20.21
CA PRO A 36 20.48 -6.91 -20.86
C PRO A 36 20.61 -7.12 -22.36
N SER A 37 21.79 -6.99 -22.90
CA SER A 37 21.97 -7.19 -24.37
C SER A 37 21.62 -8.64 -24.75
N ALA A 38 21.58 -9.52 -23.79
CA ALA A 38 21.26 -10.96 -24.11
C ALA A 38 19.89 -11.04 -24.79
N ASP A 39 18.95 -10.25 -24.38
CA ASP A 39 17.59 -10.29 -25.00
C ASP A 39 16.76 -9.10 -24.53
N PRO A 40 16.34 -8.30 -25.47
CA PRO A 40 15.52 -7.11 -25.14
C PRO A 40 14.09 -7.53 -24.79
N GLU A 41 13.59 -8.55 -25.43
CA GLU A 41 12.19 -9.00 -25.13
C GLU A 41 12.09 -9.44 -23.67
N LEU A 42 13.10 -10.10 -23.16
CA LEU A 42 13.06 -10.56 -21.75
C LEU A 42 13.23 -9.36 -20.80
N ALA A 43 13.96 -8.36 -21.23
CA ALA A 43 14.17 -7.17 -20.36
C ALA A 43 12.82 -6.47 -20.09
N LEU A 44 12.12 -6.11 -21.13
CA LEU A 44 10.80 -5.44 -20.94
C LEU A 44 9.82 -6.37 -20.23
N ALA A 45 9.91 -7.65 -20.51
CA ALA A 45 8.98 -8.62 -19.87
C ALA A 45 9.13 -8.55 -18.34
N LEU A 46 10.34 -8.61 -17.85
CA LEU A 46 10.55 -8.54 -16.38
C LEU A 46 10.07 -7.18 -15.85
N ARG A 47 10.07 -6.18 -16.67
CA ARG A 47 9.61 -4.84 -16.21
C ARG A 47 8.08 -4.77 -16.28
N VAL A 48 7.48 -5.56 -17.13
CA VAL A 48 6.00 -5.55 -17.23
C VAL A 48 5.38 -6.32 -16.06
N SER A 49 5.99 -7.42 -15.68
CA SER A 49 5.46 -8.22 -14.54
C SER A 49 5.67 -7.46 -13.23
N MET A 50 6.83 -6.89 -13.06
CA MET A 50 7.11 -6.14 -11.79
C MET A 50 6.14 -4.95 -11.67
N GLU A 51 5.83 -4.32 -12.76
CA GLU A 51 4.90 -3.15 -12.72
C GLU A 51 3.51 -3.63 -12.25
N GLU A 52 3.09 -4.78 -12.69
CA GLU A 52 1.76 -5.29 -12.26
C GLU A 52 1.73 -5.48 -10.75
N GLN A 53 2.79 -5.99 -10.18
CA GLN A 53 2.82 -6.20 -8.71
C GLN A 53 2.67 -4.86 -7.98
N ARG A 54 3.27 -3.82 -8.50
CA ARG A 54 3.16 -2.49 -7.84
C ARG A 54 1.74 -1.95 -8.00
N GLN A 55 1.11 -2.23 -9.12
CA GLN A 55 -0.28 -1.73 -9.34
C GLN A 55 -1.20 -2.28 -8.25
N ARG A 56 -0.99 -3.49 -7.84
CA ARG A 56 -1.85 -4.08 -6.77
C ARG A 56 -1.52 -3.45 -5.42
N GLN A 57 -0.26 -3.18 -5.17
CA GLN A 57 0.14 -2.57 -3.88
C GLN A 57 -0.29 -1.10 -3.84
N GLU A 58 -0.55 -0.51 -4.97
CA GLU A 58 -0.98 0.92 -5.01
C GLU A 58 -2.49 0.99 -4.77
N GLU A 59 -3.26 0.31 -5.57
CA GLU A 59 -4.75 0.34 -5.38
C GLU A 59 -5.06 -0.06 -3.93
N GLU A 60 -4.26 -0.90 -3.36
CA GLU A 60 -4.47 -1.33 -1.95
C GLU A 60 -3.85 -0.31 -1.01
N ALA A 61 -2.73 0.26 -1.38
CA ALA A 61 -2.07 1.28 -0.50
C ALA A 61 -2.91 2.56 -0.47
N ARG A 62 -3.19 3.12 -1.62
CA ARG A 62 -4.01 4.36 -1.67
C ARG A 62 -5.39 4.13 -1.04
N ARG A 63 -5.93 2.94 -1.22
CA ARG A 63 -7.26 2.64 -0.62
C ARG A 63 -7.22 2.83 0.90
N ALA A 64 -6.23 2.28 1.54
CA ALA A 64 -6.12 2.42 3.02
C ALA A 64 -5.60 3.81 3.37
N ALA A 65 -4.82 4.40 2.51
CA ALA A 65 -4.28 5.76 2.80
C ALA A 65 -5.41 6.79 2.76
N ALA A 66 -6.41 6.56 1.95
CA ALA A 66 -7.54 7.52 1.88
C ALA A 66 -8.50 7.30 3.04
N ALA A 67 -8.73 6.07 3.41
CA ALA A 67 -9.66 5.77 4.53
C ALA A 67 -9.06 6.27 5.85
N SER A 68 -7.76 6.29 5.95
CA SER A 68 -7.11 6.76 7.21
C SER A 68 -6.91 8.28 7.18
N ALA A 69 -6.60 8.82 6.02
CA ALA A 69 -6.41 10.30 5.92
C ALA A 69 -7.71 11.03 6.27
N ALA A 70 -8.82 10.39 6.10
CA ALA A 70 -10.12 11.04 6.42
C ALA A 70 -10.72 10.46 7.72
N GLU A 71 -9.90 9.80 8.50
CA GLU A 71 -10.42 9.21 9.77
C GLU A 71 -10.10 10.14 10.94
N ALA A 72 -9.03 10.87 10.86
CA ALA A 72 -8.66 11.80 11.96
C ALA A 72 -8.05 13.09 11.39
N GLY A 73 -8.25 13.35 10.12
CA GLY A 73 -7.68 14.59 9.51
C GLY A 73 -8.82 15.56 9.18
N ILE A 74 -9.85 15.08 8.54
CA ILE A 74 -10.99 15.98 8.17
C ILE A 74 -12.31 15.19 8.18
N ALA A 75 -13.07 15.23 7.12
CA ALA A 75 -14.37 14.48 7.07
C ALA A 75 -15.37 15.09 8.06
N THR A 76 -15.14 14.93 9.34
CA THR A 76 -16.09 15.49 10.34
C THR A 76 -16.05 17.02 10.30
N THR A 77 -16.72 17.62 9.34
CA THR A 77 -16.72 19.10 9.24
C THR A 77 -18.11 19.60 8.84
N GLY A 78 -18.27 20.90 8.70
CA GLY A 78 -19.60 21.45 8.31
C GLY A 78 -19.42 22.49 7.21
N THR A 79 -18.56 22.22 6.26
CA THR A 79 -18.33 23.18 5.15
C THR A 79 -19.33 22.94 4.02
N GLU A 80 -20.59 23.16 4.27
CA GLU A 80 -21.62 22.93 3.21
C GLU A 80 -22.14 24.28 2.69
N ASP A 81 -21.27 25.23 2.48
CA ASP A 81 -21.71 26.56 1.97
C ASP A 81 -21.68 26.58 0.45
N SER A 82 -20.76 25.88 -0.15
CA SER A 82 -20.67 25.85 -1.64
C SER A 82 -20.90 24.44 -2.16
N ASP A 83 -22.14 24.07 -2.37
CA ASP A 83 -22.44 22.69 -2.87
C ASP A 83 -21.76 22.48 -4.23
N ASP A 84 -21.61 23.51 -5.01
CA ASP A 84 -20.94 23.36 -6.33
C ASP A 84 -19.45 23.23 -6.13
N ALA A 85 -18.93 23.81 -5.07
CA ALA A 85 -17.47 23.70 -4.82
C ALA A 85 -17.11 22.23 -4.59
N LEU A 86 -17.95 21.53 -3.86
CA LEU A 86 -17.69 20.09 -3.62
C LEU A 86 -17.82 19.34 -4.95
N LEU A 87 -18.67 19.83 -5.82
CA LEU A 87 -18.85 19.18 -7.14
C LEU A 87 -17.65 19.48 -8.04
N LYS A 88 -17.19 20.71 -8.02
CA LYS A 88 -16.02 21.08 -8.88
C LYS A 88 -14.73 20.57 -8.23
N MET A 89 -14.49 20.90 -6.99
CA MET A 89 -13.25 20.44 -6.31
C MET A 89 -13.05 18.93 -6.51
N THR A 90 -14.11 18.17 -6.47
CA THR A 90 -13.98 16.69 -6.67
C THR A 90 -13.62 16.37 -8.11
N ILE A 91 -14.24 17.03 -9.07
CA ILE A 91 -13.92 16.74 -10.49
C ILE A 91 -12.68 17.52 -10.92
N SER A 92 -12.24 18.47 -10.13
CA SER A 92 -11.03 19.27 -10.50
C SER A 92 -9.77 18.43 -10.22
N GLN A 93 -9.68 17.83 -9.06
CA GLN A 93 -8.49 17.01 -8.73
C GLN A 93 -8.59 15.63 -9.41
N GLN A 94 -9.79 15.21 -9.71
CA GLN A 94 -9.96 13.88 -10.38
C GLN A 94 -9.76 14.01 -11.89
N GLU A 95 -10.40 14.98 -12.50
CA GLU A 95 -10.26 15.15 -13.98
C GLU A 95 -8.80 15.47 -14.33
N PHE A 96 -8.16 16.32 -13.57
CA PHE A 96 -6.74 16.66 -13.86
C PHE A 96 -5.81 15.81 -12.99
N GLY A 97 -5.46 14.64 -13.46
CA GLY A 97 -4.55 13.76 -12.67
C GLY A 97 -3.26 13.53 -13.45
N ARG A 98 -3.36 13.08 -14.67
CA ARG A 98 -2.12 12.84 -15.49
C ARG A 98 -1.50 14.17 -15.92
N THR A 99 -0.40 14.53 -15.33
CA THR A 99 0.26 15.83 -15.70
C THR A 99 1.77 15.75 -15.44
N GLY A 100 2.17 15.14 -14.35
CA GLY A 100 3.62 15.03 -14.04
C GLY A 100 4.37 14.43 -15.24
N LEU A 101 3.70 13.63 -16.02
CA LEU A 101 4.36 13.02 -17.21
C LEU A 101 3.40 13.02 -18.40
N PRO A 102 3.49 14.04 -19.20
CA PRO A 102 2.60 14.17 -20.40
C PRO A 102 3.02 13.15 -21.47
N ASP A 103 2.12 12.29 -21.87
CA ASP A 103 2.48 11.29 -22.93
C ASP A 103 2.51 11.95 -24.30
N LEU A 104 3.64 11.90 -24.96
CA LEU A 104 3.75 12.53 -26.31
C LEU A 104 3.10 11.62 -27.36
N SER A 105 3.12 10.33 -27.15
CA SER A 105 2.50 9.41 -28.14
C SER A 105 0.99 9.60 -28.18
N SER A 106 0.41 10.05 -27.10
CA SER A 106 -1.07 10.27 -27.07
C SER A 106 -1.40 11.74 -27.33
N MET A 107 -0.63 12.38 -28.18
CA MET A 107 -0.89 13.82 -28.47
C MET A 107 -1.06 14.03 -29.98
N THR A 108 -2.04 14.79 -30.38
CA THR A 108 -2.26 15.03 -31.84
C THR A 108 -1.14 15.92 -32.41
N GLU A 109 -1.13 16.10 -33.71
CA GLU A 109 -0.07 16.96 -34.32
C GLU A 109 -0.12 18.36 -33.72
N GLU A 110 -1.28 18.86 -33.40
CA GLU A 110 -1.40 20.22 -32.81
C GLU A 110 -1.07 20.18 -31.32
N GLU A 111 -1.40 19.10 -30.65
CA GLU A 111 -1.11 18.99 -29.19
C GLU A 111 0.39 19.21 -28.94
N GLN A 112 1.22 18.35 -29.47
CA GLN A 112 2.70 18.51 -29.28
C GLN A 112 3.14 19.86 -29.86
N ILE A 113 2.45 20.33 -30.86
CA ILE A 113 2.81 21.65 -31.47
C ILE A 113 2.58 22.77 -30.45
N ALA A 114 1.45 22.75 -29.79
CA ALA A 114 1.17 23.80 -28.77
C ALA A 114 2.27 23.81 -27.71
N TYR A 115 2.75 22.65 -27.36
CA TYR A 115 3.84 22.57 -26.33
C TYR A 115 5.19 22.81 -27.00
N ALA A 116 5.31 22.51 -28.27
CA ALA A 116 6.60 22.72 -28.98
C ALA A 116 6.81 24.21 -29.26
N MET A 117 5.76 24.92 -29.59
CA MET A 117 5.89 26.37 -29.88
C MET A 117 5.91 27.14 -28.56
N GLN A 118 5.39 26.56 -27.51
CA GLN A 118 5.39 27.27 -26.19
C GLN A 118 6.79 27.22 -25.57
N MET A 119 7.43 26.08 -25.61
CA MET A 119 8.80 25.96 -25.02
C MET A 119 9.79 26.73 -25.89
N SER A 120 9.57 26.79 -27.17
CA SER A 120 10.51 27.54 -28.06
C SER A 120 10.47 29.03 -27.74
N LEU A 121 9.30 29.60 -27.69
CA LEU A 121 9.19 31.06 -27.38
C LEU A 121 9.52 31.34 -25.91
N GLN A 122 9.46 30.32 -25.08
CA GLN A 122 9.78 30.52 -23.64
C GLN A 122 11.19 31.09 -23.47
N GLY A 123 12.18 30.34 -23.88
CA GLY A 123 13.58 30.84 -23.75
C GLY A 123 14.50 29.68 -23.35
N ALA A 124 15.66 29.58 -23.95
CA ALA A 124 16.59 28.47 -23.61
C ALA A 124 18.00 28.78 -24.14
N GLU A 125 18.86 29.29 -23.30
CA GLU A 125 20.24 29.60 -23.77
C GLU A 125 21.27 28.79 -22.99
N PHE A 126 21.34 27.51 -23.23
CA PHE A 126 22.32 26.66 -22.50
C PHE A 126 22.95 25.63 -23.44
N GLY A 127 24.18 25.84 -23.83
CA GLY A 127 24.85 24.88 -24.75
C GLY A 127 26.30 25.30 -24.96
N GLN A 128 26.95 25.75 -23.91
CA GLN A 128 28.38 26.17 -24.04
C GLN A 128 29.14 25.84 -22.76
N ALA A 129 29.93 24.81 -22.78
CA ALA A 129 30.72 24.44 -21.55
C ALA A 129 32.21 24.42 -21.87
N GLU A 130 32.65 25.24 -22.78
CA GLU A 130 34.09 25.29 -23.14
C GLU A 130 34.88 26.00 -22.04
N SER A 131 34.27 26.97 -21.39
CA SER A 131 34.98 27.71 -20.31
C SER A 131 33.98 28.23 -19.28
N ALA A 132 34.45 28.97 -18.31
CA ALA A 132 33.52 29.51 -17.27
C ALA A 132 34.10 30.80 -16.67
#